data_8AM0
#
_entry.id   8AM0
#
_cell.length_a   99.81
_cell.length_b   107.68
_cell.length_c   136.3
_cell.angle_alpha   90
_cell.angle_beta   90
_cell.angle_gamma   90
#
_symmetry.space_group_name_H-M   'P 21 21 21'
#
loop_
_entity.id
_entity.type
_entity.pdbx_description
1 polymer 'Phosphatidylinositol 4,5-bisphosphate 3-kinase catalytic subunit alpha isoform'
2 polymer 'Isoform 3 of Phosphatidylinositol 3-kinase regulatory subunit alpha'
3 non-polymer (2R)-2-[[2-[(4S)-4-[bis(fluoranyl)methyl]-2-oxidanylidene-1,3-oxazolidin-3-yl]-5,6-dihydroimidazo[1,2-d][1,4]benzoxazepin-9-yl]amino]propanamide
4 non-polymer 1,2-ETHANEDIOL
5 non-polymer 'TRIETHYLENE GLYCOL'
6 non-polymer 'CHLORIDE ION'
7 water water
#
loop_
_entity_poly.entity_id
_entity_poly.type
_entity_poly.pdbx_seq_one_letter_code
_entity_poly.pdbx_strand_id
1 'polypeptide(L)'
;MPPRPSSGELWGIHLMPPRILVECLLPNGMIVTLECLREATLITIKHELFKEARKYPLHQLLQDESSYIFVSVTQEAERE
EFFDETRRLCDLRLFQPFLKVIEPVGNREEKILNREIGFAIGMPVCEFDMVKDPEVQDFRRNILNVCKEAVDLRDLNSPH
SRAMYVYPPNVESSPELPKHIYNKLDKGQIIVVIWVIVSPNNDKQKYTLKINHDCVPEQVIAEAIRKKTRSMLLSSEQLK
LCVLEYQGKYILKVCGCDEYFLEKYPLSQYKYIRSCIMLGRMPNLMLMAKESLYSQLPMDCFTMPSYSRRISTATPYMNG
ETSTKSLWVINSALRIKILCATYVNVNIRDIDKIYVRTGIYHGGEPLCDNVNTQRVPCSNPRWNEWLNYDIYIPDLPRAA
RLCLSICSVKGRKGAKEEHCPLAWGNINLFDYTDTLVSGKMALNLWPVPHGLEDLLNPIGVTGSNPNKETPCLELEFDWF
SSVVKFPDMSVIEEHANWSVSREAGFSYSHAGLSNRLARDNELRENDKEQLKAISTRDPLSEITEQEKDFLWSHRHYCVT
IPEILPKLLLSVKWNSRDEVAQMYCLVKDWPPIKPEQAMELLDCNYPDPMVRGFAVRCLEKYLTDDKLSQYLIQLVQVLK
YEQYLDNLLVRFLLKKALTNQRIGHFFFWHLKSEMHNKTVSQRFGLLLESYCRACGMYLKHLNRQVEAMEKLINLTDILK
QEKKDETQKVQMKFLVEQMRRPDFMDALQGFLSPLNPAHQLGNLRLEECRIMSSAKRPLWLNWENPDIMSELLFQNNEII
FKNGDDLRQDMLTLQIIRIMENIWQNQGLDLRMLPYGCLSIGDCVGLIEVVRNSHTIMQIQCKGGLKGALQFNSHTLHQW
LKDKNKGEIYDAAIDLFTRSCAGYCVATFILGIGDRHNSNIMVKDDGQLFHIDFGHFLDHKKKKFGYKRERVPFVLTQDF
LIVISKGAQECTKTREFERFQEMCYKAYLAIRQHANLFINLFSMMLGSGMPELQSFDDIAYIRKTLALDKTEQEALEYFM
KQMNDAHHGGWTTKMDWIFHEIKQHALN
;
A
2 'polypeptide(L)'
;MHHHHHHPPKPPKPTTVANNGMNNNMSLQDAEWYWGDISREEVNEKLRDTADGTFLVRDASTKMHGDYTLTLRKGGNNKL
IKIFHRDGKYGFSDPLTFSSVVELINHYRNESLAQYNPKLDVKLLYPVSKYQQDQVVKEDNIEAVGKKLHEYNTQFQEKS
REYDRLYEEYTRTSQEIQMKRTAIEAFNETIKIFEEQCQTQERYSKEYIEKFKREGNEKEIQRIMHNYDKLKSRISEIID
SRRRLEEDLKKQAAEYREIDKRMNSIKPDLIQLRKTRDQYLMWLTQKGVRQKK
;
B
#
loop_
_chem_comp.id
_chem_comp.type
_chem_comp.name
_chem_comp.formula
CL non-polymer 'CHLORIDE ION' 'Cl -1'
EDO non-polymer 1,2-ETHANEDIOL 'C2 H6 O2'
MWF non-polymer (2R)-2-[[2-[(4S)-4-[bis(fluoranyl)methyl]-2-oxidanylidene-1,3-oxazolidin-3-yl]-5,6-dihydroimidazo[1,2-d][1,4]benzoxazepin-9-yl]amino]propanamide 'C18 H19 F2 N5 O4'
PGE non-polymer 'TRIETHYLENE GLYCOL' 'C6 H14 O4'
#
# COMPACT_ATOMS: atom_id res chain seq x y z
N PRO A 2 11.85 20.05 -0.13
CA PRO A 2 11.72 18.60 -0.39
C PRO A 2 11.89 17.75 0.88
N PRO A 3 11.44 16.47 0.92
CA PRO A 3 11.65 15.65 2.14
C PRO A 3 13.13 15.43 2.49
N ARG A 4 13.42 14.97 3.72
CA ARG A 4 14.80 14.80 4.15
C ARG A 4 15.55 13.72 3.31
N PRO A 5 16.88 13.84 3.02
CA PRO A 5 17.53 12.80 2.20
C PRO A 5 17.74 11.47 2.95
N SER A 6 18.26 11.54 4.18
CA SER A 6 18.51 10.36 5.01
C SER A 6 18.45 10.75 6.50
N SER A 7 18.33 9.75 7.38
CA SER A 7 18.23 9.99 8.83
C SER A 7 19.55 10.38 9.54
N GLY A 8 20.54 10.87 8.81
CA GLY A 8 21.81 11.27 9.38
C GLY A 8 21.72 12.53 10.23
N GLU A 9 22.75 12.80 11.02
CA GLU A 9 22.80 13.97 11.90
C GLU A 9 23.25 15.24 11.16
N LEU A 10 24.02 15.10 10.07
CA LEU A 10 24.48 16.20 9.23
C LEU A 10 24.63 15.72 7.76
N TRP A 11 24.74 16.65 6.79
CA TRP A 11 24.90 16.29 5.40
C TRP A 11 26.25 15.60 5.15
N GLY A 12 26.21 14.40 4.59
CA GLY A 12 27.41 13.62 4.30
C GLY A 12 28.12 13.06 5.51
N ILE A 13 27.46 13.08 6.69
CA ILE A 13 28.01 12.58 7.95
C ILE A 13 26.88 11.83 8.68
N HIS A 14 27.09 10.55 9.02
CA HIS A 14 26.08 9.76 9.71
C HIS A 14 25.93 10.16 11.18
N LEU A 15 27.06 10.27 11.92
CA LEU A 15 27.06 10.65 13.33
C LEU A 15 28.07 11.76 13.58
N MET A 16 27.69 12.75 14.39
CA MET A 16 28.61 13.82 14.75
C MET A 16 29.69 13.26 15.70
N PRO A 17 30.94 13.79 15.74
CA PRO A 17 31.90 13.27 16.73
C PRO A 17 31.53 13.70 18.17
N PRO A 18 32.12 13.14 19.26
CA PRO A 18 31.73 13.58 20.62
C PRO A 18 31.64 15.09 20.82
N ARG A 19 32.61 15.84 20.25
CA ARG A 19 32.63 17.30 20.29
C ARG A 19 32.60 17.84 18.86
N ILE A 20 31.82 18.90 18.61
CA ILE A 20 31.70 19.49 17.27
C ILE A 20 31.60 21.01 17.36
N LEU A 21 32.25 21.73 16.43
CA LEU A 21 32.25 23.19 16.40
C LEU A 21 31.00 23.67 15.68
N VAL A 22 30.18 24.51 16.35
CA VAL A 22 28.94 25.05 15.79
C VAL A 22 29.13 26.55 15.54
N GLU A 23 28.96 27.00 14.28
CA GLU A 23 29.13 28.41 13.92
C GLU A 23 27.89 29.21 14.31
N CYS A 24 27.81 29.65 15.56
CA CYS A 24 26.67 30.42 16.06
C CYS A 24 26.73 31.86 15.54
N LEU A 25 25.63 32.37 14.97
CA LEU A 25 25.55 33.73 14.45
C LEU A 25 24.66 34.57 15.37
N LEU A 26 25.24 35.56 16.06
CA LEU A 26 24.49 36.41 16.99
C LEU A 26 23.68 37.52 16.27
N PRO A 27 22.68 38.20 16.91
CA PRO A 27 21.94 39.26 16.20
C PRO A 27 22.73 40.55 15.95
N ASN A 28 23.87 40.75 16.63
CA ASN A 28 24.70 41.95 16.46
C ASN A 28 25.72 41.83 15.29
N GLY A 29 25.53 40.87 14.38
CA GLY A 29 26.41 40.65 13.25
C GLY A 29 27.70 39.89 13.54
N MET A 30 27.89 39.40 14.78
CA MET A 30 29.10 38.66 15.15
C MET A 30 28.95 37.15 14.91
N ILE A 31 30.09 36.44 14.79
CA ILE A 31 30.15 34.99 14.57
C ILE A 31 31.01 34.36 15.68
N VAL A 32 30.43 33.41 16.45
CA VAL A 32 31.13 32.73 17.54
C VAL A 32 31.19 31.23 17.25
N THR A 33 32.40 30.64 17.24
CA THR A 33 32.60 29.22 17.00
C THR A 33 32.64 28.51 18.35
N LEU A 34 31.46 28.10 18.86
CA LEU A 34 31.36 27.44 20.16
C LEU A 34 31.48 25.92 20.02
N GLU A 35 32.33 25.29 20.85
CA GLU A 35 32.50 23.84 20.84
C GLU A 35 31.35 23.22 21.62
N CYS A 36 30.40 22.58 20.92
CA CYS A 36 29.23 21.94 21.53
C CYS A 36 29.36 20.43 21.50
N LEU A 37 28.86 19.75 22.55
CA LEU A 37 28.87 18.29 22.59
C LEU A 37 27.75 17.76 21.69
N ARG A 38 27.91 16.54 21.16
CA ARG A 38 26.94 15.90 20.27
C ARG A 38 25.51 15.88 20.85
N GLU A 39 25.34 15.45 22.10
CA GLU A 39 24.03 15.31 22.73
C GLU A 39 23.77 16.39 23.81
N ALA A 40 23.99 17.66 23.45
CA ALA A 40 23.76 18.80 24.34
C ALA A 40 22.45 19.49 23.98
N THR A 41 21.67 19.91 24.98
CA THR A 41 20.39 20.60 24.75
C THR A 41 20.64 22.04 24.29
N LEU A 42 19.67 22.62 23.58
CA LEU A 42 19.79 23.99 23.07
C LEU A 42 19.83 25.03 24.20
N ILE A 43 19.21 24.75 25.36
CA ILE A 43 19.26 25.67 26.52
C ILE A 43 20.71 25.74 27.06
N THR A 44 21.46 24.62 27.03
CA THR A 44 22.85 24.58 27.49
C THR A 44 23.76 25.27 26.47
N ILE A 45 23.50 25.07 25.16
CA ILE A 45 24.28 25.70 24.09
C ILE A 45 24.07 27.21 24.15
N LYS A 46 22.83 27.67 24.33
CA LYS A 46 22.51 29.10 24.43
C LYS A 46 23.21 29.74 25.63
N HIS A 47 23.16 29.09 26.79
CA HIS A 47 23.79 29.61 28.01
C HIS A 47 25.30 29.77 27.85
N GLU A 48 25.98 28.79 27.21
CA GLU A 48 27.42 28.86 26.98
C GLU A 48 27.77 29.87 25.86
N LEU A 49 26.88 30.05 24.86
CA LEU A 49 27.11 30.98 23.76
C LEU A 49 27.14 32.43 24.27
N PHE A 50 26.13 32.84 25.06
CA PHE A 50 26.08 34.21 25.58
C PHE A 50 27.20 34.53 26.58
N LYS A 51 27.81 33.51 27.21
CA LYS A 51 28.96 33.74 28.09
C LYS A 51 30.16 34.16 27.22
N GLU A 52 30.38 33.45 26.09
CA GLU A 52 31.47 33.76 25.17
C GLU A 52 31.19 35.05 24.38
N ALA A 53 29.91 35.38 24.13
CA ALA A 53 29.51 36.58 23.39
C ALA A 53 30.03 37.88 24.03
N ARG A 54 30.19 37.92 25.36
CA ARG A 54 30.73 39.10 26.05
C ARG A 54 32.18 39.38 25.64
N LYS A 55 32.96 38.34 25.30
CA LYS A 55 34.34 38.51 24.87
C LYS A 55 34.40 39.13 23.47
N TYR A 56 33.49 38.73 22.57
CA TYR A 56 33.44 39.26 21.20
C TYR A 56 32.97 40.75 21.16
N PRO A 57 33.23 41.53 20.08
CA PRO A 57 32.79 42.94 20.08
C PRO A 57 31.29 43.19 20.06
N LEU A 58 30.89 44.44 20.39
CA LEU A 58 29.50 44.92 20.41
C LEU A 58 28.56 44.06 21.27
N HIS A 59 29.05 43.56 22.42
CA HIS A 59 28.24 42.73 23.32
C HIS A 59 27.15 43.53 24.05
N GLN A 60 27.30 44.87 24.16
CA GLN A 60 26.29 45.71 24.82
C GLN A 60 24.93 45.71 24.10
N LEU A 61 24.91 45.58 22.77
CA LEU A 61 23.66 45.53 22.00
C LEU A 61 22.88 44.21 22.18
N LEU A 62 23.52 43.15 22.73
CA LEU A 62 22.85 41.87 22.91
C LEU A 62 21.91 41.94 24.11
N GLN A 63 20.70 41.39 23.97
CA GLN A 63 19.69 41.37 25.03
C GLN A 63 19.86 40.11 25.92
N ASP A 64 18.98 39.91 26.93
CA ASP A 64 19.04 38.73 27.80
C ASP A 64 18.87 37.46 26.98
N GLU A 65 19.63 36.40 27.32
CA GLU A 65 19.57 35.13 26.58
C GLU A 65 18.18 34.48 26.55
N SER A 66 17.33 34.72 27.56
CA SER A 66 15.98 34.16 27.61
C SER A 66 15.07 34.70 26.50
N SER A 67 15.27 35.95 26.06
CA SER A 67 14.44 36.56 25.01
C SER A 67 14.92 36.21 23.60
N TYR A 68 15.58 35.05 23.40
CA TYR A 68 16.08 34.63 22.08
C TYR A 68 15.91 33.13 21.87
N ILE A 69 15.75 32.70 20.60
CA ILE A 69 15.62 31.30 20.18
C ILE A 69 16.49 31.06 18.94
N PHE A 70 16.98 29.80 18.77
CA PHE A 70 17.83 29.46 17.63
C PHE A 70 17.02 29.11 16.38
N VAL A 71 17.58 29.41 15.19
CA VAL A 71 16.99 29.15 13.87
C VAL A 71 18.12 28.66 12.95
N SER A 72 17.90 27.58 12.18
CA SER A 72 18.93 27.06 11.27
C SER A 72 18.32 26.26 10.10
N VAL A 73 19.12 26.03 9.04
CA VAL A 73 18.67 25.29 7.86
C VAL A 73 18.72 23.79 8.16
N THR A 74 17.57 23.11 8.09
CA THR A 74 17.48 21.67 8.32
C THR A 74 17.76 20.91 7.00
N GLN A 75 17.91 19.58 7.06
CA GLN A 75 18.17 18.76 5.88
C GLN A 75 17.04 18.81 4.82
N GLU A 76 15.85 19.34 5.17
CA GLU A 76 14.73 19.49 4.23
C GLU A 76 14.71 20.90 3.59
N ALA A 77 15.89 21.61 3.55
CA ALA A 77 16.01 22.97 3.01
C ALA A 77 14.97 23.94 3.61
N GLU A 78 14.77 23.86 4.94
CA GLU A 78 13.80 24.68 5.66
C GLU A 78 14.50 25.49 6.74
N ARG A 79 14.07 26.75 6.92
CA ARG A 79 14.60 27.63 7.96
C ARG A 79 13.74 27.39 9.22
N GLU A 80 13.93 26.23 9.86
CA GLU A 80 13.15 25.83 11.03
C GLU A 80 13.52 26.64 12.28
N GLU A 81 12.50 27.13 13.01
CA GLU A 81 12.70 27.90 14.23
C GLU A 81 12.58 26.94 15.41
N PHE A 82 13.65 26.81 16.21
CA PHE A 82 13.69 25.89 17.35
C PHE A 82 13.11 26.49 18.63
N PHE A 83 11.79 26.38 18.81
CA PHE A 83 11.13 26.88 20.01
C PHE A 83 11.35 25.91 21.17
N ASP A 84 11.21 24.59 20.92
CA ASP A 84 11.43 23.57 21.95
C ASP A 84 12.93 23.47 22.20
N GLU A 85 13.43 24.24 23.19
CA GLU A 85 14.86 24.28 23.51
C GLU A 85 15.36 23.07 24.32
N THR A 86 14.48 22.10 24.66
CA THR A 86 14.89 20.88 25.38
C THR A 86 15.42 19.79 24.40
N ARG A 87 15.52 20.08 23.08
CA ARG A 87 15.99 19.12 22.09
C ARG A 87 17.51 19.09 22.04
N ARG A 88 18.10 17.92 21.77
CA ARG A 88 19.55 17.75 21.69
C ARG A 88 20.06 18.14 20.30
N LEU A 89 21.31 18.63 20.22
CA LEU A 89 21.96 19.07 18.96
C LEU A 89 21.90 18.02 17.85
N CYS A 90 22.16 16.74 18.19
CA CYS A 90 22.14 15.65 17.22
C CYS A 90 20.73 15.35 16.68
N ASP A 91 19.68 15.59 17.49
CA ASP A 91 18.30 15.32 17.09
C ASP A 91 17.61 16.49 16.36
N LEU A 92 18.37 17.53 15.95
CA LEU A 92 17.79 18.70 15.28
C LEU A 92 17.75 18.58 13.75
N ARG A 93 18.39 17.55 13.15
CA ARG A 93 18.40 17.31 11.70
C ARG A 93 19.02 18.50 10.95
N LEU A 94 20.16 19.02 11.43
CA LEU A 94 20.82 20.18 10.80
C LEU A 94 21.52 19.79 9.50
N PHE A 95 21.59 20.74 8.56
CA PHE A 95 22.28 20.53 7.29
C PHE A 95 23.78 20.78 7.49
N GLN A 96 24.13 21.91 8.13
CA GLN A 96 25.51 22.28 8.44
C GLN A 96 25.61 22.70 9.92
N PRO A 97 26.78 22.56 10.61
CA PRO A 97 26.85 22.94 12.02
C PRO A 97 26.90 24.46 12.26
N PHE A 98 25.73 25.09 12.32
CA PHE A 98 25.58 26.53 12.56
C PHE A 98 24.19 26.82 13.16
N LEU A 99 24.08 27.88 13.98
CA LEU A 99 22.81 28.25 14.62
C LEU A 99 22.66 29.78 14.69
N LYS A 100 21.66 30.34 13.97
CA LYS A 100 21.41 31.78 14.00
C LYS A 100 20.53 32.12 15.22
N VAL A 101 20.77 33.30 15.83
CA VAL A 101 20.04 33.75 17.02
C VAL A 101 19.16 34.95 16.69
N ILE A 102 17.82 34.81 16.80
CA ILE A 102 16.85 35.89 16.56
C ILE A 102 15.75 35.84 17.66
N GLU A 103 14.98 36.95 17.81
CA GLU A 103 13.88 36.98 18.78
C GLU A 103 12.69 36.14 18.26
N PRO A 104 11.83 35.50 19.11
CA PRO A 104 10.68 34.77 18.56
C PRO A 104 9.67 35.73 17.94
N VAL A 105 9.25 35.47 16.68
CA VAL A 105 8.29 36.33 15.95
C VAL A 105 7.14 35.50 15.38
N GLY A 106 6.00 36.18 15.14
CA GLY A 106 4.82 35.54 14.60
C GLY A 106 4.06 34.72 15.64
N ASN A 107 3.09 33.93 15.17
CA ASN A 107 2.29 33.08 16.06
C ASN A 107 3.14 31.89 16.51
N ARG A 108 3.57 31.90 17.78
CA ARG A 108 4.42 30.84 18.34
C ARG A 108 3.68 29.50 18.38
N GLU A 109 2.42 29.50 18.84
CA GLU A 109 1.59 28.30 18.94
C GLU A 109 1.41 27.61 17.57
N GLU A 110 1.17 28.40 16.51
CA GLU A 110 0.97 27.87 15.16
C GLU A 110 2.28 27.32 14.56
N LYS A 111 3.41 28.03 14.75
CA LYS A 111 4.70 27.58 14.23
C LYS A 111 5.17 26.28 14.89
N ILE A 112 4.86 26.09 16.19
CA ILE A 112 5.21 24.85 16.91
C ILE A 112 4.37 23.70 16.33
N LEU A 113 3.06 23.93 16.17
CA LEU A 113 2.15 22.91 15.62
C LEU A 113 2.52 22.53 14.18
N ASN A 114 2.88 23.50 13.32
CA ASN A 114 3.29 23.20 11.94
C ASN A 114 4.61 22.43 11.89
N ARG A 115 5.51 22.66 12.87
CA ARG A 115 6.77 21.91 12.96
C ARG A 115 6.45 20.46 13.33
N GLU A 116 5.54 20.26 14.31
CA GLU A 116 5.11 18.92 14.75
C GLU A 116 4.43 18.17 13.61
N ILE A 117 3.59 18.87 12.81
CA ILE A 117 2.89 18.26 11.67
C ILE A 117 3.95 17.87 10.61
N GLY A 118 4.84 18.80 10.28
CA GLY A 118 5.90 18.57 9.31
C GLY A 118 6.85 17.44 9.65
N PHE A 119 7.19 17.29 10.95
CA PHE A 119 8.07 16.22 11.41
C PHE A 119 7.41 14.86 11.20
N ALA A 120 6.10 14.77 11.48
CA ALA A 120 5.34 13.52 11.30
C ALA A 120 5.19 13.16 9.82
N ILE A 121 4.99 14.15 8.93
CA ILE A 121 4.85 13.90 7.49
C ILE A 121 6.19 13.44 6.90
N GLY A 122 7.25 14.19 7.21
CA GLY A 122 8.58 13.97 6.67
C GLY A 122 9.02 15.06 5.69
N MET A 123 8.19 16.13 5.51
CA MET A 123 8.49 17.27 4.64
C MET A 123 7.98 18.58 5.30
N PRO A 124 8.46 19.80 4.95
CA PRO A 124 7.92 21.01 5.58
C PRO A 124 6.49 21.34 5.13
N VAL A 125 5.71 21.97 6.01
CA VAL A 125 4.33 22.37 5.72
C VAL A 125 4.34 23.56 4.74
N CYS A 126 5.29 24.50 4.91
CA CYS A 126 5.43 25.68 4.04
C CYS A 126 5.53 25.35 2.54
N GLU A 127 5.95 24.14 2.15
CA GLU A 127 6.06 23.76 0.75
C GLU A 127 4.68 23.63 0.08
N PHE A 128 3.63 23.29 0.85
CA PHE A 128 2.28 23.20 0.30
C PHE A 128 1.73 24.61 -0.02
N ASP A 129 2.14 25.63 0.76
CA ASP A 129 1.73 27.02 0.50
C ASP A 129 2.34 27.54 -0.81
N MET A 130 3.53 27.04 -1.19
CA MET A 130 4.22 27.44 -2.42
C MET A 130 3.56 26.83 -3.69
N VAL A 131 2.70 25.81 -3.55
CA VAL A 131 2.06 25.15 -4.69
C VAL A 131 0.98 26.07 -5.29
N LYS A 132 1.13 26.43 -6.58
CA LYS A 132 0.19 27.32 -7.27
C LYS A 132 -1.08 26.61 -7.79
N ASP A 133 -1.09 25.27 -7.86
CA ASP A 133 -2.25 24.51 -8.36
C ASP A 133 -3.52 24.84 -7.55
N PRO A 134 -4.63 25.37 -8.16
CA PRO A 134 -5.83 25.67 -7.34
C PRO A 134 -6.45 24.47 -6.64
N GLU A 135 -6.37 23.27 -7.24
CA GLU A 135 -6.93 22.05 -6.63
C GLU A 135 -6.28 21.75 -5.28
N VAL A 136 -4.95 21.94 -5.18
CA VAL A 136 -4.21 21.69 -3.94
C VAL A 136 -4.64 22.70 -2.85
N GLN A 137 -4.76 23.99 -3.20
CA GLN A 137 -5.16 25.01 -2.23
C GLN A 137 -6.62 24.82 -1.80
N ASP A 138 -7.51 24.45 -2.73
CA ASP A 138 -8.91 24.19 -2.40
C ASP A 138 -9.06 22.93 -1.53
N PHE A 139 -8.24 21.89 -1.78
CA PHE A 139 -8.31 20.67 -0.96
C PHE A 139 -7.99 20.97 0.50
N ARG A 140 -6.96 21.78 0.75
CA ARG A 140 -6.55 22.15 2.12
C ARG A 140 -7.66 22.90 2.84
N ARG A 141 -8.35 23.81 2.14
CA ARG A 141 -9.42 24.63 2.72
C ARG A 141 -10.72 23.83 2.94
N ASN A 142 -11.18 23.07 1.92
CA ASN A 142 -12.43 22.31 2.00
C ASN A 142 -12.38 21.08 2.92
N ILE A 143 -11.23 20.38 3.02
CA ILE A 143 -11.14 19.19 3.88
C ILE A 143 -11.22 19.54 5.39
N LEU A 144 -11.10 20.83 5.77
CA LEU A 144 -11.16 21.23 7.17
C LEU A 144 -12.55 21.05 7.78
N ASN A 145 -13.62 20.94 6.97
CA ASN A 145 -14.95 20.71 7.51
C ASN A 145 -15.07 19.30 8.11
N VAL A 146 -14.39 18.30 7.50
CA VAL A 146 -14.36 16.93 8.02
C VAL A 146 -13.58 16.93 9.35
N CYS A 147 -12.46 17.66 9.41
CA CYS A 147 -11.64 17.81 10.61
C CYS A 147 -12.48 18.30 11.80
N LYS A 148 -13.20 19.44 11.66
CA LYS A 148 -14.02 19.96 12.76
C LYS A 148 -15.29 19.14 13.00
N GLU A 149 -15.80 18.41 11.98
CA GLU A 149 -16.98 17.56 12.13
C GLU A 149 -16.66 16.43 13.12
N ALA A 150 -15.48 15.81 12.99
CA ALA A 150 -15.05 14.73 13.88
C ALA A 150 -14.67 15.25 15.27
N VAL A 151 -13.98 16.39 15.36
CA VAL A 151 -13.55 16.96 16.64
C VAL A 151 -14.75 17.41 17.50
N ASP A 152 -15.81 17.95 16.89
CA ASP A 152 -17.00 18.38 17.66
C ASP A 152 -17.64 17.20 18.41
N LEU A 153 -17.80 16.04 17.75
CA LEU A 153 -18.37 14.86 18.41
C LEU A 153 -17.41 14.21 19.44
N ARG A 154 -16.09 14.47 19.33
CA ARG A 154 -15.10 13.94 20.27
C ARG A 154 -15.22 14.56 21.66
N ASP A 155 -15.67 15.82 21.76
CA ASP A 155 -15.84 16.51 23.04
C ASP A 155 -17.34 16.80 23.32
N LEU A 156 -18.26 15.98 22.79
CA LEU A 156 -19.70 16.17 23.00
C LEU A 156 -20.12 15.49 24.31
N ASN A 157 -19.82 14.18 24.46
CA ASN A 157 -20.14 13.42 25.67
C ASN A 157 -18.83 13.23 26.46
N SER A 158 -18.11 14.33 26.69
CA SER A 158 -16.83 14.30 27.40
C SER A 158 -17.08 13.99 28.89
N PRO A 159 -16.23 13.20 29.61
CA PRO A 159 -14.96 12.58 29.20
C PRO A 159 -15.06 11.21 28.51
N HIS A 160 -16.26 10.62 28.40
CA HIS A 160 -16.42 9.30 27.78
C HIS A 160 -16.07 9.28 26.29
N SER A 161 -16.51 10.29 25.53
CA SER A 161 -16.23 10.36 24.09
C SER A 161 -14.74 10.52 23.77
N ARG A 162 -13.97 11.17 24.67
CA ARG A 162 -12.52 11.35 24.47
C ARG A 162 -11.83 9.99 24.62
N ALA A 163 -12.24 9.20 25.62
CA ALA A 163 -11.68 7.87 25.86
C ALA A 163 -12.04 6.90 24.72
N MET A 164 -13.26 7.03 24.16
CA MET A 164 -13.67 6.19 23.04
C MET A 164 -12.78 6.38 21.81
N TYR A 165 -12.28 7.60 21.57
CA TYR A 165 -11.39 7.86 20.44
C TYR A 165 -9.99 7.28 20.70
N VAL A 166 -9.37 7.64 21.83
CA VAL A 166 -7.99 7.23 22.15
C VAL A 166 -7.89 5.70 22.32
N TYR A 167 -8.81 5.10 23.09
CA TYR A 167 -8.83 3.65 23.32
C TYR A 167 -10.16 3.07 22.80
N PRO A 168 -10.33 2.86 21.48
CA PRO A 168 -11.62 2.33 20.98
C PRO A 168 -11.84 0.84 21.31
N PRO A 169 -13.10 0.35 21.36
CA PRO A 169 -13.30 -1.07 21.69
C PRO A 169 -12.93 -2.00 20.53
N ASN A 170 -11.90 -2.83 20.72
CA ASN A 170 -11.47 -3.78 19.70
C ASN A 170 -12.48 -4.94 19.68
N VAL A 171 -13.49 -4.86 18.80
CA VAL A 171 -14.58 -5.85 18.71
C VAL A 171 -14.74 -6.46 17.33
N GLU A 172 -15.34 -7.65 17.26
CA GLU A 172 -15.62 -8.36 16.01
C GLU A 172 -16.82 -7.70 15.28
N SER A 173 -17.01 -8.03 14.00
CA SER A 173 -18.10 -7.48 13.20
C SER A 173 -19.50 -7.99 13.56
N SER A 174 -19.63 -9.10 14.32
CA SER A 174 -20.94 -9.65 14.68
C SER A 174 -20.91 -10.31 16.06
N PRO A 175 -21.94 -10.16 16.92
CA PRO A 175 -21.90 -10.83 18.24
C PRO A 175 -22.22 -12.32 18.20
N GLU A 176 -22.76 -12.85 17.07
CA GLU A 176 -23.09 -14.27 16.96
C GLU A 176 -21.78 -15.08 16.97
N LEU A 177 -21.76 -16.18 17.74
CA LEU A 177 -20.57 -17.03 17.87
C LEU A 177 -20.72 -18.30 17.03
N PRO A 178 -19.65 -18.83 16.38
CA PRO A 178 -19.79 -20.08 15.62
C PRO A 178 -19.99 -21.32 16.51
N LYS A 179 -20.27 -22.48 15.89
CA LYS A 179 -20.53 -23.72 16.63
C LYS A 179 -19.35 -24.21 17.49
N HIS A 180 -18.12 -24.18 16.97
CA HIS A 180 -16.95 -24.65 17.72
C HIS A 180 -16.59 -23.76 18.92
N ILE A 181 -16.87 -22.44 18.86
CA ILE A 181 -16.57 -21.51 19.95
C ILE A 181 -17.59 -21.69 21.09
N TYR A 182 -18.89 -21.79 20.76
CA TYR A 182 -19.94 -21.95 21.76
C TYR A 182 -19.80 -23.25 22.58
N ASN A 183 -19.38 -24.36 21.93
CA ASN A 183 -19.19 -25.63 22.64
C ASN A 183 -18.05 -25.58 23.66
N LYS A 184 -17.04 -24.73 23.44
CA LYS A 184 -15.93 -24.58 24.39
C LYS A 184 -16.36 -23.89 25.69
N LEU A 185 -17.42 -23.04 25.65
CA LEU A 185 -17.92 -22.36 26.84
C LEU A 185 -18.69 -23.37 27.69
N ASP A 186 -18.48 -23.38 29.01
CA ASP A 186 -19.16 -24.31 29.91
C ASP A 186 -20.64 -23.92 30.05
N LYS A 187 -21.51 -24.51 29.21
CA LYS A 187 -22.95 -24.25 29.17
C LYS A 187 -23.26 -22.76 28.99
N GLY A 188 -22.63 -22.15 28.00
CA GLY A 188 -22.80 -20.73 27.71
C GLY A 188 -22.27 -19.78 28.76
N GLN A 189 -21.16 -20.16 29.43
CA GLN A 189 -20.54 -19.34 30.48
C GLN A 189 -19.02 -19.29 30.31
N ILE A 190 -18.38 -18.24 30.87
CA ILE A 190 -16.93 -18.03 30.78
C ILE A 190 -16.33 -17.75 32.16
N ILE A 191 -15.16 -18.35 32.45
CA ILE A 191 -14.44 -18.18 33.71
C ILE A 191 -13.43 -17.05 33.47
N VAL A 192 -13.34 -16.06 34.38
CA VAL A 192 -12.45 -14.90 34.21
C VAL A 192 -11.87 -14.43 35.55
N VAL A 193 -10.56 -14.10 35.59
CA VAL A 193 -9.88 -13.60 36.79
C VAL A 193 -9.88 -12.09 36.74
N ILE A 194 -10.36 -11.43 37.80
CA ILE A 194 -10.40 -9.96 37.87
C ILE A 194 -9.27 -9.45 38.77
N TRP A 195 -8.13 -9.10 38.17
CA TRP A 195 -6.97 -8.57 38.90
C TRP A 195 -7.18 -7.09 39.21
N VAL A 196 -6.67 -6.62 40.36
CA VAL A 196 -6.83 -5.21 40.78
C VAL A 196 -5.74 -4.78 41.76
N ILE A 197 -5.19 -3.56 41.58
CA ILE A 197 -4.23 -2.98 42.53
C ILE A 197 -5.14 -2.39 43.61
N VAL A 198 -5.04 -2.89 44.86
CA VAL A 198 -5.92 -2.45 45.94
C VAL A 198 -5.22 -1.52 46.93
N SER A 199 -5.81 -0.34 47.17
CA SER A 199 -5.29 0.61 48.16
C SER A 199 -5.59 0.04 49.57
N PRO A 200 -4.81 0.34 50.64
CA PRO A 200 -3.66 1.25 50.74
C PRO A 200 -2.28 0.69 50.29
N ASN A 201 -2.01 -0.60 50.52
CA ASN A 201 -0.72 -1.22 50.19
C ASN A 201 -0.40 -1.32 48.69
N ASN A 202 -1.40 -1.18 47.80
CA ASN A 202 -1.25 -1.27 46.35
C ASN A 202 -0.78 -2.67 45.93
N ASP A 203 -1.43 -3.72 46.46
CA ASP A 203 -1.10 -5.11 46.18
C ASP A 203 -1.93 -5.65 45.00
N LYS A 204 -1.43 -6.70 44.34
CA LYS A 204 -2.09 -7.32 43.19
C LYS A 204 -3.02 -8.46 43.64
N GLN A 205 -4.30 -8.14 43.89
CA GLN A 205 -5.29 -9.13 44.31
C GLN A 205 -5.97 -9.81 43.10
N LYS A 206 -6.59 -10.97 43.31
CA LYS A 206 -7.27 -11.72 42.25
C LYS A 206 -8.46 -12.52 42.81
N TYR A 207 -9.48 -12.74 41.97
CA TYR A 207 -10.67 -13.52 42.34
C TYR A 207 -11.37 -14.07 41.09
N THR A 208 -11.72 -15.37 41.11
CA THR A 208 -12.34 -16.07 39.98
C THR A 208 -13.81 -15.67 39.82
N LEU A 209 -14.31 -15.60 38.58
CA LEU A 209 -15.69 -15.23 38.26
C LEU A 209 -16.27 -16.18 37.21
N LYS A 210 -17.43 -16.80 37.48
CA LYS A 210 -18.12 -17.68 36.55
C LYS A 210 -19.38 -16.94 36.10
N ILE A 211 -19.27 -16.20 34.96
CA ILE A 211 -20.35 -15.35 34.44
C ILE A 211 -20.79 -15.76 33.01
N ASN A 212 -21.94 -15.25 32.54
CA ASN A 212 -22.44 -15.53 31.19
C ASN A 212 -21.56 -14.83 30.15
N HIS A 213 -21.39 -15.45 28.98
CA HIS A 213 -20.54 -14.90 27.92
C HIS A 213 -21.13 -13.65 27.24
N ASP A 214 -22.46 -13.53 27.12
CA ASP A 214 -23.09 -12.37 26.47
C ASP A 214 -23.29 -11.15 27.40
N CYS A 215 -22.59 -11.09 28.55
CA CYS A 215 -22.73 -9.96 29.46
C CYS A 215 -21.97 -8.73 28.95
N VAL A 216 -22.56 -7.54 29.07
CA VAL A 216 -21.90 -6.29 28.64
C VAL A 216 -20.83 -5.88 29.70
N PRO A 217 -19.85 -4.97 29.41
CA PRO A 217 -18.85 -4.63 30.46
C PRO A 217 -19.41 -4.16 31.79
N GLU A 218 -20.56 -3.46 31.79
CA GLU A 218 -21.20 -3.01 33.04
C GLU A 218 -21.77 -4.21 33.81
N GLN A 219 -22.34 -5.20 33.10
CA GLN A 219 -22.87 -6.42 33.73
C GLN A 219 -21.74 -7.29 34.34
N VAL A 220 -20.51 -7.20 33.81
CA VAL A 220 -19.36 -7.92 34.36
C VAL A 220 -19.00 -7.28 35.72
N ILE A 221 -18.97 -5.93 35.77
CA ILE A 221 -18.69 -5.17 36.99
C ILE A 221 -19.77 -5.49 38.03
N ALA A 222 -21.04 -5.53 37.62
CA ALA A 222 -22.17 -5.85 38.50
C ALA A 222 -22.02 -7.21 39.19
N GLU A 223 -21.62 -8.25 38.45
CA GLU A 223 -21.45 -9.60 39.02
C GLU A 223 -20.18 -9.71 39.88
N ALA A 224 -19.16 -8.88 39.62
CA ALA A 224 -17.93 -8.88 40.42
C ALA A 224 -18.18 -8.33 41.82
N ILE A 225 -19.06 -7.31 41.94
CA ILE A 225 -19.41 -6.72 43.24
C ILE A 225 -20.34 -7.71 43.99
N ARG A 226 -21.29 -8.33 43.26
CA ARG A 226 -22.23 -9.30 43.82
C ARG A 226 -21.53 -10.48 44.52
N LYS A 227 -20.53 -11.09 43.87
CA LYS A 227 -19.80 -12.23 44.45
C LYS A 227 -18.98 -11.80 45.68
N LYS A 228 -18.39 -10.61 45.64
CA LYS A 228 -17.58 -10.10 46.75
C LYS A 228 -18.45 -9.75 47.97
N THR A 229 -19.66 -9.21 47.75
CA THR A 229 -20.59 -8.86 48.84
C THR A 229 -21.46 -10.03 49.33
N ARG A 230 -21.17 -11.28 48.93
CA ARG A 230 -21.96 -12.43 49.40
C ARG A 230 -21.71 -12.72 50.88
N SER A 231 -20.45 -12.59 51.34
CA SER A 231 -20.11 -12.82 52.75
C SER A 231 -20.67 -11.73 53.67
N MET A 232 -20.79 -10.49 53.16
CA MET A 232 -21.33 -9.37 53.95
C MET A 232 -22.84 -9.48 54.17
N LEU A 233 -23.57 -10.17 53.26
CA LEU A 233 -25.02 -10.37 53.33
C LEU A 233 -25.78 -9.05 53.22
N LEU A 234 -25.56 -8.33 52.12
CA LEU A 234 -26.24 -7.05 51.86
C LEU A 234 -27.63 -7.28 51.25
N SER A 235 -28.53 -6.30 51.40
CA SER A 235 -29.90 -6.38 50.86
C SER A 235 -29.91 -6.25 49.32
N SER A 236 -31.02 -6.68 48.68
CA SER A 236 -31.16 -6.60 47.23
C SER A 236 -31.09 -5.17 46.70
N GLU A 237 -31.78 -4.22 47.36
CA GLU A 237 -31.75 -2.82 46.95
C GLU A 237 -30.41 -2.16 47.29
N GLN A 238 -29.84 -2.49 48.46
CA GLN A 238 -28.54 -1.94 48.88
C GLN A 238 -27.43 -2.37 47.91
N LEU A 239 -27.47 -3.64 47.45
CA LEU A 239 -26.49 -4.15 46.48
C LEU A 239 -26.65 -3.44 45.14
N LYS A 240 -27.90 -3.29 44.66
CA LYS A 240 -28.17 -2.64 43.38
C LYS A 240 -27.71 -1.17 43.37
N LEU A 241 -27.81 -0.47 44.50
CA LEU A 241 -27.36 0.93 44.60
C LEU A 241 -25.82 1.00 44.57
N CYS A 242 -25.14 0.06 45.25
CA CYS A 242 -23.68 0.00 45.28
C CYS A 242 -23.13 -0.35 43.89
N VAL A 243 -23.81 -1.26 43.17
CA VAL A 243 -23.41 -1.66 41.80
C VAL A 243 -23.39 -0.43 40.88
N LEU A 244 -24.44 0.40 40.92
CA LEU A 244 -24.53 1.60 40.10
C LEU A 244 -23.39 2.61 40.33
N GLU A 245 -22.78 2.61 41.54
CA GLU A 245 -21.67 3.53 41.83
C GLU A 245 -20.38 3.02 41.21
N TYR A 246 -20.07 1.72 41.37
CA TYR A 246 -18.85 1.13 40.79
C TYR A 246 -18.94 1.07 39.26
N GLN A 247 -20.16 0.93 38.69
CA GLN A 247 -20.33 0.92 37.23
C GLN A 247 -19.99 2.31 36.65
N GLY A 248 -20.46 3.36 37.31
CA GLY A 248 -20.22 4.74 36.88
C GLY A 248 -18.87 5.33 37.27
N LYS A 249 -18.04 4.60 38.05
CA LYS A 249 -16.73 5.07 38.49
C LYS A 249 -15.56 4.10 38.18
N TYR A 250 -15.83 2.95 37.53
CA TYR A 250 -14.79 1.97 37.17
C TYR A 250 -15.05 1.39 35.78
N ILE A 251 -13.98 0.99 35.07
CA ILE A 251 -14.04 0.38 33.74
C ILE A 251 -12.99 -0.73 33.62
N LEU A 252 -13.27 -1.75 32.80
CA LEU A 252 -12.34 -2.88 32.62
C LEU A 252 -11.23 -2.57 31.63
N LYS A 253 -10.10 -3.30 31.75
CA LYS A 253 -8.92 -3.13 30.92
C LYS A 253 -8.23 -4.49 30.74
N VAL A 254 -7.65 -4.75 29.56
CA VAL A 254 -6.93 -5.99 29.31
C VAL A 254 -5.57 -5.85 30.02
N CYS A 255 -5.19 -6.82 30.86
CA CYS A 255 -3.92 -6.75 31.57
C CYS A 255 -2.75 -6.85 30.60
N GLY A 256 -1.72 -6.02 30.82
CA GLY A 256 -0.52 -6.00 29.99
C GLY A 256 -0.56 -5.11 28.76
N CYS A 257 -1.74 -4.52 28.41
CA CYS A 257 -1.84 -3.65 27.24
C CYS A 257 -2.95 -2.60 27.42
N ASP A 258 -2.86 -1.49 26.64
CA ASP A 258 -3.83 -0.40 26.70
C ASP A 258 -5.04 -0.65 25.80
N GLU A 259 -5.86 -1.66 26.17
CA GLU A 259 -7.08 -2.02 25.46
C GLU A 259 -8.21 -1.99 26.50
N TYR A 260 -9.24 -1.17 26.29
CA TYR A 260 -10.33 -0.98 27.26
C TYR A 260 -11.69 -1.41 26.72
N PHE A 261 -12.62 -1.73 27.64
CA PHE A 261 -13.99 -2.17 27.35
C PHE A 261 -14.93 -1.02 27.76
N LEU A 262 -15.05 0.01 26.90
CA LEU A 262 -15.87 1.20 27.22
C LEU A 262 -17.31 1.11 26.69
N GLU A 263 -17.50 0.78 25.40
CA GLU A 263 -18.83 0.72 24.80
C GLU A 263 -19.58 -0.56 25.21
N LYS A 264 -20.92 -0.48 25.28
CA LYS A 264 -21.77 -1.61 25.67
C LYS A 264 -21.86 -2.70 24.58
N TYR A 265 -20.84 -3.56 24.51
CA TYR A 265 -20.76 -4.69 23.57
C TYR A 265 -20.74 -6.01 24.36
N PRO A 266 -21.28 -7.15 23.85
CA PRO A 266 -21.15 -8.42 24.61
C PRO A 266 -19.68 -8.78 24.85
N LEU A 267 -19.36 -9.29 26.04
CA LEU A 267 -17.98 -9.62 26.43
C LEU A 267 -17.29 -10.54 25.42
N SER A 268 -17.98 -11.59 24.93
CA SER A 268 -17.40 -12.51 23.96
C SER A 268 -17.12 -11.90 22.57
N GLN A 269 -17.78 -10.78 22.21
CA GLN A 269 -17.53 -10.12 20.92
C GLN A 269 -16.13 -9.47 20.86
N TYR A 270 -15.55 -9.09 22.02
CA TYR A 270 -14.20 -8.52 22.05
C TYR A 270 -13.17 -9.53 21.55
N LYS A 271 -12.16 -9.05 20.80
CA LYS A 271 -11.14 -9.92 20.22
C LYS A 271 -10.28 -10.64 21.26
N TYR A 272 -9.95 -9.97 22.37
CA TYR A 272 -9.15 -10.59 23.43
C TYR A 272 -9.91 -11.75 24.10
N ILE A 273 -11.23 -11.61 24.26
CA ILE A 273 -12.06 -12.64 24.88
C ILE A 273 -12.29 -13.79 23.90
N ARG A 274 -12.63 -13.47 22.63
CA ARG A 274 -12.86 -14.48 21.60
C ARG A 274 -11.60 -15.32 21.36
N SER A 275 -10.40 -14.71 21.43
CA SER A 275 -9.14 -15.42 21.29
C SER A 275 -8.90 -16.35 22.49
N CYS A 276 -9.22 -15.87 23.70
CA CYS A 276 -9.07 -16.64 24.94
C CYS A 276 -9.97 -17.89 24.95
N ILE A 277 -11.18 -17.79 24.39
CA ILE A 277 -12.09 -18.94 24.35
C ILE A 277 -11.54 -19.98 23.37
N MET A 278 -11.10 -19.53 22.19
CA MET A 278 -10.50 -20.39 21.16
C MET A 278 -9.25 -21.10 21.68
N LEU A 279 -8.29 -20.35 22.27
CA LEU A 279 -7.05 -20.92 22.79
C LEU A 279 -7.22 -21.77 24.06
N GLY A 280 -8.33 -21.58 24.78
CA GLY A 280 -8.56 -22.28 26.02
C GLY A 280 -7.81 -21.66 27.17
N ARG A 281 -7.70 -20.32 27.17
CA ARG A 281 -7.01 -19.53 28.19
C ARG A 281 -8.03 -18.75 29.01
N MET A 282 -7.74 -18.57 30.31
CA MET A 282 -8.64 -17.84 31.20
C MET A 282 -8.34 -16.33 31.01
N PRO A 283 -9.29 -15.46 30.56
CA PRO A 283 -8.94 -14.04 30.38
C PRO A 283 -8.57 -13.34 31.69
N ASN A 284 -7.71 -12.31 31.60
CA ASN A 284 -7.24 -11.53 32.75
C ASN A 284 -7.60 -10.06 32.53
N LEU A 285 -8.55 -9.54 33.33
CA LEU A 285 -9.01 -8.15 33.23
C LEU A 285 -8.67 -7.35 34.51
N MET A 286 -8.73 -6.02 34.41
CA MET A 286 -8.41 -5.12 35.52
C MET A 286 -9.42 -3.99 35.63
N LEU A 287 -9.96 -3.74 36.83
CA LEU A 287 -10.93 -2.66 37.06
C LEU A 287 -10.19 -1.36 37.32
N MET A 288 -9.82 -0.64 36.25
CA MET A 288 -9.14 0.64 36.38
C MET A 288 -10.15 1.72 36.75
N ALA A 289 -9.78 2.63 37.66
CA ALA A 289 -10.66 3.71 38.07
C ALA A 289 -10.86 4.68 36.91
N LYS A 290 -12.09 5.18 36.71
CA LYS A 290 -12.36 6.12 35.61
C LYS A 290 -11.57 7.41 35.77
N GLU A 291 -11.49 7.97 36.99
CA GLU A 291 -10.74 9.20 37.25
C GLU A 291 -9.29 9.10 36.81
N SER A 292 -8.62 7.95 37.06
CA SER A 292 -7.24 7.73 36.65
C SER A 292 -7.06 7.76 35.13
N LEU A 293 -8.03 7.20 34.38
CA LEU A 293 -7.97 7.17 32.92
C LEU A 293 -8.26 8.55 32.31
N TYR A 294 -9.32 9.24 32.76
CA TYR A 294 -9.68 10.55 32.22
C TYR A 294 -8.68 11.66 32.56
N SER A 295 -7.96 11.56 33.68
CA SER A 295 -6.95 12.56 34.04
C SER A 295 -5.76 12.48 33.09
N GLN A 296 -5.38 11.27 32.65
CA GLN A 296 -4.27 11.07 31.72
C GLN A 296 -4.60 11.51 30.29
N LEU A 297 -5.89 11.60 29.92
CA LEU A 297 -6.33 11.99 28.58
C LEU A 297 -6.58 13.51 28.50
N PRO A 298 -5.70 14.33 27.87
CA PRO A 298 -5.98 15.77 27.79
C PRO A 298 -7.00 16.13 26.71
N MET A 299 -7.53 17.36 26.75
CA MET A 299 -8.52 17.83 25.78
C MET A 299 -7.83 18.17 24.45
N ASP A 300 -8.33 17.60 23.34
CA ASP A 300 -7.79 17.85 22.01
C ASP A 300 -8.45 19.06 21.37
N CYS A 301 -7.67 20.14 21.13
CA CYS A 301 -8.18 21.35 20.51
C CYS A 301 -7.83 21.38 19.01
N PHE A 302 -8.70 22.01 18.22
CA PHE A 302 -8.49 22.16 16.77
C PHE A 302 -8.55 23.63 16.40
N THR A 303 -7.38 24.27 16.31
CA THR A 303 -7.28 25.68 15.92
C THR A 303 -7.32 25.72 14.39
N MET A 304 -8.11 26.63 13.80
CA MET A 304 -8.18 26.73 12.34
C MET A 304 -6.81 27.21 11.80
N PRO A 305 -6.29 26.66 10.70
CA PRO A 305 -4.95 27.07 10.23
C PRO A 305 -4.91 28.47 9.61
N SER A 306 -3.69 29.00 9.47
CA SER A 306 -3.46 30.33 8.91
C SER A 306 -3.98 30.43 7.48
N TYR A 307 -3.67 29.44 6.62
CA TYR A 307 -4.13 29.43 5.22
C TYR A 307 -5.67 29.47 5.08
N SER A 308 -6.41 28.96 6.07
CA SER A 308 -7.87 28.98 6.06
C SER A 308 -8.42 30.38 6.34
N ARG A 309 -7.72 31.16 7.18
CA ARG A 309 -8.15 32.52 7.55
C ARG A 309 -7.65 33.61 6.56
N ARG A 310 -6.96 33.23 5.47
CA ARG A 310 -6.43 34.20 4.51
C ARG A 310 -7.49 34.56 3.45
N ILE A 311 -7.32 35.72 2.80
CA ILE A 311 -8.23 36.18 1.75
C ILE A 311 -7.92 35.38 0.47
N SER A 312 -8.97 34.94 -0.26
CA SER A 312 -8.81 34.14 -1.47
C SER A 312 -7.97 34.88 -2.52
N THR A 313 -7.11 34.13 -3.25
CA THR A 313 -6.25 34.72 -4.27
C THR A 313 -7.02 35.03 -5.55
N ALA A 314 -7.81 34.05 -6.05
CA ALA A 314 -8.61 34.24 -7.27
C ALA A 314 -9.81 35.14 -7.00
N SER A 323 -18.57 33.02 -21.23
CA SER A 323 -19.78 32.36 -20.77
C SER A 323 -19.61 30.85 -20.69
N THR A 324 -20.40 30.18 -19.83
CA THR A 324 -20.33 28.74 -19.65
C THR A 324 -21.19 28.03 -20.71
N LYS A 325 -20.66 26.92 -21.28
CA LYS A 325 -21.35 26.11 -22.28
C LYS A 325 -21.27 24.65 -21.85
N SER A 326 -22.39 23.92 -21.91
CA SER A 326 -22.42 22.51 -21.52
C SER A 326 -21.71 21.61 -22.54
N LEU A 327 -21.29 20.42 -22.11
CA LEU A 327 -20.57 19.47 -22.96
C LEU A 327 -21.45 18.95 -24.11
N TRP A 328 -22.74 18.71 -23.85
CA TRP A 328 -23.65 18.18 -24.87
C TRP A 328 -24.06 19.21 -25.96
N VAL A 329 -23.57 20.45 -25.88
CA VAL A 329 -23.83 21.48 -26.89
C VAL A 329 -22.76 21.40 -28.02
N ILE A 330 -21.54 20.92 -27.72
CA ILE A 330 -20.44 20.82 -28.69
C ILE A 330 -20.76 19.70 -29.70
N ASN A 331 -20.85 20.07 -31.00
CA ASN A 331 -21.20 19.12 -32.07
C ASN A 331 -19.98 18.55 -32.84
N SER A 332 -18.74 18.87 -32.41
CA SER A 332 -17.54 18.37 -33.09
C SER A 332 -16.92 17.15 -32.36
N ALA A 333 -16.04 16.41 -33.05
CA ALA A 333 -15.36 15.24 -32.48
C ALA A 333 -14.12 15.67 -31.67
N LEU A 334 -13.66 14.81 -30.75
CA LEU A 334 -12.50 15.12 -29.91
C LEU A 334 -11.19 15.04 -30.69
N ARG A 335 -10.28 15.99 -30.44
CA ARG A 335 -8.95 16.04 -31.04
C ARG A 335 -7.97 16.72 -30.07
N ILE A 336 -6.75 16.17 -29.94
CA ILE A 336 -5.73 16.70 -29.03
C ILE A 336 -4.41 16.81 -29.81
N LYS A 337 -3.80 18.01 -29.82
CA LYS A 337 -2.56 18.27 -30.54
C LYS A 337 -1.33 18.04 -29.66
N ILE A 338 -0.36 17.24 -30.16
CA ILE A 338 0.90 16.96 -29.47
C ILE A 338 1.92 17.88 -30.11
N LEU A 339 2.46 18.86 -29.36
CA LEU A 339 3.38 19.86 -29.92
C LEU A 339 4.88 19.42 -29.90
N CYS A 340 5.53 19.37 -28.71
CA CYS A 340 6.96 19.06 -28.64
C CYS A 340 7.37 18.50 -27.28
N ALA A 341 8.50 17.78 -27.24
CA ALA A 341 9.10 17.25 -26.01
C ALA A 341 10.49 17.90 -25.87
N THR A 342 10.91 18.21 -24.64
CA THR A 342 12.19 18.88 -24.40
C THR A 342 13.40 17.96 -24.72
N TYR A 343 13.43 16.75 -24.13
CA TYR A 343 14.53 15.81 -24.36
C TYR A 343 14.09 14.36 -24.09
N VAL A 344 14.75 13.40 -24.75
CA VAL A 344 14.48 11.97 -24.59
C VAL A 344 15.82 11.25 -24.40
N ASN A 345 15.94 10.41 -23.36
CA ASN A 345 17.17 9.67 -23.08
C ASN A 345 17.20 8.33 -23.82
N VAL A 346 17.70 8.35 -25.07
CA VAL A 346 17.81 7.15 -25.92
C VAL A 346 19.12 7.19 -26.71
N ASN A 347 19.64 6.01 -27.05
CA ASN A 347 20.85 5.89 -27.85
C ASN A 347 20.46 6.02 -29.32
N ILE A 348 21.16 6.87 -30.09
CA ILE A 348 20.87 7.08 -31.51
C ILE A 348 21.21 5.82 -32.31
N ARG A 349 22.32 5.14 -31.97
CA ARG A 349 22.77 3.93 -32.64
C ARG A 349 21.82 2.74 -32.48
N ASP A 350 21.11 2.61 -31.35
CA ASP A 350 20.21 1.48 -31.11
C ASP A 350 18.74 1.81 -31.48
N ILE A 351 18.21 2.95 -31.00
CA ILE A 351 16.81 3.33 -31.25
C ILE A 351 16.71 4.07 -32.59
N ASP A 352 15.77 3.66 -33.46
CA ASP A 352 15.59 4.26 -34.77
C ASP A 352 14.80 5.59 -34.72
N LYS A 353 13.56 5.56 -34.19
CA LYS A 353 12.68 6.74 -34.12
C LYS A 353 11.82 6.72 -32.83
N ILE A 354 11.12 7.84 -32.55
CA ILE A 354 10.26 8.00 -31.36
C ILE A 354 8.93 8.65 -31.75
N TYR A 355 7.85 8.34 -31.00
CA TYR A 355 6.51 8.86 -31.26
C TYR A 355 5.68 8.84 -29.97
N VAL A 356 4.72 9.77 -29.84
CA VAL A 356 3.85 9.85 -28.67
C VAL A 356 2.59 9.01 -28.91
N ARG A 357 2.46 7.88 -28.20
CA ARG A 357 1.28 7.03 -28.31
C ARG A 357 0.23 7.60 -27.37
N THR A 358 -0.97 7.91 -27.88
CA THR A 358 -2.06 8.50 -27.08
C THR A 358 -3.27 7.57 -27.00
N GLY A 359 -4.10 7.77 -25.99
CA GLY A 359 -5.30 6.98 -25.78
C GLY A 359 -6.25 7.58 -24.78
N ILE A 360 -7.56 7.54 -25.07
CA ILE A 360 -8.58 8.07 -24.16
C ILE A 360 -9.09 6.86 -23.38
N TYR A 361 -8.97 6.90 -22.03
CA TYR A 361 -9.33 5.78 -21.17
C TYR A 361 -10.34 6.12 -20.08
N HIS A 362 -11.07 5.09 -19.60
CA HIS A 362 -12.04 5.18 -18.52
C HIS A 362 -11.57 4.16 -17.47
N GLY A 363 -10.47 4.49 -16.81
CA GLY A 363 -9.86 3.62 -15.81
C GLY A 363 -8.92 2.61 -16.44
N GLY A 364 -9.49 1.50 -16.89
CA GLY A 364 -8.74 0.42 -17.52
C GLY A 364 -9.10 0.19 -18.98
N GLU A 365 -10.40 0.21 -19.30
CA GLU A 365 -10.87 -0.03 -20.67
C GLU A 365 -10.65 1.19 -21.56
N PRO A 366 -10.03 1.10 -22.77
CA PRO A 366 -9.93 2.30 -23.63
C PRO A 366 -11.29 2.66 -24.23
N LEU A 367 -11.69 3.93 -24.13
CA LEU A 367 -12.98 4.38 -24.68
C LEU A 367 -13.02 4.37 -26.21
N CYS A 368 -11.85 4.52 -26.87
CA CYS A 368 -11.74 4.53 -28.33
C CYS A 368 -10.37 3.94 -28.75
N ASP A 369 -10.20 3.65 -30.05
CA ASP A 369 -8.95 3.10 -30.57
C ASP A 369 -7.79 4.08 -30.32
N ASN A 370 -6.59 3.55 -30.04
CA ASN A 370 -5.43 4.40 -29.75
C ASN A 370 -4.89 5.06 -31.01
N VAL A 371 -4.60 6.37 -30.93
CA VAL A 371 -4.09 7.16 -32.05
C VAL A 371 -2.65 7.59 -31.76
N ASN A 372 -1.70 7.29 -32.67
CA ASN A 372 -0.28 7.62 -32.51
C ASN A 372 0.11 8.82 -33.38
N THR A 373 1.21 9.50 -33.02
CA THR A 373 1.75 10.63 -33.81
C THR A 373 2.66 10.06 -34.92
N GLN A 374 3.01 10.88 -35.93
CA GLN A 374 3.92 10.44 -37.00
C GLN A 374 5.31 10.19 -36.39
N ARG A 375 6.01 9.18 -36.90
CA ARG A 375 7.33 8.82 -36.36
C ARG A 375 8.39 9.87 -36.71
N VAL A 376 9.06 10.41 -35.67
CA VAL A 376 10.09 11.48 -35.80
C VAL A 376 11.43 11.01 -35.17
N PRO A 377 12.61 11.56 -35.55
CA PRO A 377 13.87 11.08 -34.94
C PRO A 377 14.09 11.55 -33.50
N CYS A 378 15.08 10.95 -32.83
CA CYS A 378 15.41 11.26 -31.43
C CYS A 378 15.93 12.69 -31.25
N SER A 379 16.79 13.15 -32.17
CA SER A 379 17.38 14.49 -32.09
C SER A 379 16.36 15.63 -32.26
N ASN A 380 15.31 15.42 -33.09
CA ASN A 380 14.30 16.45 -33.34
C ASN A 380 12.89 15.99 -32.91
N PRO A 381 12.54 16.03 -31.60
CA PRO A 381 11.18 15.60 -31.19
C PRO A 381 10.12 16.69 -31.41
N ARG A 382 9.74 16.91 -32.68
CA ARG A 382 8.74 17.90 -33.07
C ARG A 382 7.61 17.19 -33.80
N TRP A 383 6.35 17.39 -33.36
CA TRP A 383 5.20 16.75 -34.00
C TRP A 383 4.19 17.79 -34.54
N ASN A 384 3.60 18.63 -33.66
CA ASN A 384 2.58 19.64 -34.01
C ASN A 384 1.47 19.04 -34.90
N GLU A 385 0.90 17.92 -34.43
CA GLU A 385 -0.11 17.15 -35.15
C GLU A 385 -1.41 17.02 -34.37
N TRP A 386 -2.57 17.31 -35.02
CA TRP A 386 -3.88 17.14 -34.39
C TRP A 386 -4.28 15.67 -34.55
N LEU A 387 -4.47 14.95 -33.42
CA LEU A 387 -4.84 13.54 -33.46
C LEU A 387 -6.35 13.40 -33.27
N ASN A 388 -7.04 12.82 -34.27
CA ASN A 388 -8.49 12.66 -34.24
C ASN A 388 -8.87 11.30 -33.64
N TYR A 389 -9.60 11.30 -32.52
CA TYR A 389 -10.05 10.08 -31.85
C TYR A 389 -11.46 9.71 -32.29
N ASP A 390 -11.77 8.40 -32.33
CA ASP A 390 -13.09 7.92 -32.73
C ASP A 390 -14.04 7.99 -31.54
N ILE A 391 -14.36 9.22 -31.09
CA ILE A 391 -15.27 9.47 -29.96
C ILE A 391 -15.89 10.86 -30.08
N TYR A 392 -17.22 10.93 -29.98
CA TYR A 392 -17.97 12.18 -30.04
C TYR A 392 -17.82 12.87 -28.66
N ILE A 393 -17.50 14.18 -28.63
CA ILE A 393 -17.28 14.92 -27.36
C ILE A 393 -18.47 14.69 -26.35
N PRO A 394 -19.77 14.89 -26.71
CA PRO A 394 -20.84 14.61 -25.74
C PRO A 394 -20.83 13.22 -25.11
N ASP A 395 -20.39 12.20 -25.86
CA ASP A 395 -20.32 10.82 -25.37
C ASP A 395 -19.21 10.58 -24.33
N LEU A 396 -18.28 11.54 -24.11
CA LEU A 396 -17.21 11.35 -23.13
C LEU A 396 -17.78 11.27 -21.72
N PRO A 397 -17.50 10.22 -20.92
CA PRO A 397 -18.04 10.18 -19.54
C PRO A 397 -17.32 11.17 -18.60
N ARG A 398 -17.84 11.33 -17.37
CA ARG A 398 -17.24 12.24 -16.40
C ARG A 398 -15.80 11.82 -16.03
N ALA A 399 -15.52 10.51 -15.95
CA ALA A 399 -14.19 10.01 -15.62
C ALA A 399 -13.30 9.77 -16.85
N ALA A 400 -13.41 10.64 -17.90
CA ALA A 400 -12.59 10.49 -19.09
C ALA A 400 -11.18 11.01 -18.82
N ARG A 401 -10.15 10.27 -19.29
CA ARG A 401 -8.74 10.64 -19.10
C ARG A 401 -7.93 10.45 -20.38
N LEU A 402 -6.80 11.15 -20.49
CA LEU A 402 -5.87 11.05 -21.61
C LEU A 402 -4.58 10.40 -21.10
N CYS A 403 -4.21 9.26 -21.69
CA CYS A 403 -3.00 8.52 -21.34
C CYS A 403 -2.01 8.68 -22.51
N LEU A 404 -0.76 9.08 -22.23
CA LEU A 404 0.24 9.28 -23.28
C LEU A 404 1.64 8.87 -22.83
N SER A 405 2.51 8.55 -23.79
CA SER A 405 3.90 8.15 -23.52
C SER A 405 4.76 8.26 -24.76
N ILE A 406 6.04 8.67 -24.61
CA ILE A 406 6.96 8.75 -25.74
C ILE A 406 7.50 7.32 -25.93
N CYS A 407 7.02 6.61 -26.96
CA CYS A 407 7.44 5.25 -27.27
C CYS A 407 8.57 5.23 -28.29
N SER A 408 9.34 4.14 -28.30
CA SER A 408 10.47 3.93 -29.21
C SER A 408 10.17 2.83 -30.25
N VAL A 409 11.03 2.70 -31.28
CA VAL A 409 10.91 1.66 -32.30
C VAL A 409 12.33 1.20 -32.64
N LYS A 410 12.58 -0.13 -32.57
CA LYS A 410 13.91 -0.70 -32.83
C LYS A 410 13.80 -1.63 -34.04
N GLY A 411 13.68 -1.03 -35.22
CA GLY A 411 13.56 -1.78 -36.47
C GLY A 411 14.91 -2.21 -37.01
N ARG A 412 15.61 -3.08 -36.27
CA ARG A 412 16.91 -3.62 -36.68
C ARG A 412 16.73 -4.96 -37.40
N LYS A 413 15.81 -5.79 -36.90
CA LYS A 413 15.51 -7.09 -37.52
C LYS A 413 14.75 -6.90 -38.86
N GLY A 414 13.94 -5.85 -38.96
CA GLY A 414 13.19 -5.54 -40.18
C GLY A 414 11.83 -6.21 -40.22
N ALA A 415 11.80 -7.54 -40.11
CA ALA A 415 10.56 -8.30 -40.13
C ALA A 415 9.71 -7.98 -38.91
N LYS A 416 10.35 -7.85 -37.73
CA LYS A 416 9.67 -7.53 -36.48
C LYS A 416 10.26 -6.24 -35.90
N GLU A 417 9.40 -5.23 -35.64
CA GLU A 417 9.83 -3.95 -35.07
C GLU A 417 9.37 -3.89 -33.60
N GLU A 418 10.32 -3.86 -32.66
CA GLU A 418 10.02 -3.86 -31.23
C GLU A 418 9.79 -2.44 -30.71
N HIS A 419 8.61 -2.20 -30.11
CA HIS A 419 8.23 -0.91 -29.53
C HIS A 419 8.32 -0.99 -28.01
N CYS A 420 8.87 0.03 -27.35
CA CYS A 420 9.02 0.04 -25.89
C CYS A 420 8.76 1.45 -25.33
N PRO A 421 8.10 1.59 -24.14
CA PRO A 421 7.89 2.94 -23.60
C PRO A 421 9.13 3.52 -22.91
N LEU A 422 9.23 4.85 -22.87
CA LEU A 422 10.37 5.56 -22.26
C LEU A 422 9.95 6.43 -21.07
N ALA A 423 8.85 7.20 -21.23
CA ALA A 423 8.32 8.07 -20.17
C ALA A 423 6.82 8.24 -20.40
N TRP A 424 6.01 8.08 -19.34
CA TRP A 424 4.54 8.13 -19.41
C TRP A 424 3.95 9.32 -18.63
N GLY A 425 2.71 9.67 -18.95
CA GLY A 425 1.99 10.76 -18.30
C GLY A 425 0.51 10.72 -18.59
N ASN A 426 -0.33 10.91 -17.54
CA ASN A 426 -1.79 10.88 -17.67
C ASN A 426 -2.39 12.23 -17.24
N ILE A 427 -3.43 12.70 -17.97
CA ILE A 427 -4.11 13.98 -17.70
C ILE A 427 -5.61 13.71 -17.54
N ASN A 428 -6.24 14.29 -16.51
CA ASN A 428 -7.69 14.18 -16.34
C ASN A 428 -8.31 15.15 -17.33
N LEU A 429 -9.15 14.66 -18.28
CA LEU A 429 -9.77 15.53 -19.28
C LEU A 429 -10.71 16.57 -18.65
N PHE A 430 -11.33 16.24 -17.52
CA PHE A 430 -12.19 17.16 -16.76
C PHE A 430 -11.48 17.43 -15.43
N ASP A 431 -11.36 18.71 -15.04
CA ASP A 431 -10.70 19.07 -13.77
C ASP A 431 -11.65 18.90 -12.56
N TYR A 432 -11.15 19.14 -11.32
CA TYR A 432 -11.95 19.01 -10.10
C TYR A 432 -13.25 19.86 -10.07
N THR A 433 -13.32 20.95 -10.86
CA THR A 433 -14.52 21.80 -10.91
C THR A 433 -15.40 21.46 -12.14
N ASP A 434 -15.37 20.18 -12.61
CA ASP A 434 -16.14 19.72 -13.78
C ASP A 434 -15.82 20.46 -15.11
N THR A 435 -14.72 21.23 -15.19
CA THR A 435 -14.37 21.98 -16.40
C THR A 435 -13.51 21.13 -17.33
N LEU A 436 -13.88 21.05 -18.61
CA LEU A 436 -13.08 20.33 -19.61
C LEU A 436 -11.79 21.13 -19.86
N VAL A 437 -10.65 20.44 -19.97
CA VAL A 437 -9.36 21.11 -20.20
C VAL A 437 -9.36 21.90 -21.51
N SER A 438 -8.69 23.06 -21.51
CA SER A 438 -8.62 23.94 -22.68
C SER A 438 -7.28 24.69 -22.74
N GLY A 439 -6.88 25.09 -23.95
CA GLY A 439 -5.64 25.82 -24.16
C GLY A 439 -4.40 24.95 -24.09
N LYS A 440 -3.24 25.59 -23.88
CA LYS A 440 -1.96 24.89 -23.82
C LYS A 440 -1.67 24.32 -22.43
N MET A 441 -0.85 23.26 -22.38
CA MET A 441 -0.49 22.58 -21.12
C MET A 441 0.86 21.87 -21.27
N ALA A 442 1.78 22.10 -20.32
CA ALA A 442 3.10 21.44 -20.30
C ALA A 442 3.06 20.34 -19.26
N LEU A 443 3.36 19.09 -19.65
CA LEU A 443 3.33 17.94 -18.73
C LEU A 443 4.70 17.27 -18.61
N ASN A 444 5.24 17.22 -17.39
CA ASN A 444 6.51 16.54 -17.12
C ASN A 444 6.19 15.06 -16.92
N LEU A 445 6.87 14.18 -17.66
CA LEU A 445 6.59 12.74 -17.63
C LEU A 445 7.36 11.98 -16.56
N TRP A 446 6.80 10.83 -16.14
CA TRP A 446 7.36 9.97 -15.10
C TRP A 446 8.19 8.81 -15.70
N PRO A 447 9.14 8.17 -14.97
CA PRO A 447 9.83 7.01 -15.55
C PRO A 447 8.91 5.80 -15.68
N VAL A 448 9.24 4.86 -16.58
CA VAL A 448 8.42 3.67 -16.79
C VAL A 448 8.55 2.77 -15.54
N PRO A 449 7.46 2.30 -14.88
CA PRO A 449 7.64 1.40 -13.72
C PRO A 449 8.35 0.09 -14.08
N HIS A 450 9.05 -0.51 -13.12
CA HIS A 450 9.79 -1.75 -13.36
C HIS A 450 8.84 -2.88 -13.79
N GLY A 451 9.21 -3.59 -14.84
CA GLY A 451 8.42 -4.70 -15.35
C GLY A 451 7.32 -4.33 -16.33
N LEU A 452 6.91 -3.04 -16.40
CA LEU A 452 5.85 -2.63 -17.31
C LEU A 452 6.33 -2.68 -18.76
N GLU A 453 5.70 -3.56 -19.55
CA GLU A 453 6.01 -3.75 -20.97
C GLU A 453 4.97 -3.08 -21.89
N ASP A 454 3.75 -2.79 -21.36
CA ASP A 454 2.71 -2.12 -22.14
C ASP A 454 3.17 -0.71 -22.49
N LEU A 455 2.82 -0.24 -23.70
CA LEU A 455 3.24 1.08 -24.17
C LEU A 455 2.53 2.24 -23.44
N LEU A 456 1.41 1.98 -22.75
CA LEU A 456 0.68 2.99 -21.97
C LEU A 456 0.47 2.50 -20.54
N ASN A 457 0.39 3.43 -19.59
CA ASN A 457 0.19 3.10 -18.17
C ASN A 457 -1.12 3.75 -17.65
N PRO A 458 -2.32 3.22 -17.97
CA PRO A 458 -3.55 3.85 -17.46
C PRO A 458 -3.71 3.78 -15.94
N ILE A 459 -3.18 2.74 -15.28
CA ILE A 459 -3.29 2.59 -13.83
C ILE A 459 -2.55 3.72 -13.08
N GLY A 460 -1.43 4.19 -13.65
CA GLY A 460 -0.62 5.27 -13.08
C GLY A 460 -1.37 6.54 -12.70
N VAL A 461 -0.79 7.33 -11.81
CA VAL A 461 -1.43 8.58 -11.32
C VAL A 461 -1.46 9.67 -12.38
N THR A 462 -2.40 10.62 -12.24
CA THR A 462 -2.56 11.77 -13.14
C THR A 462 -1.80 12.99 -12.60
N GLY A 463 -1.50 13.92 -13.48
CA GLY A 463 -0.79 15.15 -13.14
C GLY A 463 0.66 15.15 -13.56
N SER A 464 1.29 16.32 -13.52
CA SER A 464 2.68 16.51 -13.90
C SER A 464 3.65 16.00 -12.83
N ASN A 465 4.88 15.65 -13.25
CA ASN A 465 5.93 15.15 -12.37
C ASN A 465 6.53 16.36 -11.62
N PRO A 466 6.64 16.38 -10.26
CA PRO A 466 7.24 17.56 -9.61
C PRO A 466 8.71 17.79 -9.98
N ASN A 467 9.46 16.69 -10.23
CA ASN A 467 10.84 16.78 -10.66
C ASN A 467 10.84 17.33 -12.09
N LYS A 468 11.16 18.62 -12.26
CA LYS A 468 11.12 19.28 -13.57
C LYS A 468 12.31 18.92 -14.47
N GLU A 469 13.31 18.15 -13.98
CA GLU A 469 14.45 17.71 -14.80
C GLU A 469 14.10 16.36 -15.43
N THR A 470 12.96 16.31 -16.13
CA THR A 470 12.41 15.13 -16.80
C THR A 470 11.80 15.53 -18.18
N PRO A 471 11.51 14.60 -19.12
CA PRO A 471 10.92 15.02 -20.41
C PRO A 471 9.62 15.81 -20.25
N CYS A 472 9.55 17.01 -20.84
CA CYS A 472 8.38 17.89 -20.76
C CYS A 472 7.68 17.95 -22.11
N LEU A 473 6.45 17.42 -22.21
CA LEU A 473 5.68 17.41 -23.44
C LEU A 473 4.58 18.48 -23.41
N GLU A 474 4.51 19.33 -24.46
CA GLU A 474 3.52 20.38 -24.57
C GLU A 474 2.32 19.89 -25.39
N LEU A 475 1.10 20.30 -25.00
CA LEU A 475 -0.15 19.93 -25.65
C LEU A 475 -1.04 21.17 -25.87
N GLU A 476 -2.02 21.09 -26.79
CA GLU A 476 -2.95 22.19 -27.05
C GLU A 476 -4.34 21.62 -27.31
N PHE A 477 -5.27 21.84 -26.37
CA PHE A 477 -6.64 21.36 -26.47
C PHE A 477 -7.53 22.39 -27.23
N ASP A 478 -8.73 21.96 -27.65
CA ASP A 478 -9.64 22.84 -28.39
C ASP A 478 -10.20 23.98 -27.51
N TRP A 479 -10.61 25.07 -28.16
CA TRP A 479 -11.19 26.24 -27.50
C TRP A 479 -12.41 26.67 -28.32
N PHE A 480 -13.62 26.44 -27.79
CA PHE A 480 -14.87 26.77 -28.48
C PHE A 480 -15.40 28.14 -28.05
N SER A 481 -14.49 29.11 -27.80
CA SER A 481 -14.83 30.48 -27.36
C SER A 481 -15.74 30.50 -26.12
N SER A 482 -15.60 29.51 -25.21
CA SER A 482 -16.42 29.40 -24.00
C SER A 482 -15.83 28.37 -23.03
N VAL A 483 -16.15 28.52 -21.73
CA VAL A 483 -15.68 27.60 -20.69
C VAL A 483 -16.62 26.38 -20.73
N VAL A 484 -16.10 25.21 -21.15
CA VAL A 484 -16.91 24.00 -21.27
C VAL A 484 -16.97 23.27 -19.91
N LYS A 485 -18.20 23.03 -19.40
CA LYS A 485 -18.43 22.33 -18.14
C LYS A 485 -19.26 21.05 -18.38
N PHE A 486 -19.13 20.07 -17.47
CA PHE A 486 -19.89 18.82 -17.58
C PHE A 486 -21.36 19.10 -17.15
N PRO A 487 -22.41 18.49 -17.77
CA PRO A 487 -23.78 18.81 -17.34
C PRO A 487 -24.11 18.46 -15.89
N ASP A 488 -25.13 19.11 -15.33
CA ASP A 488 -25.58 18.88 -13.96
C ASP A 488 -26.37 17.55 -13.84
N MET A 489 -26.58 17.06 -12.61
CA MET A 489 -27.31 15.81 -12.38
C MET A 489 -28.77 15.94 -12.87
N SER A 490 -29.40 17.11 -12.70
CA SER A 490 -30.77 17.34 -13.17
C SER A 490 -30.85 17.27 -14.71
N VAL A 491 -29.81 17.74 -15.41
CA VAL A 491 -29.76 17.70 -16.87
C VAL A 491 -29.55 16.24 -17.33
N ILE A 492 -28.67 15.49 -16.64
CA ILE A 492 -28.39 14.08 -16.94
C ILE A 492 -29.66 13.23 -16.75
N GLU A 493 -30.44 13.48 -15.68
CA GLU A 493 -31.67 12.73 -15.42
C GLU A 493 -32.74 12.97 -16.50
N GLU A 494 -32.79 14.18 -17.09
CA GLU A 494 -33.76 14.50 -18.14
C GLU A 494 -33.49 13.67 -19.42
N HIS A 495 -32.21 13.52 -19.80
CA HIS A 495 -31.83 12.75 -20.98
C HIS A 495 -32.11 11.25 -20.78
N ALA A 496 -31.96 10.75 -19.55
CA ALA A 496 -32.22 9.34 -19.25
C ALA A 496 -33.69 8.97 -19.44
N ASN A 497 -34.62 9.84 -19.03
CA ASN A 497 -36.06 9.59 -19.20
C ASN A 497 -36.44 9.56 -20.68
N TRP A 498 -35.82 10.42 -21.51
CA TRP A 498 -36.09 10.44 -22.95
C TRP A 498 -35.57 9.18 -23.64
N SER A 499 -34.42 8.64 -23.19
CA SER A 499 -33.86 7.40 -23.74
C SER A 499 -34.76 6.19 -23.44
N VAL A 500 -35.40 6.16 -22.27
CA VAL A 500 -36.30 5.08 -21.88
C VAL A 500 -37.63 5.24 -22.67
N SER A 501 -38.15 6.47 -22.75
CA SER A 501 -39.39 6.78 -23.47
C SER A 501 -39.37 6.38 -24.95
N ARG A 502 -38.24 6.56 -25.65
CA ARG A 502 -38.15 6.18 -27.07
C ARG A 502 -38.20 4.66 -27.26
N GLU A 503 -37.73 3.88 -26.26
CA GLU A 503 -37.74 2.41 -26.34
C GLU A 503 -39.17 1.89 -26.11
N ALA A 504 -39.87 2.41 -25.08
CA ALA A 504 -41.23 1.99 -24.78
C ALA A 504 -42.22 2.65 -25.75
N ASN A 521 -44.18 -5.85 -14.27
CA ASN A 521 -44.30 -7.02 -15.15
C ASN A 521 -43.35 -8.14 -14.72
N GLU A 522 -43.71 -9.40 -15.01
CA GLU A 522 -42.92 -10.57 -14.64
C GLU A 522 -41.86 -10.93 -15.70
N LEU A 523 -40.82 -11.67 -15.27
CA LEU A 523 -39.72 -12.14 -16.12
C LEU A 523 -39.65 -13.68 -16.09
N ARG A 524 -39.19 -14.30 -17.18
CA ARG A 524 -39.07 -15.75 -17.30
C ARG A 524 -38.05 -16.31 -16.29
N GLU A 525 -38.30 -17.52 -15.76
CA GLU A 525 -37.43 -18.15 -14.76
C GLU A 525 -36.02 -18.45 -15.26
N ASN A 526 -35.87 -18.88 -16.52
CA ASN A 526 -34.55 -19.15 -17.12
C ASN A 526 -33.70 -17.88 -17.16
N ASP A 527 -34.31 -16.71 -17.45
CA ASP A 527 -33.59 -15.43 -17.46
C ASP A 527 -33.17 -15.02 -16.05
N LYS A 528 -34.01 -15.31 -15.05
CA LYS A 528 -33.71 -15.03 -13.64
C LYS A 528 -32.54 -15.92 -13.17
N GLU A 529 -32.54 -17.21 -13.57
CA GLU A 529 -31.47 -18.14 -13.21
C GLU A 529 -30.15 -17.77 -13.90
N GLN A 530 -30.22 -17.23 -15.14
CA GLN A 530 -29.04 -16.80 -15.86
C GLN A 530 -28.43 -15.58 -15.15
N LEU A 531 -29.28 -14.64 -14.70
CA LEU A 531 -28.80 -13.46 -13.98
C LEU A 531 -28.16 -13.88 -12.65
N LYS A 532 -28.79 -14.83 -11.93
CA LYS A 532 -28.27 -15.36 -10.67
C LYS A 532 -26.87 -15.95 -10.87
N ALA A 533 -26.68 -16.73 -11.95
CA ALA A 533 -25.38 -17.35 -12.26
C ALA A 533 -24.29 -16.33 -12.60
N ILE A 534 -24.63 -15.24 -13.30
CA ILE A 534 -23.64 -14.21 -13.67
C ILE A 534 -23.15 -13.46 -12.42
N SER A 535 -24.08 -13.09 -11.52
CA SER A 535 -23.73 -12.37 -10.28
C SER A 535 -22.78 -13.16 -9.38
N THR A 536 -22.93 -14.50 -9.31
CA THR A 536 -22.07 -15.34 -8.47
C THR A 536 -20.66 -15.54 -9.07
N ARG A 537 -20.46 -15.22 -10.38
CA ARG A 537 -19.14 -15.39 -11.01
C ARG A 537 -18.12 -14.41 -10.42
N ASP A 538 -16.84 -14.76 -10.52
CA ASP A 538 -15.75 -13.94 -9.97
C ASP A 538 -15.52 -12.63 -10.76
N PRO A 539 -14.89 -11.57 -10.17
CA PRO A 539 -14.72 -10.32 -10.93
C PRO A 539 -14.03 -10.40 -12.29
N LEU A 540 -13.00 -11.24 -12.43
CA LEU A 540 -12.26 -11.36 -13.70
C LEU A 540 -12.77 -12.51 -14.58
N SER A 541 -14.07 -12.88 -14.47
CA SER A 541 -14.62 -13.94 -15.29
C SER A 541 -14.95 -13.41 -16.68
N GLU A 542 -14.88 -14.27 -17.69
CA GLU A 542 -15.12 -13.88 -19.08
C GLU A 542 -16.59 -13.52 -19.32
N ILE A 543 -16.90 -12.22 -19.40
CA ILE A 543 -18.26 -11.74 -19.66
C ILE A 543 -18.40 -11.65 -21.19
N THR A 544 -19.37 -12.38 -21.75
CA THR A 544 -19.60 -12.45 -23.20
C THR A 544 -20.36 -11.20 -23.69
N GLU A 545 -20.25 -10.87 -25.00
CA GLU A 545 -20.96 -9.74 -25.60
C GLU A 545 -22.47 -9.97 -25.59
N GLN A 546 -22.93 -11.21 -25.79
CA GLN A 546 -24.35 -11.55 -25.71
C GLN A 546 -24.84 -11.38 -24.26
N GLU A 547 -24.00 -11.76 -23.28
CA GLU A 547 -24.31 -11.59 -21.86
C GLU A 547 -24.36 -10.10 -21.50
N LYS A 548 -23.52 -9.26 -22.13
CA LYS A 548 -23.53 -7.80 -21.91
C LYS A 548 -24.85 -7.21 -22.39
N ASP A 549 -25.35 -7.64 -23.57
CA ASP A 549 -26.63 -7.18 -24.10
C ASP A 549 -27.78 -7.67 -23.21
N PHE A 550 -27.69 -8.92 -22.73
CA PHE A 550 -28.69 -9.51 -21.83
C PHE A 550 -28.76 -8.73 -20.51
N LEU A 551 -27.61 -8.32 -19.96
CA LEU A 551 -27.56 -7.55 -18.71
C LEU A 551 -28.09 -6.14 -18.93
N TRP A 552 -27.71 -5.48 -20.04
CA TRP A 552 -28.18 -4.13 -20.32
C TRP A 552 -29.69 -4.08 -20.61
N SER A 553 -30.24 -5.10 -21.29
CA SER A 553 -31.68 -5.13 -21.57
C SER A 553 -32.47 -5.31 -20.27
N HIS A 554 -31.97 -6.17 -19.36
CA HIS A 554 -32.62 -6.41 -18.07
C HIS A 554 -31.99 -5.52 -16.96
N ARG A 555 -31.68 -4.26 -17.29
CA ARG A 555 -31.05 -3.34 -16.33
C ARG A 555 -31.99 -2.95 -15.18
N HIS A 556 -33.27 -2.70 -15.46
CA HIS A 556 -34.24 -2.33 -14.43
C HIS A 556 -34.61 -3.53 -13.54
N TYR A 557 -34.57 -4.76 -14.09
CA TYR A 557 -34.87 -5.98 -13.32
C TYR A 557 -33.74 -6.32 -12.32
N CYS A 558 -32.52 -5.77 -12.50
CA CYS A 558 -31.39 -6.04 -11.60
C CYS A 558 -31.53 -5.41 -10.21
N VAL A 559 -32.62 -4.65 -9.92
CA VAL A 559 -32.80 -4.06 -8.58
C VAL A 559 -33.16 -5.13 -7.53
N THR A 560 -33.82 -6.23 -7.93
CA THR A 560 -34.17 -7.30 -6.99
C THR A 560 -32.92 -8.08 -6.52
N ILE A 561 -31.87 -8.15 -7.37
CA ILE A 561 -30.60 -8.82 -7.05
C ILE A 561 -29.50 -7.73 -7.12
N PRO A 562 -29.28 -6.94 -6.03
CA PRO A 562 -28.32 -5.82 -6.13
C PRO A 562 -26.84 -6.22 -6.26
N GLU A 563 -26.45 -7.46 -5.91
CA GLU A 563 -25.05 -7.89 -6.04
C GLU A 563 -24.52 -7.96 -7.49
N ILE A 564 -25.40 -7.85 -8.50
CA ILE A 564 -24.99 -7.90 -9.92
C ILE A 564 -24.53 -6.54 -10.48
N LEU A 565 -24.52 -5.46 -9.67
CA LEU A 565 -24.11 -4.13 -10.15
C LEU A 565 -22.68 -4.10 -10.77
N PRO A 566 -21.62 -4.74 -10.21
CA PRO A 566 -20.30 -4.69 -10.89
C PRO A 566 -20.31 -5.35 -12.28
N LYS A 567 -21.18 -6.35 -12.50
CA LYS A 567 -21.27 -7.03 -13.78
C LYS A 567 -22.04 -6.16 -14.79
N LEU A 568 -23.13 -5.52 -14.32
CA LEU A 568 -23.95 -4.62 -15.14
C LEU A 568 -23.16 -3.40 -15.62
N LEU A 569 -22.33 -2.81 -14.74
CA LEU A 569 -21.54 -1.62 -15.08
C LEU A 569 -20.51 -1.85 -16.19
N LEU A 570 -19.89 -3.04 -16.23
CA LEU A 570 -18.92 -3.35 -17.29
C LEU A 570 -19.62 -3.46 -18.66
N SER A 571 -20.88 -3.93 -18.68
CA SER A 571 -21.68 -4.04 -19.90
C SER A 571 -22.16 -2.68 -20.44
N VAL A 572 -22.10 -1.62 -19.62
CA VAL A 572 -22.53 -0.28 -20.03
C VAL A 572 -21.49 0.31 -20.98
N LYS A 573 -21.92 0.80 -22.16
CA LYS A 573 -21.00 1.43 -23.10
C LYS A 573 -20.72 2.82 -22.57
N TRP A 574 -19.58 3.00 -21.88
CA TRP A 574 -19.20 4.28 -21.29
C TRP A 574 -18.89 5.37 -22.34
N ASN A 575 -18.62 4.98 -23.61
CA ASN A 575 -18.38 5.93 -24.69
C ASN A 575 -19.69 6.31 -25.41
N SER A 576 -20.77 6.50 -24.64
CA SER A 576 -22.09 6.85 -25.16
C SER A 576 -22.93 7.52 -24.06
N ARG A 577 -23.28 8.80 -24.21
CA ARG A 577 -24.06 9.54 -23.19
C ARG A 577 -25.46 8.96 -22.93
N ASP A 578 -26.05 8.22 -23.89
CA ASP A 578 -27.39 7.64 -23.70
C ASP A 578 -27.36 6.54 -22.66
N GLU A 579 -26.37 5.63 -22.72
CA GLU A 579 -26.25 4.53 -21.77
C GLU A 579 -25.69 5.00 -20.42
N VAL A 580 -24.84 6.05 -20.40
CA VAL A 580 -24.27 6.57 -19.17
C VAL A 580 -25.37 7.24 -18.31
N ALA A 581 -26.17 8.13 -18.91
CA ALA A 581 -27.25 8.82 -18.20
C ALA A 581 -28.28 7.85 -17.60
N GLN A 582 -28.65 6.79 -18.33
CA GLN A 582 -29.60 5.79 -17.84
C GLN A 582 -29.02 5.02 -16.64
N MET A 583 -27.71 4.74 -16.66
CA MET A 583 -27.03 4.05 -15.57
C MET A 583 -26.98 4.94 -14.32
N TYR A 584 -26.72 6.26 -14.50
CA TYR A 584 -26.68 7.22 -13.39
C TYR A 584 -27.97 7.21 -12.56
N CYS A 585 -29.15 7.12 -13.22
CA CYS A 585 -30.43 7.07 -12.52
C CYS A 585 -30.60 5.76 -11.75
N LEU A 586 -30.13 4.64 -12.32
CA LEU A 586 -30.19 3.34 -11.66
C LEU A 586 -29.27 3.28 -10.44
N VAL A 587 -28.09 3.95 -10.51
CA VAL A 587 -27.14 3.99 -9.40
C VAL A 587 -27.75 4.81 -8.25
N LYS A 588 -28.37 5.96 -8.58
CA LYS A 588 -29.01 6.85 -7.61
C LYS A 588 -30.00 6.11 -6.69
N ASP A 589 -30.89 5.28 -7.26
CA ASP A 589 -31.88 4.52 -6.50
C ASP A 589 -31.56 3.00 -6.49
N TRP A 590 -30.28 2.63 -6.33
CA TRP A 590 -29.88 1.22 -6.30
C TRP A 590 -29.96 0.71 -4.84
N PRO A 591 -30.45 -0.52 -4.53
CA PRO A 591 -30.46 -0.96 -3.12
C PRO A 591 -29.05 -1.10 -2.50
N PRO A 592 -28.89 -1.07 -1.16
CA PRO A 592 -27.53 -1.20 -0.60
C PRO A 592 -26.92 -2.59 -0.81
N ILE A 593 -25.58 -2.67 -0.76
CA ILE A 593 -24.83 -3.92 -0.95
C ILE A 593 -23.83 -4.13 0.20
N LYS A 594 -23.32 -5.37 0.36
CA LYS A 594 -22.40 -5.71 1.44
C LYS A 594 -21.08 -4.89 1.35
N PRO A 595 -20.39 -4.57 2.48
CA PRO A 595 -19.14 -3.81 2.34
C PRO A 595 -18.06 -4.48 1.50
N GLU A 596 -17.99 -5.82 1.51
CA GLU A 596 -17.01 -6.56 0.71
C GLU A 596 -17.32 -6.39 -0.78
N GLN A 597 -18.60 -6.38 -1.16
CA GLN A 597 -19.02 -6.18 -2.55
C GLN A 597 -18.78 -4.73 -3.00
N ALA A 598 -18.96 -3.76 -2.09
CA ALA A 598 -18.73 -2.35 -2.40
C ALA A 598 -17.26 -2.02 -2.69
N MET A 599 -16.32 -2.77 -2.09
CA MET A 599 -14.89 -2.53 -2.33
C MET A 599 -14.52 -2.77 -3.79
N GLU A 600 -15.18 -3.77 -4.44
CA GLU A 600 -14.99 -4.09 -5.86
C GLU A 600 -15.20 -2.85 -6.74
N LEU A 601 -16.23 -2.05 -6.43
CA LEU A 601 -16.57 -0.86 -7.22
C LEU A 601 -15.63 0.34 -7.02
N LEU A 602 -14.51 0.19 -6.26
CA LEU A 602 -13.56 1.29 -6.06
C LEU A 602 -12.18 1.02 -6.70
N ASP A 603 -11.94 -0.16 -7.29
CA ASP A 603 -10.64 -0.45 -7.94
C ASP A 603 -10.50 0.32 -9.29
N CYS A 604 -9.35 0.17 -9.99
CA CYS A 604 -9.08 0.86 -11.26
C CYS A 604 -10.15 0.67 -12.35
N ASN A 605 -10.92 -0.43 -12.34
CA ASN A 605 -11.94 -0.68 -13.36
C ASN A 605 -13.19 0.21 -13.28
N TYR A 606 -13.52 0.78 -12.11
CA TYR A 606 -14.73 1.62 -11.95
C TYR A 606 -14.37 3.05 -11.49
N PRO A 607 -13.92 3.94 -12.40
CA PRO A 607 -13.56 5.31 -11.97
C PRO A 607 -14.71 6.34 -11.94
N ASP A 608 -15.92 5.97 -12.36
CA ASP A 608 -17.05 6.92 -12.42
C ASP A 608 -17.37 7.53 -11.02
N PRO A 609 -17.50 8.88 -10.85
CA PRO A 609 -17.79 9.41 -9.50
C PRO A 609 -19.08 8.92 -8.84
N MET A 610 -20.15 8.65 -9.62
CA MET A 610 -21.40 8.17 -9.04
C MET A 610 -21.28 6.72 -8.57
N VAL A 611 -20.49 5.89 -9.28
CA VAL A 611 -20.27 4.49 -8.90
C VAL A 611 -19.45 4.49 -7.60
N ARG A 612 -18.39 5.29 -7.55
CA ARG A 612 -17.52 5.40 -6.38
C ARG A 612 -18.29 5.96 -5.19
N GLY A 613 -19.13 6.97 -5.43
CA GLY A 613 -19.97 7.59 -4.41
C GLY A 613 -20.96 6.61 -3.80
N PHE A 614 -21.55 5.73 -4.62
CA PHE A 614 -22.47 4.71 -4.14
C PHE A 614 -21.72 3.72 -3.24
N ALA A 615 -20.52 3.31 -3.65
CA ALA A 615 -19.68 2.39 -2.88
C ALA A 615 -19.27 2.99 -1.55
N VAL A 616 -18.91 4.29 -1.51
CA VAL A 616 -18.53 4.95 -0.26
C VAL A 616 -19.76 5.05 0.65
N ARG A 617 -20.94 5.35 0.09
CA ARG A 617 -22.20 5.42 0.84
C ARG A 617 -22.53 4.08 1.50
N CYS A 618 -22.25 2.95 0.80
CA CYS A 618 -22.47 1.61 1.34
C CYS A 618 -21.53 1.34 2.53
N LEU A 619 -20.29 1.81 2.45
CA LEU A 619 -19.31 1.63 3.52
C LEU A 619 -19.60 2.54 4.72
N GLU A 620 -20.23 3.70 4.50
CA GLU A 620 -20.56 4.62 5.60
C GLU A 620 -21.60 4.00 6.53
N LYS A 621 -22.59 3.29 5.98
CA LYS A 621 -23.66 2.68 6.74
C LYS A 621 -23.36 1.26 7.25
N TYR A 622 -22.79 0.39 6.40
CA TYR A 622 -22.55 -1.02 6.76
C TYR A 622 -21.12 -1.42 7.13
N LEU A 623 -20.06 -0.73 6.66
CA LEU A 623 -18.69 -1.11 7.01
C LEU A 623 -18.39 -0.82 8.48
N THR A 624 -18.18 -1.86 9.28
CA THR A 624 -17.85 -1.75 10.70
C THR A 624 -16.36 -1.38 10.89
N ASP A 625 -15.99 -0.92 12.10
CA ASP A 625 -14.60 -0.55 12.40
C ASP A 625 -13.65 -1.76 12.34
N ASP A 626 -14.15 -2.98 12.59
CA ASP A 626 -13.35 -4.20 12.53
C ASP A 626 -12.91 -4.47 11.08
N LYS A 627 -13.86 -4.42 10.13
CA LYS A 627 -13.57 -4.68 8.72
C LYS A 627 -12.80 -3.51 8.11
N LEU A 628 -13.07 -2.27 8.55
CA LEU A 628 -12.33 -1.11 8.04
C LEU A 628 -10.85 -1.21 8.43
N SER A 629 -10.55 -1.64 9.67
CA SER A 629 -9.16 -1.83 10.11
C SER A 629 -8.52 -3.00 9.34
N GLN A 630 -9.30 -4.08 9.10
CA GLN A 630 -8.83 -5.26 8.40
C GLN A 630 -8.44 -4.95 6.94
N TYR A 631 -9.34 -4.30 6.17
CA TYR A 631 -9.08 -3.96 4.77
C TYR A 631 -8.56 -2.53 4.58
N LEU A 632 -7.85 -1.98 5.58
CA LEU A 632 -7.34 -0.61 5.51
C LEU A 632 -6.17 -0.47 4.53
N ILE A 633 -5.32 -1.52 4.41
CA ILE A 633 -4.16 -1.50 3.50
C ILE A 633 -4.61 -1.20 2.05
N GLN A 634 -5.68 -1.88 1.60
CA GLN A 634 -6.20 -1.69 0.24
C GLN A 634 -6.91 -0.34 0.07
N LEU A 635 -7.72 0.07 1.05
CA LEU A 635 -8.45 1.34 0.95
C LEU A 635 -7.53 2.56 0.87
N VAL A 636 -6.32 2.50 1.45
CA VAL A 636 -5.34 3.59 1.35
C VAL A 636 -4.76 3.60 -0.08
N GLN A 637 -4.47 2.42 -0.65
CA GLN A 637 -3.95 2.30 -2.03
C GLN A 637 -4.99 2.73 -3.07
N VAL A 638 -6.29 2.51 -2.78
CA VAL A 638 -7.41 2.89 -3.66
C VAL A 638 -7.46 4.41 -3.87
N LEU A 639 -7.02 5.21 -2.87
CA LEU A 639 -6.97 6.67 -3.00
C LEU A 639 -6.11 7.12 -4.19
N LYS A 640 -5.14 6.31 -4.62
CA LYS A 640 -4.28 6.62 -5.76
C LYS A 640 -5.02 6.51 -7.09
N TYR A 641 -6.04 5.63 -7.18
CA TYR A 641 -6.84 5.50 -8.39
C TYR A 641 -7.80 6.69 -8.60
N GLU A 642 -8.13 7.43 -7.52
CA GLU A 642 -9.06 8.55 -7.61
C GLU A 642 -8.49 9.66 -8.49
N GLN A 643 -9.35 10.30 -9.28
CA GLN A 643 -8.94 11.36 -10.20
C GLN A 643 -8.56 12.65 -9.49
N TYR A 644 -9.27 13.02 -8.42
CA TYR A 644 -9.06 14.29 -7.72
C TYR A 644 -8.66 14.10 -6.25
N LEU A 645 -8.07 15.15 -5.66
CA LEU A 645 -7.64 15.13 -4.26
C LEU A 645 -8.88 15.14 -3.37
N ASP A 646 -9.84 16.05 -3.63
CA ASP A 646 -11.08 16.13 -2.85
C ASP A 646 -12.08 15.13 -3.43
N ASN A 647 -12.51 14.14 -2.62
CA ASN A 647 -13.47 13.11 -3.03
C ASN A 647 -14.20 12.51 -1.82
N LEU A 648 -15.29 11.76 -2.04
CA LEU A 648 -16.06 11.16 -0.96
C LEU A 648 -15.30 10.08 -0.17
N LEU A 649 -14.40 9.32 -0.83
CA LEU A 649 -13.64 8.27 -0.16
C LEU A 649 -12.60 8.85 0.82
N VAL A 650 -11.86 9.88 0.40
CA VAL A 650 -10.85 10.51 1.27
C VAL A 650 -11.52 11.17 2.49
N ARG A 651 -12.75 11.69 2.34
CA ARG A 651 -13.49 12.30 3.44
C ARG A 651 -13.95 11.21 4.42
N PHE A 652 -14.45 10.08 3.91
CA PHE A 652 -14.90 8.96 4.74
C PHE A 652 -13.74 8.36 5.55
N LEU A 653 -12.60 8.11 4.91
CA LEU A 653 -11.45 7.51 5.59
C LEU A 653 -10.85 8.45 6.64
N LEU A 654 -10.75 9.76 6.33
CA LEU A 654 -10.22 10.74 7.30
C LEU A 654 -11.19 10.90 8.47
N LYS A 655 -12.51 10.87 8.21
CA LYS A 655 -13.51 10.98 9.28
C LYS A 655 -13.37 9.81 10.25
N LYS A 656 -13.20 8.58 9.73
CA LYS A 656 -13.03 7.40 10.58
C LYS A 656 -11.66 7.39 11.29
N ALA A 657 -10.62 7.95 10.66
CA ALA A 657 -9.29 8.05 11.27
C ALA A 657 -9.30 9.00 12.46
N LEU A 658 -10.04 10.12 12.35
CA LEU A 658 -10.12 11.13 13.41
C LEU A 658 -11.14 10.80 14.51
N THR A 659 -12.02 9.80 14.31
CA THR A 659 -12.98 9.35 15.33
C THR A 659 -12.52 8.04 16.03
N ASN A 660 -11.53 7.33 15.47
CA ASN A 660 -11.00 6.08 16.01
C ASN A 660 -9.47 6.14 15.91
N GLN A 661 -8.76 6.07 17.05
CA GLN A 661 -7.30 6.14 17.08
C GLN A 661 -6.64 4.85 16.56
N ARG A 662 -7.28 3.68 16.72
CA ARG A 662 -6.71 2.43 16.20
C ARG A 662 -6.67 2.48 14.67
N ILE A 663 -7.74 2.97 14.03
CA ILE A 663 -7.78 3.10 12.57
C ILE A 663 -6.79 4.21 12.16
N GLY A 664 -6.87 5.35 12.83
CA GLY A 664 -6.01 6.50 12.58
C GLY A 664 -4.51 6.22 12.66
N HIS A 665 -4.07 5.35 13.57
CA HIS A 665 -2.66 5.01 13.73
C HIS A 665 -2.12 4.30 12.47
N PHE A 666 -2.79 3.22 12.02
CA PHE A 666 -2.35 2.50 10.83
C PHE A 666 -2.59 3.33 9.55
N PHE A 667 -3.63 4.21 9.55
CA PHE A 667 -3.90 5.12 8.43
C PHE A 667 -2.71 6.06 8.26
N PHE A 668 -2.16 6.58 9.37
CA PHE A 668 -0.99 7.44 9.36
C PHE A 668 0.23 6.69 8.80
N TRP A 669 0.52 5.49 9.29
CA TRP A 669 1.70 4.73 8.86
C TRP A 669 1.62 4.22 7.42
N HIS A 670 0.42 3.89 6.92
CA HIS A 670 0.29 3.44 5.52
C HIS A 670 0.57 4.60 4.56
N LEU A 671 0.20 5.85 4.93
CA LEU A 671 0.46 7.02 4.11
C LEU A 671 1.92 7.49 4.27
N LYS A 672 2.46 7.44 5.49
CA LYS A 672 3.85 7.83 5.79
C LYS A 672 4.86 6.98 5.01
N SER A 673 4.64 5.65 4.96
CA SER A 673 5.53 4.72 4.28
C SER A 673 5.79 5.05 2.80
N GLU A 674 4.77 5.55 2.07
CA GLU A 674 4.93 5.88 0.66
C GLU A 674 5.26 7.36 0.38
N MET A 675 5.69 8.14 1.39
CA MET A 675 6.04 9.55 1.16
C MET A 675 7.29 9.69 0.29
N HIS A 676 8.20 8.70 0.30
CA HIS A 676 9.38 8.71 -0.56
C HIS A 676 8.99 8.63 -2.06
N ASN A 677 7.87 7.95 -2.37
CA ASN A 677 7.39 7.80 -3.74
C ASN A 677 6.84 9.15 -4.21
N LYS A 678 7.47 9.76 -5.24
CA LYS A 678 7.07 11.07 -5.74
C LYS A 678 5.73 11.08 -6.49
N THR A 679 5.21 9.90 -6.89
CA THR A 679 3.92 9.84 -7.58
C THR A 679 2.75 10.16 -6.61
N VAL A 680 2.91 9.84 -5.31
CA VAL A 680 1.88 10.07 -4.30
C VAL A 680 2.28 11.08 -3.20
N SER A 681 3.52 11.61 -3.22
CA SER A 681 4.01 12.55 -2.21
C SER A 681 3.05 13.73 -1.92
N GLN A 682 2.48 14.35 -2.97
CA GLN A 682 1.56 15.47 -2.77
C GLN A 682 0.22 15.01 -2.19
N ARG A 683 -0.42 14.00 -2.82
CA ARG A 683 -1.71 13.47 -2.36
C ARG A 683 -1.66 12.98 -0.90
N PHE A 684 -0.67 12.14 -0.58
CA PHE A 684 -0.51 11.58 0.76
C PHE A 684 -0.02 12.63 1.77
N GLY A 685 0.84 13.55 1.33
CA GLY A 685 1.34 14.62 2.18
C GLY A 685 0.27 15.60 2.62
N LEU A 686 -0.63 15.98 1.70
CA LEU A 686 -1.75 16.88 2.01
C LEU A 686 -2.73 16.18 2.95
N LEU A 687 -2.99 14.88 2.72
CA LEU A 687 -3.90 14.09 3.56
C LEU A 687 -3.33 13.91 4.97
N LEU A 688 -2.01 13.71 5.09
CA LEU A 688 -1.36 13.58 6.40
C LEU A 688 -1.41 14.91 7.16
N GLU A 689 -1.34 16.06 6.46
CA GLU A 689 -1.41 17.38 7.09
C GLU A 689 -2.78 17.57 7.75
N SER A 690 -3.87 17.20 7.07
CA SER A 690 -5.22 17.32 7.62
C SER A 690 -5.40 16.38 8.81
N TYR A 691 -4.85 15.15 8.72
CA TYR A 691 -4.93 14.19 9.80
C TYR A 691 -4.18 14.67 11.05
N CYS A 692 -2.92 15.09 10.90
CA CYS A 692 -2.09 15.54 12.03
C CYS A 692 -2.65 16.79 12.72
N ARG A 693 -3.28 17.70 11.95
CA ARG A 693 -3.84 18.93 12.49
C ARG A 693 -5.07 18.67 13.39
N ALA A 694 -5.86 17.63 13.09
CA ALA A 694 -7.07 17.30 13.85
C ALA A 694 -6.97 16.08 14.77
N CYS A 695 -5.90 15.28 14.71
CA CYS A 695 -5.76 14.10 15.58
C CYS A 695 -5.59 14.49 17.05
N GLY A 696 -4.93 15.61 17.32
CA GLY A 696 -4.75 16.14 18.65
C GLY A 696 -3.54 15.61 19.40
N MET A 697 -3.76 15.10 20.63
CA MET A 697 -2.70 14.58 21.50
C MET A 697 -1.87 13.48 20.86
N TYR A 698 -2.47 12.65 19.98
CA TYR A 698 -1.74 11.57 19.34
C TYR A 698 -0.64 12.01 18.37
N LEU A 699 -0.60 13.30 17.96
CA LEU A 699 0.48 13.79 17.09
C LEU A 699 1.81 13.74 17.85
N LYS A 700 1.82 14.11 19.15
CA LYS A 700 3.02 14.06 19.98
C LYS A 700 3.49 12.61 20.18
N HIS A 701 2.55 11.67 20.31
CA HIS A 701 2.87 10.24 20.45
C HIS A 701 3.44 9.70 19.13
N LEU A 702 2.88 10.13 17.98
CA LEU A 702 3.37 9.70 16.67
C LEU A 702 4.76 10.28 16.40
N ASN A 703 5.05 11.52 16.85
CA ASN A 703 6.38 12.12 16.68
C ASN A 703 7.43 11.32 17.45
N ARG A 704 7.07 10.79 18.64
CA ARG A 704 7.99 9.95 19.41
C ARG A 704 8.31 8.65 18.65
N GLN A 705 7.31 8.09 17.95
CA GLN A 705 7.49 6.88 17.14
C GLN A 705 8.35 7.18 15.92
N VAL A 706 8.09 8.32 15.23
CA VAL A 706 8.84 8.72 14.04
C VAL A 706 10.32 8.95 14.42
N GLU A 707 10.58 9.70 15.50
CA GLU A 707 11.95 9.97 15.94
C GLU A 707 12.69 8.68 16.34
N ALA A 708 12.01 7.72 16.97
CA ALA A 708 12.61 6.43 17.32
C ALA A 708 12.94 5.62 16.08
N MET A 709 12.06 5.65 15.06
CA MET A 709 12.29 4.92 13.81
C MET A 709 13.40 5.58 12.99
N GLU A 710 13.55 6.92 13.05
CA GLU A 710 14.61 7.63 12.33
C GLU A 710 15.98 7.24 12.89
N LYS A 711 16.11 7.12 14.22
CA LYS A 711 17.38 6.71 14.83
C LYS A 711 17.74 5.27 14.45
N LEU A 712 16.74 4.38 14.32
CA LEU A 712 16.98 2.99 13.92
C LEU A 712 17.41 2.93 12.44
N ILE A 713 16.85 3.81 11.57
CA ILE A 713 17.25 3.85 10.16
C ILE A 713 18.72 4.26 10.08
N ASN A 714 19.08 5.37 10.76
CA ASN A 714 20.46 5.86 10.77
C ASN A 714 21.43 4.83 11.36
N LEU A 715 21.06 4.16 12.45
CA LEU A 715 21.93 3.16 13.08
C LEU A 715 22.20 1.97 12.15
N THR A 716 21.20 1.52 11.38
CA THR A 716 21.39 0.42 10.44
C THR A 716 22.17 0.87 9.20
N ASP A 717 21.99 2.13 8.75
CA ASP A 717 22.73 2.67 7.60
C ASP A 717 24.24 2.71 7.84
N ILE A 718 24.67 2.89 9.10
CA ILE A 718 26.10 2.93 9.47
C ILE A 718 26.67 1.52 9.36
N LEU A 719 25.94 0.52 9.85
CA LEU A 719 26.39 -0.88 9.82
C LEU A 719 26.44 -1.49 8.40
N LYS A 720 25.86 -0.82 7.39
CA LYS A 720 25.83 -1.32 6.01
C LYS A 720 26.82 -0.63 5.09
N GLN A 721 27.15 0.66 5.36
CA GLN A 721 28.07 1.42 4.51
C GLN A 721 29.43 1.65 5.19
N GLU A 722 29.44 2.13 6.45
CA GLU A 722 30.68 2.42 7.16
C GLU A 722 31.32 1.16 7.75
N LYS A 723 30.54 0.34 8.47
CA LYS A 723 31.05 -0.90 9.09
C LYS A 723 30.62 -2.10 8.24
N LYS A 724 30.80 -2.00 6.92
CA LYS A 724 30.41 -3.04 5.98
C LYS A 724 31.36 -4.25 6.06
N ASP A 725 32.68 -4.02 5.98
CA ASP A 725 33.69 -5.08 6.03
C ASP A 725 34.29 -5.19 7.44
N GLU A 726 33.44 -5.34 8.47
CA GLU A 726 33.86 -5.48 9.87
C GLU A 726 33.27 -6.73 10.51
N THR A 727 33.95 -7.23 11.56
CA THR A 727 33.56 -8.45 12.27
C THR A 727 32.28 -8.22 13.10
N GLN A 728 31.56 -9.31 13.41
CA GLN A 728 30.34 -9.29 14.23
C GLN A 728 30.64 -8.77 15.63
N LYS A 729 31.76 -9.19 16.23
CA LYS A 729 32.18 -8.75 17.57
C LYS A 729 32.43 -7.23 17.60
N VAL A 730 33.01 -6.67 16.53
CA VAL A 730 33.29 -5.23 16.45
C VAL A 730 31.97 -4.46 16.26
N GLN A 731 31.08 -4.96 15.38
CA GLN A 731 29.78 -4.33 15.14
C GLN A 731 28.89 -4.34 16.38
N MET A 732 28.92 -5.42 17.17
CA MET A 732 28.13 -5.51 18.40
C MET A 732 28.64 -4.53 19.46
N LYS A 733 29.96 -4.29 19.52
CA LYS A 733 30.53 -3.33 20.47
C LYS A 733 30.06 -1.92 20.09
N PHE A 734 30.07 -1.58 18.79
CA PHE A 734 29.61 -0.28 18.31
C PHE A 734 28.11 -0.10 18.55
N LEU A 735 27.32 -1.16 18.34
CA LEU A 735 25.87 -1.13 18.54
C LEU A 735 25.51 -0.80 20.00
N VAL A 736 26.15 -1.46 20.97
CA VAL A 736 25.86 -1.23 22.39
C VAL A 736 26.32 0.17 22.82
N GLU A 737 27.54 0.59 22.44
CA GLU A 737 28.08 1.91 22.78
C GLU A 737 27.18 3.06 22.30
N GLN A 738 26.64 2.96 21.07
CA GLN A 738 25.77 4.01 20.52
C GLN A 738 24.41 4.02 21.21
N MET A 739 23.87 2.83 21.54
CA MET A 739 22.58 2.72 22.21
C MET A 739 22.63 3.21 23.66
N ARG A 740 23.78 3.03 24.34
CA ARG A 740 23.94 3.46 25.74
C ARG A 740 23.96 5.00 25.90
N ARG A 741 24.19 5.77 24.82
CA ARG A 741 24.24 7.24 24.92
C ARG A 741 22.85 7.81 25.29
N PRO A 742 22.74 8.95 26.03
CA PRO A 742 21.41 9.43 26.44
C PRO A 742 20.48 9.90 25.30
N ASP A 743 21.02 10.34 24.16
CA ASP A 743 20.17 10.78 23.05
C ASP A 743 19.37 9.60 22.48
N PHE A 744 19.99 8.43 22.36
CA PHE A 744 19.35 7.23 21.84
C PHE A 744 18.42 6.61 22.89
N MET A 745 18.78 6.70 24.19
CA MET A 745 17.95 6.15 25.26
C MET A 745 16.66 6.97 25.42
N ASP A 746 16.74 8.31 25.39
CA ASP A 746 15.55 9.15 25.51
C ASP A 746 14.52 8.92 24.40
N ALA A 747 14.99 8.76 23.15
CA ALA A 747 14.11 8.55 22.00
C ALA A 747 13.45 7.17 21.94
N LEU A 748 14.22 6.09 22.21
CA LEU A 748 13.70 4.71 22.12
C LEU A 748 13.15 4.13 23.44
N GLN A 749 12.80 4.96 24.44
CA GLN A 749 12.21 4.48 25.69
C GLN A 749 11.01 5.35 26.03
N GLY A 750 9.87 4.73 26.31
CA GLY A 750 8.65 5.45 26.65
C GLY A 750 7.89 5.94 25.44
N PHE A 751 7.55 5.02 24.53
CA PHE A 751 6.78 5.34 23.31
C PHE A 751 5.95 4.12 22.88
N LEU A 752 4.87 4.36 22.13
CA LEU A 752 3.96 3.30 21.71
C LEU A 752 4.53 2.49 20.53
N SER A 753 4.24 1.18 20.50
CA SER A 753 4.75 0.30 19.45
C SER A 753 4.07 0.60 18.09
N PRO A 754 4.79 0.85 16.96
CA PRO A 754 4.08 1.07 15.69
C PRO A 754 3.33 -0.14 15.14
N LEU A 755 3.68 -1.38 15.55
CA LEU A 755 2.97 -2.58 15.09
C LEU A 755 1.61 -2.74 15.78
N ASN A 756 1.44 -2.22 17.00
CA ASN A 756 0.18 -2.27 17.74
C ASN A 756 0.13 -1.08 18.71
N PRO A 757 -0.78 -0.07 18.54
CA PRO A 757 -0.78 1.07 19.46
C PRO A 757 -1.19 0.73 20.91
N ALA A 758 -1.92 -0.38 21.12
CA ALA A 758 -2.30 -0.81 22.46
C ALA A 758 -1.05 -1.25 23.25
N HIS A 759 -0.13 -1.97 22.60
CA HIS A 759 1.11 -2.39 23.24
C HIS A 759 2.05 -1.19 23.31
N GLN A 760 2.74 -1.00 24.45
CA GLN A 760 3.67 0.12 24.61
C GLN A 760 5.07 -0.36 24.97
N LEU A 761 6.09 0.39 24.53
CA LEU A 761 7.51 0.06 24.72
C LEU A 761 8.13 0.95 25.78
N GLY A 762 8.64 0.35 26.85
CA GLY A 762 9.26 1.07 27.96
C GLY A 762 10.77 1.11 27.85
N ASN A 763 11.49 0.74 28.93
CA ASN A 763 12.95 0.75 28.95
C ASN A 763 13.52 -0.38 28.10
N LEU A 764 14.60 -0.11 27.36
CA LEU A 764 15.22 -1.12 26.51
C LEU A 764 16.06 -2.10 27.32
N ARG A 765 16.13 -3.35 26.87
CA ARG A 765 16.99 -4.38 27.45
C ARG A 765 18.11 -4.53 26.43
N LEU A 766 19.18 -3.73 26.59
CA LEU A 766 20.29 -3.72 25.64
C LEU A 766 21.08 -5.02 25.63
N GLU A 767 21.08 -5.79 26.74
CA GLU A 767 21.77 -7.07 26.79
C GLU A 767 21.14 -8.10 25.81
N GLU A 768 19.83 -7.98 25.53
CA GLU A 768 19.12 -8.88 24.62
C GLU A 768 19.17 -8.41 23.15
N CYS A 769 19.45 -7.12 22.89
CA CYS A 769 19.52 -6.59 21.53
C CYS A 769 20.74 -7.16 20.80
N ARG A 770 20.60 -7.49 19.50
CA ARG A 770 21.69 -8.09 18.72
C ARG A 770 21.46 -7.96 17.22
N ILE A 771 22.55 -8.02 16.42
CA ILE A 771 22.45 -7.97 14.97
C ILE A 771 22.24 -9.41 14.50
N MET A 772 21.10 -9.70 13.85
CA MET A 772 20.78 -11.06 13.39
C MET A 772 21.61 -11.46 12.17
N SER A 773 21.78 -12.77 11.98
CA SER A 773 22.52 -13.32 10.83
C SER A 773 21.63 -13.50 9.58
N SER A 774 20.35 -13.04 9.61
CA SER A 774 19.43 -13.17 8.47
C SER A 774 19.77 -12.18 7.33
N ALA A 775 19.09 -12.30 6.17
CA ALA A 775 19.33 -11.43 5.01
C ALA A 775 19.21 -9.95 5.37
N LYS A 776 20.13 -9.11 4.85
CA LYS A 776 20.20 -7.67 5.10
C LYS A 776 20.43 -7.33 6.59
N ARG A 777 21.11 -8.22 7.35
CA ARG A 777 21.45 -8.05 8.78
C ARG A 777 20.36 -7.29 9.61
N PRO A 778 19.18 -7.90 9.86
CA PRO A 778 18.16 -7.16 10.63
C PRO A 778 18.51 -7.03 12.11
N LEU A 779 18.09 -5.93 12.74
CA LEU A 779 18.40 -5.64 14.14
C LEU A 779 17.30 -6.13 15.09
N TRP A 780 17.67 -7.00 16.04
CA TRP A 780 16.76 -7.53 17.05
C TRP A 780 16.68 -6.51 18.19
N LEU A 781 15.46 -6.13 18.60
CA LEU A 781 15.24 -5.15 19.66
C LEU A 781 14.33 -5.75 20.74
N ASN A 782 14.61 -5.45 22.02
CA ASN A 782 13.82 -5.95 23.14
C ASN A 782 13.49 -4.80 24.09
N TRP A 783 12.19 -4.63 24.41
CA TRP A 783 11.71 -3.58 25.32
C TRP A 783 10.96 -4.19 26.49
N GLU A 784 11.08 -3.57 27.67
CA GLU A 784 10.36 -4.01 28.85
C GLU A 784 8.93 -3.48 28.75
N ASN A 785 7.92 -4.32 29.04
CA ASN A 785 6.54 -3.87 29.01
C ASN A 785 6.33 -3.04 30.29
N PRO A 786 6.16 -1.69 30.23
CA PRO A 786 6.01 -0.91 31.47
C PRO A 786 4.61 -0.97 32.11
N ASP A 787 3.69 -1.78 31.56
CA ASP A 787 2.35 -1.88 32.12
C ASP A 787 2.43 -2.50 33.52
N ILE A 788 1.67 -1.93 34.47
CA ILE A 788 1.64 -2.42 35.86
C ILE A 788 1.35 -3.93 35.96
N MET A 789 0.51 -4.50 35.06
CA MET A 789 0.17 -5.92 35.07
C MET A 789 0.73 -6.61 33.82
N SER A 790 2.04 -6.43 33.57
CA SER A 790 2.71 -7.02 32.40
C SER A 790 2.86 -8.54 32.49
N GLU A 791 3.19 -9.07 33.68
CA GLU A 791 3.38 -10.51 33.91
C GLU A 791 2.21 -11.43 33.45
N LEU A 792 0.98 -10.90 33.36
CA LEU A 792 -0.17 -11.72 32.96
C LEU A 792 -0.31 -11.91 31.45
N LEU A 793 0.16 -10.96 30.62
CA LEU A 793 0.07 -11.08 29.15
C LEU A 793 1.48 -11.38 28.56
N PHE A 794 2.44 -10.45 28.67
CA PHE A 794 3.81 -10.64 28.18
C PHE A 794 4.77 -9.60 28.76
N GLN A 795 5.95 -10.03 29.23
CA GLN A 795 6.94 -9.13 29.82
C GLN A 795 7.85 -8.52 28.76
N ASN A 796 8.29 -9.31 27.77
CA ASN A 796 9.22 -8.86 26.73
C ASN A 796 8.50 -8.55 25.42
N ASN A 797 8.60 -7.29 24.94
CA ASN A 797 8.03 -6.89 23.67
C ASN A 797 9.17 -6.81 22.66
N GLU A 798 9.48 -7.93 22.01
CA GLU A 798 10.57 -8.03 21.05
C GLU A 798 10.06 -7.71 19.64
N ILE A 799 10.81 -6.88 18.88
CA ILE A 799 10.45 -6.48 17.51
C ILE A 799 11.71 -6.49 16.65
N ILE A 800 11.67 -7.15 15.47
CA ILE A 800 12.81 -7.21 14.55
C ILE A 800 12.71 -6.04 13.56
N PHE A 801 13.65 -5.08 13.64
CA PHE A 801 13.68 -3.94 12.72
C PHE A 801 14.53 -4.34 11.51
N LYS A 802 14.03 -4.12 10.28
CA LYS A 802 14.79 -4.49 9.08
C LYS A 802 14.77 -3.36 8.04
N ASN A 803 15.95 -3.05 7.47
CA ASN A 803 16.12 -2.02 6.45
C ASN A 803 16.90 -2.63 5.28
N GLY A 804 16.24 -2.77 4.13
CA GLY A 804 16.86 -3.34 2.95
C GLY A 804 15.85 -3.95 2.01
N ASP A 805 15.06 -4.90 2.52
CA ASP A 805 14.04 -5.59 1.73
C ASP A 805 12.68 -4.88 1.85
N ASP A 806 11.86 -4.97 0.81
CA ASP A 806 10.54 -4.36 0.79
C ASP A 806 9.55 -5.32 1.45
N LEU A 807 8.97 -4.94 2.61
CA LEU A 807 8.03 -5.79 3.33
C LEU A 807 6.56 -5.46 3.01
N ARG A 808 6.28 -4.89 1.84
CA ARG A 808 4.90 -4.61 1.42
C ARG A 808 4.21 -5.94 1.02
N GLN A 809 4.96 -6.90 0.46
CA GLN A 809 4.43 -8.20 0.07
C GLN A 809 4.10 -9.03 1.30
N ASP A 810 4.96 -8.97 2.34
CA ASP A 810 4.71 -9.69 3.59
C ASP A 810 3.49 -9.09 4.30
N MET A 811 3.34 -7.75 4.26
CA MET A 811 2.18 -7.07 4.84
C MET A 811 0.88 -7.57 4.20
N LEU A 812 0.86 -7.67 2.86
CA LEU A 812 -0.33 -8.12 2.12
C LEU A 812 -0.59 -9.61 2.35
N THR A 813 0.47 -10.44 2.36
CA THR A 813 0.31 -11.88 2.58
C THR A 813 -0.23 -12.18 3.98
N LEU A 814 0.36 -11.57 5.03
CA LEU A 814 -0.09 -11.78 6.40
C LEU A 814 -1.48 -11.20 6.65
N GLN A 815 -1.88 -10.13 5.94
CA GLN A 815 -3.21 -9.55 6.05
C GLN A 815 -4.23 -10.53 5.45
N ILE A 816 -3.90 -11.12 4.27
CA ILE A 816 -4.78 -12.09 3.61
C ILE A 816 -4.88 -13.38 4.46
N ILE A 817 -3.79 -13.81 5.12
CA ILE A 817 -3.83 -14.99 6.00
C ILE A 817 -4.83 -14.75 7.16
N ARG A 818 -4.86 -13.53 7.73
CA ARG A 818 -5.81 -13.19 8.79
C ARG A 818 -7.26 -13.24 8.30
N ILE A 819 -7.50 -12.79 7.05
CA ILE A 819 -8.83 -12.81 6.44
C ILE A 819 -9.26 -14.26 6.18
N MET A 820 -8.33 -15.11 5.72
CA MET A 820 -8.59 -16.54 5.48
C MET A 820 -8.94 -17.22 6.81
N GLU A 821 -8.19 -16.90 7.87
CA GLU A 821 -8.43 -17.44 9.22
C GLU A 821 -9.81 -17.02 9.71
N ASN A 822 -10.16 -15.73 9.55
CA ASN A 822 -11.46 -15.19 9.98
C ASN A 822 -12.63 -15.87 9.27
N ILE A 823 -12.49 -16.15 7.95
CA ILE A 823 -13.54 -16.82 7.19
C ILE A 823 -13.71 -18.27 7.70
N TRP A 824 -12.60 -18.98 7.93
CA TRP A 824 -12.66 -20.35 8.45
C TRP A 824 -13.27 -20.40 9.86
N GLN A 825 -12.89 -19.46 10.74
CA GLN A 825 -13.40 -19.42 12.11
C GLN A 825 -14.93 -19.23 12.13
N ASN A 826 -15.47 -18.34 11.28
CA ASN A 826 -16.91 -18.12 11.21
C ASN A 826 -17.68 -19.35 10.71
N GLN A 827 -17.08 -20.13 9.78
CA GLN A 827 -17.73 -21.35 9.27
C GLN A 827 -17.72 -22.52 10.27
N GLY A 828 -16.87 -22.46 11.30
CA GLY A 828 -16.75 -23.51 12.30
C GLY A 828 -15.52 -24.38 12.07
N LEU A 829 -14.37 -23.72 11.86
CA LEU A 829 -13.08 -24.39 11.62
C LEU A 829 -12.04 -23.75 12.52
N ASP A 830 -11.43 -24.52 13.42
CA ASP A 830 -10.42 -24.00 14.35
C ASP A 830 -9.00 -24.14 13.75
N LEU A 831 -8.82 -23.73 12.48
CA LEU A 831 -7.50 -23.78 11.85
C LEU A 831 -6.75 -22.55 12.32
N ARG A 832 -6.00 -22.71 13.43
CA ARG A 832 -5.31 -21.61 14.08
C ARG A 832 -4.10 -21.11 13.28
N MET A 833 -4.27 -19.98 12.60
CA MET A 833 -3.20 -19.33 11.83
C MET A 833 -2.49 -18.32 12.73
N LEU A 834 -1.27 -17.93 12.37
CA LEU A 834 -0.52 -16.94 13.15
C LEU A 834 -0.15 -15.75 12.22
N PRO A 835 -1.09 -14.82 11.95
CA PRO A 835 -0.74 -13.66 11.12
C PRO A 835 -0.02 -12.61 11.97
N TYR A 836 1.27 -12.82 12.21
CA TYR A 836 2.07 -11.91 13.03
C TYR A 836 2.14 -10.51 12.42
N GLY A 837 2.32 -9.51 13.27
CA GLY A 837 2.38 -8.11 12.86
C GLY A 837 3.54 -7.77 11.95
N CYS A 838 3.25 -7.04 10.86
CA CYS A 838 4.25 -6.59 9.90
C CYS A 838 3.78 -5.24 9.36
N LEU A 839 4.68 -4.23 9.33
CA LEU A 839 4.30 -2.90 8.88
C LEU A 839 5.46 -2.19 8.19
N SER A 840 5.24 -1.77 6.93
CA SER A 840 6.22 -1.01 6.18
C SER A 840 6.14 0.44 6.66
N ILE A 841 7.29 1.07 6.97
CA ILE A 841 7.34 2.46 7.47
C ILE A 841 8.16 3.43 6.58
N GLY A 842 8.73 2.94 5.47
CA GLY A 842 9.51 3.79 4.59
C GLY A 842 9.97 3.06 3.34
N ASP A 843 10.97 3.62 2.64
CA ASP A 843 11.50 3.01 1.42
C ASP A 843 12.33 1.79 1.80
N CYS A 844 11.70 0.60 1.74
CA CYS A 844 12.31 -0.69 2.11
C CYS A 844 12.73 -0.73 3.58
N VAL A 845 11.92 -0.12 4.46
CA VAL A 845 12.13 -0.08 5.91
C VAL A 845 10.82 -0.57 6.53
N GLY A 846 10.91 -1.47 7.51
CA GLY A 846 9.73 -2.00 8.18
C GLY A 846 10.01 -2.70 9.48
N LEU A 847 8.94 -3.16 10.15
CA LEU A 847 9.01 -3.83 11.45
C LEU A 847 8.30 -5.19 11.39
N ILE A 848 8.83 -6.19 12.13
CA ILE A 848 8.28 -7.54 12.18
C ILE A 848 8.08 -7.93 13.65
N GLU A 849 6.89 -8.43 14.00
CA GLU A 849 6.58 -8.84 15.37
C GLU A 849 7.25 -10.19 15.66
N VAL A 850 7.85 -10.32 16.84
CA VAL A 850 8.52 -11.56 17.26
C VAL A 850 7.50 -12.47 17.94
N VAL A 851 7.43 -13.72 17.49
CA VAL A 851 6.55 -14.72 18.09
C VAL A 851 7.35 -15.36 19.22
N ARG A 852 6.86 -15.30 20.46
CA ARG A 852 7.59 -15.84 21.61
C ARG A 852 7.61 -17.36 21.60
N ASN A 853 8.74 -17.96 22.05
CA ASN A 853 8.97 -19.40 22.10
C ASN A 853 8.74 -20.08 20.74
N SER A 854 9.38 -19.55 19.69
CA SER A 854 9.28 -20.08 18.33
C SER A 854 10.65 -20.37 17.77
N HIS A 855 10.78 -21.49 17.03
CA HIS A 855 12.06 -21.93 16.44
C HIS A 855 11.83 -22.46 15.04
N THR A 856 12.85 -22.35 14.17
CA THR A 856 12.76 -22.86 12.80
C THR A 856 12.96 -24.39 12.80
N ILE A 857 12.59 -25.06 11.70
CA ILE A 857 12.76 -26.51 11.59
C ILE A 857 14.26 -26.85 11.61
N MET A 858 15.10 -26.03 10.96
CA MET A 858 16.56 -26.21 10.94
C MET A 858 17.13 -26.14 12.37
N GLN A 859 16.65 -25.20 13.20
CA GLN A 859 17.10 -25.05 14.58
C GLN A 859 16.72 -26.27 15.44
N ILE A 860 15.52 -26.80 15.24
CA ILE A 860 15.05 -27.99 15.98
C ILE A 860 15.89 -29.20 15.55
N GLN A 861 16.14 -29.35 14.24
CA GLN A 861 16.94 -30.45 13.71
C GLN A 861 18.41 -30.38 14.16
N CYS A 862 18.97 -29.17 14.30
CA CYS A 862 20.35 -28.98 14.74
C CYS A 862 20.56 -29.38 16.21
N LYS A 863 19.52 -29.32 17.05
CA LYS A 863 19.63 -29.71 18.46
C LYS A 863 19.78 -31.23 18.59
N GLY A 864 18.92 -31.98 17.89
CA GLY A 864 18.95 -33.44 17.92
C GLY A 864 18.41 -34.01 19.21
N GLN A 871 23.73 -34.23 12.86
CA GLN A 871 22.93 -35.36 12.41
C GLN A 871 21.51 -35.26 12.97
N PHE A 872 20.50 -35.65 12.17
CA PHE A 872 19.10 -35.62 12.58
C PHE A 872 18.26 -36.62 11.79
N ASN A 873 17.23 -37.19 12.46
CA ASN A 873 16.30 -38.16 11.86
C ASN A 873 14.95 -37.45 11.54
N SER A 874 14.06 -38.13 10.80
CA SER A 874 12.75 -37.58 10.46
C SER A 874 11.88 -37.38 11.71
N HIS A 875 12.06 -38.22 12.75
CA HIS A 875 11.30 -38.12 13.99
C HIS A 875 11.89 -37.11 14.99
N THR A 876 12.85 -36.24 14.58
CA THR A 876 13.45 -35.25 15.48
C THR A 876 12.42 -34.17 15.87
N LEU A 877 11.62 -33.68 14.90
CA LEU A 877 10.60 -32.68 15.16
C LEU A 877 9.52 -33.24 16.11
N HIS A 878 9.16 -34.52 15.96
CA HIS A 878 8.17 -35.17 16.82
C HIS A 878 8.73 -35.42 18.22
N GLN A 879 10.01 -35.82 18.32
CA GLN A 879 10.66 -36.05 19.61
C GLN A 879 10.81 -34.73 20.37
N TRP A 880 11.13 -33.63 19.67
CA TRP A 880 11.25 -32.30 20.28
C TRP A 880 9.92 -31.85 20.87
N LEU A 881 8.80 -32.11 20.17
CA LEU A 881 7.47 -31.76 20.65
C LEU A 881 7.07 -32.63 21.85
N LYS A 882 7.49 -33.92 21.87
CA LYS A 882 7.22 -34.83 22.98
C LYS A 882 7.90 -34.34 24.27
N ASP A 883 9.13 -33.81 24.16
CA ASP A 883 9.86 -33.31 25.32
C ASP A 883 9.24 -32.03 25.90
N LYS A 884 8.77 -31.12 25.02
CA LYS A 884 8.15 -29.87 25.47
C LYS A 884 6.74 -30.11 26.01
N ASN A 885 5.93 -30.92 25.32
CA ASN A 885 4.56 -31.23 25.73
C ASN A 885 4.48 -32.67 26.27
N LYS A 886 4.38 -32.83 27.60
CA LYS A 886 4.33 -34.13 28.26
C LYS A 886 2.99 -34.32 28.98
N GLY A 887 2.46 -35.54 28.95
CA GLY A 887 1.21 -35.86 29.61
C GLY A 887 -0.03 -35.48 28.82
N GLU A 888 -1.02 -34.85 29.49
CA GLU A 888 -2.26 -34.44 28.84
C GLU A 888 -2.08 -33.37 27.76
N ILE A 889 -1.04 -32.51 27.87
CA ILE A 889 -0.79 -31.45 26.88
C ILE A 889 -0.14 -31.99 25.57
N TYR A 890 0.07 -33.32 25.45
CA TYR A 890 0.61 -33.90 24.22
C TYR A 890 -0.47 -33.94 23.13
N ASP A 891 -1.69 -34.39 23.48
CA ASP A 891 -2.79 -34.46 22.53
C ASP A 891 -3.19 -33.08 22.01
N ALA A 892 -3.15 -32.05 22.87
CA ALA A 892 -3.46 -30.68 22.47
C ALA A 892 -2.42 -30.15 21.48
N ALA A 893 -1.13 -30.48 21.69
CA ALA A 893 -0.04 -30.05 20.81
C ALA A 893 -0.16 -30.67 19.42
N ILE A 894 -0.51 -31.96 19.33
CA ILE A 894 -0.63 -32.64 18.03
C ILE A 894 -1.85 -32.08 17.30
N ASP A 895 -2.97 -31.86 18.01
CA ASP A 895 -4.17 -31.27 17.43
C ASP A 895 -3.86 -29.86 16.89
N LEU A 896 -3.21 -29.02 17.70
CA LEU A 896 -2.83 -27.66 17.29
C LEU A 896 -1.87 -27.67 16.10
N PHE A 897 -0.92 -28.62 16.07
CA PHE A 897 0.01 -28.74 14.95
C PHE A 897 -0.72 -29.10 13.66
N THR A 898 -1.64 -30.08 13.73
CA THR A 898 -2.42 -30.52 12.56
C THR A 898 -3.36 -29.40 12.08
N ARG A 899 -4.02 -28.69 13.02
CA ARG A 899 -4.95 -27.61 12.69
C ARG A 899 -4.21 -26.45 12.00
N SER A 900 -3.04 -26.06 12.52
CA SER A 900 -2.25 -24.98 11.93
C SER A 900 -1.62 -25.40 10.60
N CYS A 901 -1.15 -26.65 10.50
CA CYS A 901 -0.52 -27.17 9.28
C CYS A 901 -1.53 -27.24 8.13
N ALA A 902 -2.79 -27.62 8.40
CA ALA A 902 -3.83 -27.70 7.37
C ALA A 902 -4.14 -26.32 6.80
N GLY A 903 -4.18 -25.30 7.66
CA GLY A 903 -4.44 -23.93 7.24
C GLY A 903 -3.36 -23.41 6.31
N TYR A 904 -2.09 -23.56 6.68
CA TYR A 904 -0.97 -23.10 5.85
C TYR A 904 -0.81 -23.92 4.56
N CYS A 905 -1.14 -25.22 4.56
CA CYS A 905 -1.05 -26.03 3.34
C CYS A 905 -2.01 -25.49 2.27
N VAL A 906 -3.18 -24.99 2.68
CA VAL A 906 -4.19 -24.44 1.78
C VAL A 906 -3.87 -22.97 1.43
N ALA A 907 -3.56 -22.14 2.43
CA ALA A 907 -3.24 -20.73 2.22
C ALA A 907 -2.03 -20.52 1.31
N THR A 908 -0.94 -21.28 1.52
CA THR A 908 0.27 -21.14 0.70
C THR A 908 0.05 -21.62 -0.73
N PHE A 909 -0.75 -22.68 -0.94
CA PHE A 909 -1.04 -23.19 -2.28
C PHE A 909 -1.86 -22.18 -3.10
N ILE A 910 -2.93 -21.63 -2.50
CA ILE A 910 -3.80 -20.68 -3.22
C ILE A 910 -3.02 -19.43 -3.63
N LEU A 911 -2.28 -18.83 -2.70
CA LEU A 911 -1.54 -17.59 -2.98
C LEU A 911 -0.28 -17.80 -3.82
N GLY A 912 0.39 -18.93 -3.64
CA GLY A 912 1.61 -19.22 -4.40
C GLY A 912 2.82 -18.48 -3.88
N ILE A 913 3.07 -18.60 -2.57
CA ILE A 913 4.22 -17.93 -1.93
C ILE A 913 5.56 -18.61 -2.35
N GLY A 914 6.69 -17.98 -2.03
CA GLY A 914 8.01 -18.52 -2.34
C GLY A 914 8.22 -19.91 -1.78
N ASP A 915 9.01 -20.76 -2.47
CA ASP A 915 9.23 -22.15 -2.06
C ASP A 915 9.67 -22.27 -0.61
N ARG A 916 8.99 -23.14 0.15
CA ARG A 916 9.27 -23.31 1.57
C ARG A 916 10.48 -24.22 1.81
N HIS A 917 11.20 -23.97 2.90
CA HIS A 917 12.38 -24.72 3.33
C HIS A 917 12.43 -24.72 4.88
N ASN A 918 13.32 -25.53 5.48
CA ASN A 918 13.41 -25.64 6.94
C ASN A 918 13.66 -24.33 7.69
N SER A 919 14.39 -23.37 7.09
CA SER A 919 14.70 -22.10 7.75
C SER A 919 13.58 -21.06 7.71
N ASN A 920 12.47 -21.29 6.98
CA ASN A 920 11.36 -20.34 6.94
C ASN A 920 10.02 -20.94 7.45
N ILE A 921 10.06 -22.15 8.05
CA ILE A 921 8.89 -22.79 8.67
C ILE A 921 9.22 -22.80 10.17
N MET A 922 8.36 -22.19 11.00
CA MET A 922 8.58 -22.13 12.46
C MET A 922 7.47 -22.84 13.22
N VAL A 923 7.82 -23.42 14.38
CA VAL A 923 6.87 -24.14 15.24
C VAL A 923 7.04 -23.63 16.68
N LYS A 924 5.93 -23.29 17.35
CA LYS A 924 5.97 -22.83 18.74
C LYS A 924 6.17 -24.02 19.71
N ASP A 925 6.47 -23.73 20.99
CA ASP A 925 6.63 -24.79 21.99
C ASP A 925 5.32 -25.59 22.16
N ASP A 926 4.17 -24.91 22.12
CA ASP A 926 2.86 -25.59 22.24
C ASP A 926 2.40 -26.34 20.97
N GLY A 927 3.16 -26.23 19.87
CA GLY A 927 2.86 -26.93 18.62
C GLY A 927 2.30 -26.10 17.48
N GLN A 928 2.16 -24.77 17.64
CA GLN A 928 1.60 -23.93 16.58
C GLN A 928 2.59 -23.73 15.42
N LEU A 929 2.28 -24.27 14.23
CA LEU A 929 3.13 -24.13 13.04
C LEU A 929 2.75 -22.87 12.27
N PHE A 930 3.74 -22.12 11.77
CA PHE A 930 3.53 -20.89 11.00
C PHE A 930 4.70 -20.60 10.06
N HIS A 931 4.43 -19.85 8.98
CA HIS A 931 5.44 -19.49 7.99
C HIS A 931 5.93 -18.06 8.17
N ILE A 932 7.21 -17.81 7.82
CA ILE A 932 7.86 -16.50 7.91
C ILE A 932 8.63 -16.19 6.61
N ASP A 933 8.93 -14.90 6.37
CA ASP A 933 9.65 -14.43 5.18
C ASP A 933 9.00 -14.92 3.89
N PHE A 934 7.87 -14.32 3.53
CA PHE A 934 7.14 -14.70 2.33
C PHE A 934 7.87 -14.20 1.09
N GLY A 935 8.15 -12.89 1.05
CA GLY A 935 8.89 -12.27 -0.04
C GLY A 935 8.14 -12.09 -1.34
N HIS A 936 7.64 -13.20 -1.92
CA HIS A 936 6.93 -13.18 -3.21
C HIS A 936 5.62 -13.98 -3.13
N PHE A 937 4.69 -13.68 -4.05
CA PHE A 937 3.40 -14.37 -4.18
C PHE A 937 2.98 -14.47 -5.66
N LEU A 938 1.96 -15.32 -5.96
CA LEU A 938 1.45 -15.56 -7.31
C LEU A 938 2.53 -16.25 -8.20
N ASP A 939 2.36 -16.33 -9.54
CA ASP A 939 3.36 -17.00 -10.39
C ASP A 939 4.50 -16.01 -10.70
N HIS A 940 5.22 -15.60 -9.65
CA HIS A 940 6.35 -14.68 -9.75
C HIS A 940 7.51 -15.28 -10.55
N LYS A 941 7.83 -16.56 -10.32
CA LYS A 941 8.91 -17.25 -11.04
C LYS A 941 8.54 -17.68 -12.46
N LYS A 942 7.29 -17.45 -12.92
CA LYS A 942 6.87 -17.83 -14.27
C LYS A 942 7.58 -16.99 -15.33
N LYS A 943 7.73 -15.68 -15.09
CA LYS A 943 8.41 -14.80 -16.05
C LYS A 943 9.92 -15.10 -16.11
N LYS A 944 10.52 -15.62 -15.03
CA LYS A 944 11.95 -15.95 -14.98
C LYS A 944 12.28 -17.29 -15.65
N PHE A 945 11.54 -18.38 -15.35
CA PHE A 945 11.80 -19.70 -15.93
C PHE A 945 10.96 -20.01 -17.18
N GLY A 946 9.66 -19.74 -17.12
CA GLY A 946 8.73 -19.95 -18.22
C GLY A 946 7.94 -21.24 -18.19
N TYR A 947 7.73 -21.82 -16.99
CA TYR A 947 6.99 -23.08 -16.85
C TYR A 947 5.61 -22.82 -16.23
N LYS A 948 4.54 -23.06 -17.00
CA LYS A 948 3.16 -22.86 -16.50
C LYS A 948 2.79 -24.02 -15.58
N ARG A 949 2.80 -23.80 -14.26
CA ARG A 949 2.45 -24.84 -13.29
C ARG A 949 2.10 -24.23 -11.93
N GLU A 950 0.96 -24.64 -11.35
CA GLU A 950 0.54 -24.17 -10.03
C GLU A 950 1.27 -25.02 -8.98
N ARG A 951 2.32 -24.46 -8.38
CA ARG A 951 3.16 -25.19 -7.42
C ARG A 951 2.49 -25.34 -6.04
N VAL A 952 2.98 -26.29 -5.24
CA VAL A 952 2.56 -26.52 -3.86
C VAL A 952 3.78 -26.02 -3.03
N PRO A 953 3.82 -24.74 -2.58
CA PRO A 953 5.01 -24.27 -1.86
C PRO A 953 5.34 -25.02 -0.57
N PHE A 954 4.34 -25.27 0.29
CA PHE A 954 4.56 -26.00 1.55
C PHE A 954 4.37 -27.49 1.30
N VAL A 955 5.47 -28.20 0.98
CA VAL A 955 5.44 -29.63 0.70
C VAL A 955 5.39 -30.36 2.05
N LEU A 956 4.39 -31.24 2.23
CA LEU A 956 4.23 -31.98 3.47
C LEU A 956 5.20 -33.16 3.48
N THR A 957 6.44 -32.92 3.92
CA THR A 957 7.47 -33.96 3.98
C THR A 957 7.20 -34.94 5.14
N GLN A 958 7.92 -36.09 5.16
CA GLN A 958 7.77 -37.11 6.21
C GLN A 958 7.92 -36.52 7.63
N ASP A 959 8.74 -35.47 7.79
CA ASP A 959 8.93 -34.83 9.09
C ASP A 959 7.60 -34.31 9.68
N PHE A 960 6.78 -33.63 8.86
CA PHE A 960 5.51 -33.09 9.32
C PHE A 960 4.42 -34.16 9.40
N LEU A 961 4.47 -35.18 8.52
CA LEU A 961 3.48 -36.26 8.52
C LEU A 961 3.64 -37.15 9.76
N ILE A 962 4.89 -37.39 10.22
CA ILE A 962 5.17 -38.18 11.41
C ILE A 962 4.58 -37.49 12.67
N VAL A 963 4.62 -36.14 12.74
CA VAL A 963 4.08 -35.41 13.88
C VAL A 963 2.56 -35.55 13.91
N ILE A 964 1.90 -35.29 12.77
CA ILE A 964 0.43 -35.40 12.66
C ILE A 964 -0.04 -36.81 13.00
N SER A 965 0.62 -37.84 12.44
CA SER A 965 0.26 -39.24 12.69
C SER A 965 0.73 -39.82 14.04
N LYS A 966 1.19 -38.98 14.99
CA LYS A 966 1.63 -39.40 16.34
C LYS A 966 2.65 -40.56 16.33
N GLY A 967 3.65 -40.49 15.45
CA GLY A 967 4.67 -41.53 15.36
C GLY A 967 4.13 -42.81 14.75
N ALA A 968 4.20 -42.90 13.42
CA ALA A 968 3.71 -44.08 12.69
C ALA A 968 4.52 -44.31 11.42
N GLN A 969 4.64 -45.58 11.01
CA GLN A 969 5.38 -45.94 9.80
C GLN A 969 4.52 -45.60 8.57
N GLU A 970 3.25 -46.03 8.57
CA GLU A 970 2.31 -45.72 7.50
C GLU A 970 1.58 -44.45 7.92
N CYS A 971 2.17 -43.29 7.61
CA CYS A 971 1.63 -41.99 8.00
C CYS A 971 0.32 -41.64 7.30
N THR A 972 0.21 -41.89 5.98
CA THR A 972 -0.99 -41.56 5.23
C THR A 972 -2.17 -42.48 5.58
N LYS A 973 -1.92 -43.73 5.99
CA LYS A 973 -3.00 -44.67 6.34
C LYS A 973 -3.33 -44.60 7.84
N THR A 974 -3.74 -43.40 8.30
CA THR A 974 -4.11 -43.14 9.70
C THR A 974 -5.36 -42.26 9.78
N ARG A 975 -6.09 -42.33 10.89
CA ARG A 975 -7.27 -41.50 11.11
C ARG A 975 -6.87 -40.02 11.25
N GLU A 976 -5.68 -39.73 11.82
CA GLU A 976 -5.19 -38.35 11.95
C GLU A 976 -4.97 -37.71 10.58
N PHE A 977 -4.38 -38.45 9.61
CA PHE A 977 -4.17 -37.91 8.27
C PHE A 977 -5.51 -37.74 7.52
N GLU A 978 -6.49 -38.64 7.76
CA GLU A 978 -7.80 -38.53 7.14
C GLU A 978 -8.56 -37.29 7.65
N ARG A 979 -8.40 -36.95 8.94
CA ARG A 979 -9.02 -35.75 9.51
C ARG A 979 -8.32 -34.50 8.94
N PHE A 980 -6.98 -34.56 8.81
CA PHE A 980 -6.16 -33.49 8.21
C PHE A 980 -6.60 -33.23 6.76
N GLN A 981 -6.90 -34.29 5.99
CA GLN A 981 -7.36 -34.16 4.62
C GLN A 981 -8.69 -33.40 4.58
N GLU A 982 -9.65 -33.78 5.45
CA GLU A 982 -10.96 -33.12 5.55
C GLU A 982 -10.77 -31.64 5.90
N MET A 983 -9.87 -31.33 6.85
CA MET A 983 -9.56 -29.95 7.24
C MET A 983 -9.09 -29.13 6.04
N CYS A 984 -8.25 -29.72 5.18
CA CYS A 984 -7.74 -29.05 3.99
C CYS A 984 -8.83 -28.82 2.93
N TYR A 985 -9.67 -29.84 2.66
CA TYR A 985 -10.75 -29.67 1.67
C TYR A 985 -11.80 -28.67 2.17
N LYS A 986 -12.05 -28.62 3.49
CA LYS A 986 -13.02 -27.67 4.06
C LYS A 986 -12.51 -26.23 3.85
N ALA A 987 -11.24 -25.96 4.17
CA ALA A 987 -10.63 -24.64 4.03
C ALA A 987 -10.48 -24.23 2.57
N TYR A 988 -10.22 -25.19 1.68
CA TYR A 988 -10.07 -24.89 0.26
C TYR A 988 -11.39 -24.38 -0.33
N LEU A 989 -12.51 -25.01 0.00
CA LEU A 989 -13.83 -24.57 -0.49
C LEU A 989 -14.28 -23.29 0.21
N ALA A 990 -13.85 -23.03 1.46
CA ALA A 990 -14.18 -21.80 2.18
C ALA A 990 -13.62 -20.58 1.46
N ILE A 991 -12.39 -20.68 0.94
CA ILE A 991 -11.75 -19.58 0.20
C ILE A 991 -12.35 -19.51 -1.23
N ARG A 992 -12.70 -20.65 -1.84
CA ARG A 992 -13.33 -20.69 -3.15
C ARG A 992 -14.72 -20.01 -3.11
N GLN A 993 -15.45 -20.10 -1.97
CA GLN A 993 -16.75 -19.46 -1.83
C GLN A 993 -16.57 -17.93 -1.74
N HIS A 994 -15.63 -17.45 -0.90
CA HIS A 994 -15.35 -16.02 -0.76
C HIS A 994 -14.22 -15.56 -1.70
N ALA A 995 -14.05 -16.21 -2.87
CA ALA A 995 -12.99 -15.87 -3.82
C ALA A 995 -13.13 -14.47 -4.40
N ASN A 996 -14.36 -13.95 -4.52
CA ASN A 996 -14.60 -12.61 -5.04
C ASN A 996 -13.91 -11.56 -4.16
N LEU A 997 -13.91 -11.76 -2.83
CA LEU A 997 -13.25 -10.84 -1.91
C LEU A 997 -11.74 -10.83 -2.13
N PHE A 998 -11.10 -12.01 -2.22
CA PHE A 998 -9.65 -12.08 -2.42
C PHE A 998 -9.20 -11.56 -3.78
N ILE A 999 -10.00 -11.74 -4.84
CA ILE A 999 -9.66 -11.21 -6.17
C ILE A 999 -9.68 -9.67 -6.10
N ASN A 1000 -10.70 -9.09 -5.46
CA ASN A 1000 -10.80 -7.64 -5.34
C ASN A 1000 -9.74 -7.05 -4.40
N LEU A 1001 -9.30 -7.79 -3.36
CA LEU A 1001 -8.25 -7.29 -2.47
C LEU A 1001 -6.94 -7.16 -3.25
N PHE A 1002 -6.62 -8.12 -4.13
CA PHE A 1002 -5.42 -8.02 -4.96
C PHE A 1002 -5.59 -6.93 -6.03
N SER A 1003 -6.78 -6.84 -6.67
CA SER A 1003 -7.06 -5.82 -7.68
C SER A 1003 -6.93 -4.39 -7.12
N MET A 1004 -7.23 -4.18 -5.84
CA MET A 1004 -7.08 -2.87 -5.19
C MET A 1004 -5.60 -2.51 -4.91
N MET A 1005 -4.66 -3.49 -5.01
CA MET A 1005 -3.24 -3.29 -4.78
C MET A 1005 -2.43 -3.19 -6.10
N LEU A 1006 -3.08 -3.04 -7.27
CA LEU A 1006 -2.35 -2.96 -8.55
C LEU A 1006 -1.55 -1.66 -8.67
N GLY A 1007 -2.13 -0.55 -8.25
CA GLY A 1007 -1.48 0.76 -8.31
C GLY A 1007 -0.36 0.96 -7.30
N SER A 1008 -0.21 0.07 -6.31
CA SER A 1008 0.82 0.16 -5.27
C SER A 1008 2.25 0.24 -5.82
N GLY A 1009 2.50 -0.38 -6.97
CA GLY A 1009 3.82 -0.37 -7.60
C GLY A 1009 4.72 -1.51 -7.15
N MET A 1010 4.11 -2.67 -6.83
CA MET A 1010 4.88 -3.85 -6.40
C MET A 1010 5.24 -4.68 -7.64
N PRO A 1011 6.43 -5.34 -7.71
CA PRO A 1011 6.76 -6.10 -8.92
C PRO A 1011 5.92 -7.36 -9.17
N GLU A 1012 5.43 -8.02 -8.10
CA GLU A 1012 4.63 -9.23 -8.23
C GLU A 1012 3.19 -8.97 -8.67
N LEU A 1013 2.68 -7.74 -8.47
CA LEU A 1013 1.30 -7.39 -8.80
C LEU A 1013 1.29 -6.05 -9.54
N GLN A 1014 1.01 -6.08 -10.84
CA GLN A 1014 1.01 -4.90 -11.70
C GLN A 1014 -0.12 -4.90 -12.74
N SER A 1015 -0.35 -6.04 -13.41
CA SER A 1015 -1.40 -6.23 -14.40
C SER A 1015 -2.42 -7.27 -13.93
N PHE A 1016 -3.60 -7.32 -14.56
CA PHE A 1016 -4.65 -8.29 -14.21
C PHE A 1016 -4.25 -9.75 -14.51
N ASP A 1017 -3.24 -9.97 -15.37
CA ASP A 1017 -2.76 -11.33 -15.68
C ASP A 1017 -2.09 -11.98 -14.46
N ASP A 1018 -1.51 -11.17 -13.54
CA ASP A 1018 -0.88 -11.69 -12.32
C ASP A 1018 -1.93 -12.23 -11.35
N ILE A 1019 -3.14 -11.64 -11.33
CA ILE A 1019 -4.22 -12.09 -10.43
C ILE A 1019 -4.80 -13.44 -10.93
N ALA A 1020 -4.76 -13.71 -12.25
CA ALA A 1020 -5.28 -14.96 -12.82
C ALA A 1020 -4.66 -16.25 -12.23
N TYR A 1021 -3.54 -16.15 -11.47
CA TYR A 1021 -2.93 -17.31 -10.83
C TYR A 1021 -3.86 -17.88 -9.75
N ILE A 1022 -4.44 -17.02 -8.89
CA ILE A 1022 -5.36 -17.49 -7.85
C ILE A 1022 -6.64 -18.10 -8.45
N ARG A 1023 -7.02 -17.73 -9.68
CA ARG A 1023 -8.18 -18.30 -10.36
C ARG A 1023 -7.91 -19.76 -10.74
N LYS A 1024 -6.66 -20.06 -11.17
CA LYS A 1024 -6.25 -21.41 -11.54
C LYS A 1024 -6.18 -22.31 -10.31
N THR A 1025 -5.67 -21.80 -9.18
CA THR A 1025 -5.56 -22.59 -7.94
C THR A 1025 -6.94 -22.83 -7.33
N LEU A 1026 -7.80 -21.79 -7.28
CA LEU A 1026 -9.16 -21.94 -6.74
C LEU A 1026 -10.13 -22.63 -7.72
N ALA A 1027 -9.74 -22.82 -9.01
CA ALA A 1027 -10.54 -23.48 -10.04
C ALA A 1027 -11.96 -22.93 -10.13
N LEU A 1028 -12.07 -21.63 -10.42
CA LEU A 1028 -13.37 -20.95 -10.50
C LEU A 1028 -14.11 -21.25 -11.80
N ASP A 1029 -13.38 -21.44 -12.91
CA ASP A 1029 -14.01 -21.78 -14.19
C ASP A 1029 -14.63 -23.19 -14.12
N LYS A 1030 -13.95 -24.13 -13.44
CA LYS A 1030 -14.43 -25.50 -13.29
C LYS A 1030 -15.55 -25.58 -12.21
N THR A 1031 -16.25 -26.71 -12.10
CA THR A 1031 -17.32 -26.88 -11.10
C THR A 1031 -16.73 -27.13 -9.68
N GLU A 1032 -17.57 -27.08 -8.63
CA GLU A 1032 -17.13 -27.29 -7.25
C GLU A 1032 -16.58 -28.71 -7.02
N GLN A 1033 -17.14 -29.73 -7.70
CA GLN A 1033 -16.66 -31.11 -7.60
C GLN A 1033 -15.30 -31.22 -8.32
N GLU A 1034 -15.17 -30.58 -9.49
CA GLU A 1034 -13.91 -30.57 -10.24
C GLU A 1034 -12.81 -29.83 -9.47
N ALA A 1035 -13.16 -28.83 -8.65
CA ALA A 1035 -12.19 -28.11 -7.82
C ALA A 1035 -11.62 -29.03 -6.74
N LEU A 1036 -12.47 -29.87 -6.11
CA LEU A 1036 -12.01 -30.85 -5.10
C LEU A 1036 -11.09 -31.88 -5.76
N GLU A 1037 -11.45 -32.37 -6.96
CA GLU A 1037 -10.63 -33.34 -7.69
C GLU A 1037 -9.29 -32.72 -8.11
N TYR A 1038 -9.30 -31.41 -8.48
CA TYR A 1038 -8.10 -30.69 -8.85
C TYR A 1038 -7.18 -30.51 -7.64
N PHE A 1039 -7.72 -30.07 -6.48
CA PHE A 1039 -6.92 -29.83 -5.27
C PHE A 1039 -6.21 -31.10 -4.80
N MET A 1040 -6.92 -32.25 -4.73
CA MET A 1040 -6.30 -33.51 -4.31
C MET A 1040 -5.25 -33.99 -5.33
N LYS A 1041 -5.46 -33.71 -6.64
CA LYS A 1041 -4.50 -34.09 -7.68
C LYS A 1041 -3.21 -33.27 -7.50
N GLN A 1042 -3.33 -31.98 -7.19
CA GLN A 1042 -2.15 -31.12 -6.98
C GLN A 1042 -1.35 -31.59 -5.77
N MET A 1043 -2.03 -32.04 -4.70
CA MET A 1043 -1.37 -32.55 -3.50
C MET A 1043 -0.71 -33.90 -3.79
N ASN A 1044 -1.39 -34.78 -4.54
CA ASN A 1044 -0.84 -36.10 -4.91
C ASN A 1044 0.41 -35.97 -5.78
N ASP A 1045 0.46 -34.98 -6.69
CA ASP A 1045 1.64 -34.80 -7.55
C ASP A 1045 2.85 -34.34 -6.74
N ALA A 1046 2.64 -33.45 -5.76
CA ALA A 1046 3.72 -32.93 -4.91
C ALA A 1046 4.19 -33.95 -3.87
N HIS A 1047 3.25 -34.66 -3.21
CA HIS A 1047 3.57 -35.63 -2.16
C HIS A 1047 3.69 -37.08 -2.66
N HIS A 1048 3.61 -37.33 -3.98
CA HIS A 1048 3.68 -38.67 -4.58
C HIS A 1048 2.67 -39.63 -3.94
N GLY A 1049 1.39 -39.29 -4.06
CA GLY A 1049 0.29 -40.08 -3.52
C GLY A 1049 0.01 -39.79 -2.06
N GLY A 1050 -1.13 -40.28 -1.59
CA GLY A 1050 -1.57 -40.10 -0.20
C GLY A 1050 -3.00 -39.63 -0.08
N TRP A 1051 -3.34 -38.56 -0.79
CA TRP A 1051 -4.69 -37.98 -0.77
C TRP A 1051 -5.64 -38.85 -1.62
N THR A 1052 -6.92 -38.92 -1.22
CA THR A 1052 -7.89 -39.76 -1.91
C THR A 1052 -9.27 -39.10 -2.08
N THR A 1053 -10.02 -39.54 -3.10
CA THR A 1053 -11.36 -39.03 -3.40
C THR A 1053 -12.42 -39.61 -2.46
N LYS A 1054 -13.59 -38.94 -2.37
CA LYS A 1054 -14.73 -39.37 -1.57
C LYS A 1054 -15.99 -39.45 -2.44
N MET A 1055 -16.93 -40.32 -2.06
CA MET A 1055 -18.16 -40.52 -2.82
C MET A 1055 -19.16 -39.37 -2.65
N ASP A 1056 -19.06 -38.58 -1.56
CA ASP A 1056 -19.99 -37.47 -1.33
C ASP A 1056 -19.72 -36.23 -2.22
N TRP A 1057 -18.58 -36.19 -2.94
CA TRP A 1057 -18.25 -35.05 -3.80
C TRP A 1057 -19.22 -34.87 -4.97
N ILE A 1058 -19.73 -35.97 -5.55
CA ILE A 1058 -20.69 -35.93 -6.67
C ILE A 1058 -22.00 -35.18 -6.32
N PHE A 1059 -22.43 -35.18 -5.05
CA PHE A 1059 -23.70 -34.57 -4.66
C PHE A 1059 -23.70 -33.02 -4.62
N HIS A 1060 -22.60 -32.34 -4.99
CA HIS A 1060 -22.58 -30.86 -5.01
C HIS A 1060 -23.48 -30.34 -6.14
N GLU A 1061 -24.03 -29.13 -5.99
CA GLU A 1061 -24.98 -28.56 -6.95
C GLU A 1061 -24.43 -28.18 -8.36
N ILE A 1062 -23.10 -28.31 -8.62
CA ILE A 1062 -22.50 -27.94 -9.92
C ILE A 1062 -22.83 -26.47 -10.26
N GLN B 29 -11.97 -28.68 -40.53
CA GLN B 29 -12.24 -28.33 -39.14
C GLN B 29 -11.14 -27.42 -38.58
N ASP B 30 -9.87 -27.81 -38.74
CA ASP B 30 -8.73 -27.02 -38.25
C ASP B 30 -8.41 -25.89 -39.22
N ALA B 31 -7.97 -24.74 -38.70
CA ALA B 31 -7.62 -23.56 -39.50
C ALA B 31 -6.61 -22.67 -38.75
N GLU B 32 -5.92 -21.75 -39.48
CA GLU B 32 -4.95 -20.85 -38.87
C GLU B 32 -5.59 -19.90 -37.83
N TRP B 33 -6.83 -19.44 -38.08
CA TRP B 33 -7.54 -18.57 -37.13
C TRP B 33 -8.00 -19.31 -35.88
N TYR B 34 -8.23 -20.64 -35.97
CA TYR B 34 -8.63 -21.45 -34.81
C TYR B 34 -7.35 -21.87 -34.10
N TRP B 35 -7.25 -21.60 -32.79
CA TRP B 35 -6.05 -21.91 -32.01
C TRP B 35 -6.19 -23.07 -31.02
N GLY B 36 -7.42 -23.36 -30.58
CA GLY B 36 -7.68 -24.45 -29.64
C GLY B 36 -7.64 -24.01 -28.19
N ASP B 37 -7.18 -24.89 -27.29
CA ASP B 37 -7.13 -24.59 -25.86
C ASP B 37 -6.06 -23.53 -25.53
N ILE B 38 -6.48 -22.26 -25.41
CA ILE B 38 -5.60 -21.12 -25.11
C ILE B 38 -6.13 -20.39 -23.87
N SER B 39 -5.23 -19.98 -22.96
CA SER B 39 -5.61 -19.24 -21.75
C SER B 39 -5.93 -17.77 -22.10
N ARG B 40 -6.65 -17.06 -21.20
CA ARG B 40 -7.02 -15.67 -21.43
C ARG B 40 -5.80 -14.73 -21.49
N GLU B 41 -4.74 -15.01 -20.72
CA GLU B 41 -3.52 -14.21 -20.73
C GLU B 41 -2.88 -14.16 -22.13
N GLU B 42 -2.80 -15.31 -22.81
CA GLU B 42 -2.22 -15.38 -24.16
C GLU B 42 -3.12 -14.68 -25.20
N VAL B 43 -4.45 -14.72 -25.02
CA VAL B 43 -5.38 -14.06 -25.95
C VAL B 43 -5.14 -12.55 -25.97
N ASN B 44 -4.98 -11.94 -24.78
CA ASN B 44 -4.73 -10.49 -24.67
C ASN B 44 -3.40 -10.07 -25.31
N GLU B 45 -2.35 -10.90 -25.24
CA GLU B 45 -1.05 -10.57 -25.82
C GLU B 45 -1.06 -10.61 -27.36
N LYS B 46 -1.92 -11.43 -27.98
CA LYS B 46 -1.99 -11.51 -29.44
C LYS B 46 -2.71 -10.26 -29.98
N LEU B 47 -3.80 -9.84 -29.32
CA LEU B 47 -4.58 -8.67 -29.72
C LEU B 47 -4.02 -7.35 -29.15
N ARG B 48 -2.90 -7.37 -28.42
CA ARG B 48 -2.35 -6.15 -27.81
C ARG B 48 -1.83 -5.19 -28.89
N ASP B 49 -2.34 -3.94 -28.88
CA ASP B 49 -1.96 -2.87 -29.81
C ASP B 49 -2.19 -3.26 -31.28
N THR B 50 -3.42 -3.75 -31.60
CA THR B 50 -3.80 -4.16 -32.95
C THR B 50 -4.97 -3.34 -33.49
N ALA B 51 -5.10 -3.27 -34.82
CA ALA B 51 -6.17 -2.52 -35.47
C ALA B 51 -7.53 -3.24 -35.34
N ASP B 52 -8.64 -2.51 -35.53
CA ASP B 52 -9.99 -3.08 -35.45
C ASP B 52 -10.19 -4.08 -36.59
N GLY B 53 -10.51 -5.32 -36.23
CA GLY B 53 -10.72 -6.40 -37.20
C GLY B 53 -9.97 -7.68 -36.85
N THR B 54 -8.95 -7.60 -35.97
CA THR B 54 -8.18 -8.78 -35.56
C THR B 54 -9.08 -9.73 -34.74
N PHE B 55 -8.97 -11.04 -34.97
CA PHE B 55 -9.82 -12.02 -34.28
C PHE B 55 -9.14 -13.41 -34.14
N LEU B 56 -9.68 -14.24 -33.23
CA LEU B 56 -9.22 -15.61 -32.99
C LEU B 56 -10.33 -16.45 -32.34
N VAL B 57 -10.35 -17.76 -32.63
CA VAL B 57 -11.35 -18.69 -32.08
C VAL B 57 -10.64 -19.68 -31.14
N ARG B 58 -11.26 -20.00 -29.99
CA ARG B 58 -10.70 -20.93 -29.02
C ARG B 58 -11.80 -21.73 -28.32
N ASP B 59 -11.49 -22.96 -27.90
CA ASP B 59 -12.46 -23.83 -27.23
C ASP B 59 -12.79 -23.32 -25.82
N ALA B 60 -14.07 -23.32 -25.44
CA ALA B 60 -14.50 -22.85 -24.13
C ALA B 60 -14.18 -23.90 -23.06
N GLY B 66 -17.45 -28.62 -27.86
CA GLY B 66 -18.81 -28.16 -28.12
C GLY B 66 -18.87 -26.72 -28.57
N ASP B 67 -18.85 -25.77 -27.62
CA ASP B 67 -18.90 -24.34 -27.91
C ASP B 67 -17.50 -23.76 -28.15
N TYR B 68 -17.44 -22.63 -28.88
CA TYR B 68 -16.19 -21.92 -29.20
C TYR B 68 -16.39 -20.42 -28.98
N THR B 69 -15.33 -19.70 -28.54
CA THR B 69 -15.40 -18.27 -28.25
C THR B 69 -14.52 -17.42 -29.17
N LEU B 70 -15.13 -16.54 -29.99
CA LEU B 70 -14.43 -15.60 -30.87
C LEU B 70 -14.00 -14.38 -30.05
N THR B 71 -12.89 -13.72 -30.43
CA THR B 71 -12.41 -12.52 -29.72
C THR B 71 -12.02 -11.46 -30.75
N LEU B 72 -12.98 -10.60 -31.12
CA LEU B 72 -12.79 -9.53 -32.10
C LEU B 72 -12.37 -8.22 -31.42
N ARG B 73 -11.45 -7.46 -32.05
CA ARG B 73 -10.99 -6.18 -31.54
C ARG B 73 -11.96 -5.07 -31.96
N LYS B 74 -12.32 -4.17 -31.03
CA LYS B 74 -13.24 -3.06 -31.29
C LYS B 74 -12.99 -1.93 -30.28
N GLY B 75 -12.46 -0.81 -30.76
CA GLY B 75 -12.16 0.35 -29.94
C GLY B 75 -11.13 0.08 -28.87
N GLY B 76 -10.10 -0.69 -29.22
CA GLY B 76 -9.04 -1.05 -28.28
C GLY B 76 -9.43 -2.07 -27.21
N ASN B 77 -10.58 -2.76 -27.38
CA ASN B 77 -11.05 -3.75 -26.42
C ASN B 77 -11.20 -5.12 -27.08
N ASN B 78 -10.95 -6.19 -26.31
CA ASN B 78 -11.07 -7.56 -26.78
C ASN B 78 -12.49 -8.04 -26.52
N LYS B 79 -13.39 -7.89 -27.51
CA LYS B 79 -14.80 -8.27 -27.36
C LYS B 79 -14.95 -9.79 -27.56
N LEU B 80 -15.46 -10.50 -26.54
CA LEU B 80 -15.65 -11.95 -26.58
C LEU B 80 -17.06 -12.28 -27.07
N ILE B 81 -17.19 -12.91 -28.25
CA ILE B 81 -18.48 -13.29 -28.84
C ILE B 81 -18.57 -14.82 -28.90
N LYS B 82 -19.49 -15.43 -28.15
CA LYS B 82 -19.64 -16.89 -28.09
C LYS B 82 -20.37 -17.46 -29.31
N ILE B 83 -20.04 -18.72 -29.67
CA ILE B 83 -20.64 -19.46 -30.79
C ILE B 83 -21.33 -20.69 -30.18
N PHE B 84 -22.67 -20.67 -30.09
CA PHE B 84 -23.43 -21.78 -29.51
C PHE B 84 -23.54 -22.97 -30.47
N HIS B 85 -23.77 -24.18 -29.92
CA HIS B 85 -23.92 -25.41 -30.69
C HIS B 85 -25.19 -26.13 -30.22
N ARG B 86 -26.07 -26.49 -31.17
CA ARG B 86 -27.34 -27.18 -30.85
C ARG B 86 -27.81 -27.98 -32.07
N ASP B 87 -27.76 -29.33 -31.97
CA ASP B 87 -28.20 -30.26 -33.02
C ASP B 87 -27.50 -30.02 -34.37
N GLY B 88 -26.18 -29.88 -34.33
CA GLY B 88 -25.37 -29.65 -35.53
C GLY B 88 -25.60 -28.30 -36.19
N LYS B 89 -25.73 -27.23 -35.38
CA LYS B 89 -25.93 -25.87 -35.86
C LYS B 89 -25.08 -24.90 -35.02
N TYR B 90 -24.55 -23.84 -35.66
CA TYR B 90 -23.71 -22.85 -34.99
C TYR B 90 -24.20 -21.41 -35.25
N GLY B 91 -23.80 -20.49 -34.38
CA GLY B 91 -24.18 -19.09 -34.48
C GLY B 91 -23.95 -18.33 -33.19
N PHE B 92 -23.92 -17.00 -33.27
CA PHE B 92 -23.69 -16.17 -32.08
C PHE B 92 -24.96 -16.07 -31.22
N SER B 93 -26.14 -16.00 -31.86
CA SER B 93 -27.42 -15.93 -31.16
C SER B 93 -28.52 -16.61 -31.99
N ASP B 94 -29.63 -17.00 -31.33
CA ASP B 94 -30.74 -17.65 -32.02
C ASP B 94 -31.45 -16.65 -32.97
N PRO B 95 -31.86 -17.02 -34.20
CA PRO B 95 -31.80 -18.34 -34.86
C PRO B 95 -30.40 -18.75 -35.29
N LEU B 96 -30.10 -20.07 -35.26
CA LEU B 96 -28.80 -20.61 -35.65
C LEU B 96 -28.89 -21.02 -37.13
N THR B 97 -28.43 -20.14 -38.05
CA THR B 97 -28.52 -20.38 -39.49
C THR B 97 -27.17 -20.77 -40.13
N PHE B 98 -26.34 -21.57 -39.45
CA PHE B 98 -25.04 -21.99 -39.97
C PHE B 98 -24.78 -23.48 -39.69
N SER B 99 -24.15 -24.18 -40.65
CA SER B 99 -23.86 -25.60 -40.53
C SER B 99 -22.57 -25.89 -39.76
N SER B 100 -21.50 -25.10 -40.02
CA SER B 100 -20.20 -25.28 -39.37
C SER B 100 -19.60 -23.96 -38.87
N VAL B 101 -18.58 -24.05 -37.99
CA VAL B 101 -17.89 -22.87 -37.44
C VAL B 101 -17.13 -22.15 -38.57
N VAL B 102 -16.48 -22.92 -39.46
CA VAL B 102 -15.75 -22.35 -40.61
C VAL B 102 -16.66 -21.51 -41.52
N GLU B 103 -17.93 -21.90 -41.69
CA GLU B 103 -18.89 -21.17 -42.51
C GLU B 103 -19.23 -19.83 -41.86
N LEU B 104 -19.45 -19.82 -40.53
CA LEU B 104 -19.77 -18.61 -39.77
C LEU B 104 -18.63 -17.58 -39.84
N ILE B 105 -17.37 -18.03 -39.76
CA ILE B 105 -16.21 -17.13 -39.81
C ILE B 105 -16.06 -16.53 -41.22
N ASN B 106 -16.15 -17.37 -42.27
CA ASN B 106 -16.03 -16.90 -43.66
C ASN B 106 -17.17 -15.96 -44.07
N HIS B 107 -18.39 -16.16 -43.52
CA HIS B 107 -19.53 -15.30 -43.84
C HIS B 107 -19.30 -13.87 -43.31
N TYR B 108 -18.97 -13.74 -42.02
CA TYR B 108 -18.72 -12.42 -41.41
C TYR B 108 -17.38 -11.80 -41.83
N ARG B 109 -16.47 -12.57 -42.47
CA ARG B 109 -15.21 -12.02 -42.99
C ARG B 109 -15.52 -11.17 -44.22
N ASN B 110 -16.42 -11.65 -45.10
CA ASN B 110 -16.83 -10.91 -46.30
C ASN B 110 -17.86 -9.84 -45.97
N GLU B 111 -18.94 -10.19 -45.22
CA GLU B 111 -20.00 -9.27 -44.84
C GLU B 111 -19.76 -8.68 -43.45
N SER B 112 -20.22 -7.44 -43.20
CA SER B 112 -20.03 -6.77 -41.90
C SER B 112 -21.07 -7.19 -40.86
N LEU B 113 -20.71 -7.06 -39.57
CA LEU B 113 -21.60 -7.39 -38.46
C LEU B 113 -22.73 -6.35 -38.39
N ALA B 114 -22.38 -5.05 -38.45
CA ALA B 114 -23.31 -3.91 -38.42
C ALA B 114 -24.35 -3.99 -37.30
N ASN B 117 -24.59 -9.49 -35.69
CA ASN B 117 -25.72 -9.46 -34.78
C ASN B 117 -25.73 -8.16 -33.91
N PRO B 118 -24.70 -7.83 -33.09
CA PRO B 118 -24.76 -6.59 -32.30
C PRO B 118 -24.55 -5.33 -33.15
N LYS B 119 -24.88 -4.16 -32.60
CA LYS B 119 -24.73 -2.88 -33.32
C LYS B 119 -23.29 -2.35 -33.21
N LEU B 120 -22.33 -3.07 -33.82
CA LEU B 120 -20.92 -2.71 -33.84
C LEU B 120 -20.45 -2.72 -35.30
N ASP B 121 -20.15 -1.53 -35.86
CA ASP B 121 -19.75 -1.40 -37.27
C ASP B 121 -18.27 -1.80 -37.48
N VAL B 122 -17.99 -3.11 -37.42
CA VAL B 122 -16.66 -3.70 -37.63
C VAL B 122 -16.84 -5.10 -38.23
N LYS B 123 -15.79 -5.64 -38.88
CA LYS B 123 -15.84 -6.98 -39.48
C LYS B 123 -14.51 -7.73 -39.34
N LEU B 124 -14.59 -9.06 -39.40
CA LEU B 124 -13.41 -9.93 -39.28
C LEU B 124 -12.49 -9.70 -40.49
N LEU B 125 -11.27 -9.16 -40.25
CA LEU B 125 -10.33 -8.81 -41.32
C LEU B 125 -8.90 -9.37 -41.17
N TYR B 126 -8.31 -9.29 -39.96
CA TYR B 126 -6.92 -9.71 -39.74
C TYR B 126 -6.82 -10.99 -38.86
N PRO B 127 -6.87 -12.22 -39.44
CA PRO B 127 -6.76 -13.42 -38.59
C PRO B 127 -5.34 -13.74 -38.15
N VAL B 128 -5.11 -13.86 -36.82
CA VAL B 128 -3.77 -14.21 -36.31
C VAL B 128 -3.54 -15.70 -36.63
N SER B 129 -2.37 -16.02 -37.21
CA SER B 129 -2.06 -17.38 -37.66
C SER B 129 -1.13 -18.16 -36.72
N LYS B 130 -1.27 -19.51 -36.75
CA LYS B 130 -0.46 -20.42 -35.96
C LYS B 130 0.87 -20.74 -36.66
N TYR B 131 0.88 -20.82 -38.00
CA TYR B 131 2.10 -21.13 -38.77
C TYR B 131 3.17 -20.03 -38.62
N GLN B 132 2.78 -18.77 -38.34
CA GLN B 132 3.73 -17.68 -38.15
C GLN B 132 4.58 -17.89 -36.88
N GLN B 133 3.97 -18.46 -35.82
CA GLN B 133 4.70 -18.75 -34.57
C GLN B 133 5.67 -19.92 -34.73
N ASP B 134 5.36 -20.88 -35.62
CA ASP B 134 6.22 -22.05 -35.87
C ASP B 134 7.59 -21.66 -36.46
N GLN B 135 7.67 -20.56 -37.24
CA GLN B 135 8.94 -20.10 -37.81
C GLN B 135 9.95 -19.62 -36.77
N VAL B 136 9.53 -19.39 -35.51
CA VAL B 136 10.45 -18.97 -34.44
C VAL B 136 11.36 -20.18 -34.13
N VAL B 137 10.76 -21.37 -33.94
CA VAL B 137 11.49 -22.59 -33.66
C VAL B 137 11.80 -23.26 -35.01
N LYS B 138 12.96 -22.96 -35.60
CA LYS B 138 13.36 -23.50 -36.90
C LYS B 138 13.85 -24.95 -36.87
N GLU B 139 14.28 -25.46 -35.70
CA GLU B 139 14.78 -26.83 -35.60
C GLU B 139 13.64 -27.86 -35.73
N ASP B 140 13.93 -29.03 -36.34
CA ASP B 140 12.93 -30.08 -36.57
C ASP B 140 12.97 -31.22 -35.53
N ASN B 141 14.17 -31.70 -35.16
CA ASN B 141 14.29 -32.81 -34.19
C ASN B 141 14.19 -32.30 -32.75
N ILE B 142 13.67 -33.16 -31.84
CA ILE B 142 13.48 -32.83 -30.42
C ILE B 142 14.80 -32.50 -29.69
N GLU B 143 15.92 -33.18 -30.03
CA GLU B 143 17.20 -32.93 -29.36
C GLU B 143 17.73 -31.52 -29.68
N ALA B 144 17.69 -31.10 -30.95
CA ALA B 144 18.16 -29.77 -31.34
C ALA B 144 17.34 -28.63 -30.74
N VAL B 145 16.04 -28.84 -30.50
CA VAL B 145 15.17 -27.83 -29.90
C VAL B 145 15.61 -27.62 -28.43
N GLY B 146 15.82 -28.73 -27.71
CA GLY B 146 16.29 -28.69 -26.33
C GLY B 146 17.67 -28.10 -26.17
N LYS B 147 18.56 -28.32 -27.17
CA LYS B 147 19.92 -27.77 -27.14
C LYS B 147 19.87 -26.25 -27.28
N LYS B 148 19.02 -25.73 -28.18
CA LYS B 148 18.90 -24.29 -28.38
C LYS B 148 18.15 -23.64 -27.21
N LEU B 149 17.17 -24.34 -26.60
CA LEU B 149 16.45 -23.79 -25.45
C LEU B 149 17.40 -23.56 -24.28
N HIS B 150 18.33 -24.49 -24.01
CA HIS B 150 19.30 -24.33 -22.94
C HIS B 150 20.18 -23.09 -23.16
N GLU B 151 20.49 -22.75 -24.42
CA GLU B 151 21.28 -21.58 -24.76
C GLU B 151 20.45 -20.30 -24.53
N TYR B 152 19.19 -20.26 -25.04
CA TYR B 152 18.33 -19.09 -24.87
C TYR B 152 17.97 -18.84 -23.41
N ASN B 153 17.77 -19.91 -22.61
CA ASN B 153 17.43 -19.78 -21.19
C ASN B 153 18.65 -19.24 -20.43
N THR B 154 19.86 -19.71 -20.77
CA THR B 154 21.10 -19.24 -20.14
C THR B 154 21.34 -17.77 -20.50
N GLN B 155 21.08 -17.39 -21.77
CA GLN B 155 21.23 -16.00 -22.23
C GLN B 155 20.20 -15.11 -21.54
N PHE B 156 18.96 -15.60 -21.35
CA PHE B 156 17.92 -14.83 -20.68
C PHE B 156 18.24 -14.61 -19.21
N GLN B 157 18.85 -15.59 -18.53
CA GLN B 157 19.21 -15.42 -17.13
C GLN B 157 20.30 -14.35 -17.00
N GLU B 158 21.31 -14.38 -17.90
CA GLU B 158 22.38 -13.38 -17.90
C GLU B 158 21.84 -11.99 -18.22
N LYS B 159 20.93 -11.87 -19.21
CA LYS B 159 20.32 -10.59 -19.57
C LYS B 159 19.40 -10.06 -18.46
N SER B 160 18.66 -10.95 -17.76
CA SER B 160 17.79 -10.55 -16.67
C SER B 160 18.62 -10.09 -15.46
N ARG B 161 19.73 -10.78 -15.17
CA ARG B 161 20.63 -10.38 -14.08
C ARG B 161 21.25 -9.01 -14.39
N GLU B 162 21.58 -8.75 -15.67
CA GLU B 162 22.13 -7.46 -16.09
C GLU B 162 21.07 -6.37 -15.95
N TYR B 163 19.83 -6.64 -16.40
CA TYR B 163 18.72 -5.68 -16.30
C TYR B 163 18.36 -5.37 -14.84
N ASP B 164 18.33 -6.37 -13.95
CA ASP B 164 18.01 -6.16 -12.54
C ASP B 164 19.09 -5.35 -11.84
N ARG B 165 20.37 -5.58 -12.16
CA ARG B 165 21.47 -4.82 -11.56
C ARG B 165 21.48 -3.39 -12.11
N LEU B 166 21.18 -3.21 -13.41
CA LEU B 166 21.12 -1.89 -14.03
C LEU B 166 19.90 -1.10 -13.49
N TYR B 167 18.79 -1.78 -13.16
CA TYR B 167 17.61 -1.13 -12.57
C TYR B 167 17.96 -0.64 -11.15
N GLU B 168 18.74 -1.42 -10.39
CA GLU B 168 19.16 -1.00 -9.04
C GLU B 168 20.07 0.21 -9.14
N GLU B 169 20.98 0.24 -10.14
CA GLU B 169 21.87 1.39 -10.37
C GLU B 169 21.02 2.61 -10.74
N TYR B 170 20.01 2.43 -11.61
CA TYR B 170 19.08 3.48 -12.04
C TYR B 170 18.29 4.05 -10.85
N THR B 171 17.83 3.19 -9.93
CA THR B 171 17.05 3.60 -8.76
C THR B 171 17.91 4.39 -7.77
N ARG B 172 19.08 3.85 -7.37
CA ARG B 172 19.96 4.55 -6.43
C ARG B 172 20.52 5.85 -7.01
N THR B 173 20.75 5.93 -8.34
CA THR B 173 21.23 7.18 -8.96
C THR B 173 20.12 8.23 -8.87
N SER B 174 18.87 7.83 -9.17
CA SER B 174 17.71 8.74 -9.08
C SER B 174 17.52 9.26 -7.65
N GLN B 175 17.69 8.38 -6.65
CA GLN B 175 17.56 8.76 -5.24
C GLN B 175 18.69 9.70 -4.83
N GLU B 176 19.95 9.38 -5.21
CA GLU B 176 21.11 10.22 -4.88
C GLU B 176 21.03 11.60 -5.55
N ILE B 177 20.48 11.68 -6.77
CA ILE B 177 20.30 12.97 -7.46
C ILE B 177 19.28 13.80 -6.68
N GLN B 178 18.18 13.18 -6.22
CA GLN B 178 17.16 13.86 -5.43
C GLN B 178 17.74 14.32 -4.07
N MET B 179 18.64 13.52 -3.47
CA MET B 179 19.29 13.86 -2.21
C MET B 179 20.21 15.08 -2.39
N LYS B 180 21.00 15.10 -3.49
CA LYS B 180 21.91 16.20 -3.78
C LYS B 180 21.15 17.46 -4.22
N ARG B 181 19.98 17.31 -4.87
CA ARG B 181 19.15 18.42 -5.30
C ARG B 181 18.58 19.14 -4.07
N THR B 182 18.15 18.37 -3.05
CA THR B 182 17.64 18.91 -1.79
C THR B 182 18.78 19.63 -1.05
N ALA B 183 19.99 19.04 -1.06
CA ALA B 183 21.18 19.62 -0.43
C ALA B 183 21.57 20.95 -1.09
N ILE B 184 21.42 21.07 -2.42
CA ILE B 184 21.73 22.32 -3.13
C ILE B 184 20.77 23.43 -2.64
N GLU B 185 19.48 23.10 -2.49
CA GLU B 185 18.48 24.06 -1.99
C GLU B 185 18.81 24.50 -0.55
N ALA B 186 19.29 23.56 0.29
CA ALA B 186 19.68 23.86 1.66
C ALA B 186 20.93 24.75 1.69
N PHE B 187 21.88 24.53 0.76
CA PHE B 187 23.08 25.39 0.67
C PHE B 187 22.69 26.82 0.29
N ASN B 188 21.66 27.00 -0.58
CA ASN B 188 21.20 28.32 -0.97
C ASN B 188 20.66 29.09 0.25
N GLU B 189 19.82 28.46 1.08
CA GLU B 189 19.29 29.09 2.28
C GLU B 189 20.40 29.31 3.32
N THR B 190 21.38 28.40 3.40
CA THR B 190 22.52 28.54 4.32
C THR B 190 23.33 29.79 3.92
N ILE B 191 23.62 29.95 2.61
CA ILE B 191 24.36 31.11 2.11
C ILE B 191 23.54 32.40 2.34
N LYS B 192 22.22 32.38 2.10
CA LYS B 192 21.37 33.55 2.32
C LYS B 192 21.44 34.04 3.79
N ILE B 193 21.48 33.13 4.77
CA ILE B 193 21.56 33.51 6.19
C ILE B 193 22.92 34.16 6.49
N PHE B 194 24.02 33.54 6.03
CA PHE B 194 25.37 34.11 6.24
C PHE B 194 25.54 35.44 5.49
N GLU B 195 24.88 35.64 4.34
CA GLU B 195 24.91 36.92 3.60
C GLU B 195 24.11 37.97 4.38
N GLU B 196 22.96 37.57 4.97
CA GLU B 196 22.15 38.46 5.82
C GLU B 196 22.94 38.86 7.08
N GLN B 197 23.80 37.96 7.59
CA GLN B 197 24.66 38.23 8.74
C GLN B 197 25.72 39.28 8.37
N CYS B 198 26.28 39.20 7.15
CA CYS B 198 27.25 40.18 6.65
C CYS B 198 26.56 41.53 6.53
N GLN B 199 25.36 41.57 5.94
CA GLN B 199 24.58 42.81 5.80
C GLN B 199 24.22 43.39 7.17
N THR B 200 23.90 42.53 8.15
CA THR B 200 23.61 42.94 9.53
C THR B 200 24.84 43.59 10.15
N GLN B 201 26.02 42.95 10.04
CA GLN B 201 27.27 43.50 10.55
C GLN B 201 27.60 44.83 9.88
N GLU B 202 27.38 44.94 8.56
CA GLU B 202 27.61 46.18 7.81
C GLU B 202 26.75 47.33 8.35
N ARG B 203 25.50 47.05 8.73
CA ARG B 203 24.59 48.08 9.25
C ARG B 203 25.03 48.60 10.63
N TYR B 204 25.39 47.69 11.57
CA TYR B 204 25.82 48.09 12.90
C TYR B 204 27.23 48.72 12.90
N SER B 205 28.19 48.11 12.19
CA SER B 205 29.58 48.56 12.14
C SER B 205 29.78 50.00 11.65
N LYS B 206 28.96 50.49 10.70
CA LYS B 206 29.12 51.85 10.18
C LYS B 206 28.85 52.93 11.23
N GLU B 207 27.95 52.67 12.21
CA GLU B 207 27.67 53.64 13.26
C GLU B 207 28.82 53.64 14.29
N TYR B 208 29.28 52.45 14.71
CA TYR B 208 30.34 52.32 15.72
C TYR B 208 31.76 52.60 15.21
N ILE B 209 32.05 52.42 13.90
CA ILE B 209 33.40 52.68 13.37
C ILE B 209 33.82 54.15 13.59
N GLU B 210 32.87 55.10 13.50
CA GLU B 210 33.17 56.52 13.74
C GLU B 210 33.43 56.74 15.24
N LYS B 211 32.61 56.10 16.11
CA LYS B 211 32.73 56.20 17.56
C LYS B 211 34.11 55.74 18.06
N PHE B 212 34.59 54.57 17.59
CA PHE B 212 35.91 54.07 18.02
C PHE B 212 37.07 54.84 17.37
N LYS B 213 36.90 55.36 16.14
CA LYS B 213 37.95 56.13 15.48
C LYS B 213 38.14 57.49 16.17
N ARG B 214 37.03 58.19 16.47
CA ARG B 214 37.09 59.48 17.16
C ARG B 214 37.60 59.34 18.61
N GLU B 215 37.37 58.18 19.26
CA GLU B 215 37.85 57.90 20.60
C GLU B 215 39.37 57.63 20.57
N GLY B 216 39.81 56.87 19.57
CA GLY B 216 41.20 56.49 19.41
C GLY B 216 41.45 55.09 19.92
N ASN B 217 40.56 54.15 19.56
CA ASN B 217 40.62 52.76 19.98
C ASN B 217 40.82 51.87 18.76
N GLU B 218 42.04 51.88 18.20
CA GLU B 218 42.40 51.08 17.03
C GLU B 218 42.40 49.57 17.34
N LYS B 219 42.64 49.18 18.61
CA LYS B 219 42.64 47.78 19.02
C LYS B 219 41.24 47.17 18.86
N GLU B 220 40.19 47.92 19.20
CA GLU B 220 38.80 47.45 19.05
C GLU B 220 38.40 47.43 17.58
N ILE B 221 38.79 48.45 16.78
CA ILE B 221 38.48 48.52 15.34
C ILE B 221 38.99 47.25 14.62
N GLN B 222 40.19 46.78 14.95
CA GLN B 222 40.77 45.57 14.34
C GLN B 222 39.96 44.30 14.67
N ARG B 223 39.28 44.25 15.83
CA ARG B 223 38.47 43.08 16.21
C ARG B 223 37.19 42.99 15.37
N ILE B 224 36.51 44.12 15.12
CA ILE B 224 35.31 44.13 14.28
C ILE B 224 35.71 43.73 12.84
N MET B 225 36.84 44.26 12.35
CA MET B 225 37.33 43.92 11.01
C MET B 225 37.69 42.44 10.90
N HIS B 226 38.38 41.88 11.92
CA HIS B 226 38.77 40.47 11.92
C HIS B 226 37.55 39.55 11.95
N ASN B 227 36.49 39.93 12.69
CA ASN B 227 35.27 39.12 12.74
C ASN B 227 34.55 39.12 11.39
N TYR B 228 34.59 40.24 10.65
CA TYR B 228 33.98 40.31 9.32
C TYR B 228 34.76 39.42 8.34
N ASP B 229 36.11 39.43 8.43
CA ASP B 229 36.94 38.57 7.58
C ASP B 229 36.73 37.09 7.90
N LYS B 230 36.51 36.75 9.18
CA LYS B 230 36.22 35.38 9.60
C LYS B 230 34.89 34.92 9.00
N LEU B 231 33.85 35.78 9.07
CA LEU B 231 32.53 35.48 8.53
C LEU B 231 32.57 35.38 7.00
N LYS B 232 33.35 36.27 6.34
CA LYS B 232 33.48 36.26 4.87
C LYS B 232 34.26 35.03 4.40
N SER B 233 35.24 34.56 5.19
CA SER B 233 36.02 33.36 4.85
C SER B 233 35.13 32.12 4.90
N ARG B 234 34.21 32.04 5.89
CA ARG B 234 33.28 30.93 6.01
C ARG B 234 32.28 30.93 4.84
N ILE B 235 31.85 32.12 4.38
CA ILE B 235 30.95 32.25 3.21
C ILE B 235 31.63 31.66 1.97
N SER B 236 32.93 31.97 1.77
CA SER B 236 33.68 31.43 0.64
C SER B 236 33.74 29.90 0.70
N GLU B 237 33.93 29.32 1.90
CA GLU B 237 33.99 27.87 2.08
C GLU B 237 32.63 27.20 1.79
N ILE B 238 31.51 27.84 2.16
CA ILE B 238 30.18 27.27 1.90
C ILE B 238 29.86 27.39 0.40
N ILE B 239 30.24 28.50 -0.26
CA ILE B 239 30.04 28.67 -1.70
C ILE B 239 30.85 27.61 -2.46
N ASP B 240 32.11 27.35 -2.04
CA ASP B 240 32.93 26.31 -2.67
C ASP B 240 32.32 24.92 -2.47
N SER B 241 31.74 24.64 -1.29
CA SER B 241 31.08 23.36 -1.02
C SER B 241 29.86 23.17 -1.93
N ARG B 242 29.09 24.25 -2.17
CA ARG B 242 27.93 24.18 -3.07
C ARG B 242 28.42 23.98 -4.51
N ARG B 243 29.46 24.71 -4.93
CA ARG B 243 30.03 24.61 -6.28
C ARG B 243 30.55 23.19 -6.55
N ARG B 244 31.21 22.56 -5.56
CA ARG B 244 31.72 21.20 -5.72
C ARG B 244 30.57 20.19 -5.85
N LEU B 245 29.47 20.37 -5.07
CA LEU B 245 28.31 19.48 -5.17
C LEU B 245 27.52 19.72 -6.47
N GLU B 246 27.57 20.95 -7.03
CA GLU B 246 26.92 21.25 -8.32
C GLU B 246 27.63 20.48 -9.45
N GLU B 247 28.97 20.35 -9.37
CA GLU B 247 29.76 19.62 -10.36
C GLU B 247 29.48 18.12 -10.24
N ASP B 248 29.33 17.59 -9.01
CA ASP B 248 29.00 16.18 -8.78
C ASP B 248 27.57 15.88 -9.24
N LEU B 249 26.63 16.83 -9.06
CA LEU B 249 25.25 16.67 -9.51
C LEU B 249 25.21 16.67 -11.04
N LYS B 250 25.99 17.53 -11.69
CA LYS B 250 26.07 17.59 -13.15
C LYS B 250 26.64 16.27 -13.69
N LYS B 251 27.68 15.73 -13.04
CA LYS B 251 28.30 14.46 -13.41
C LYS B 251 27.31 13.30 -13.22
N GLN B 252 26.59 13.27 -12.09
CA GLN B 252 25.62 12.20 -11.80
C GLN B 252 24.40 12.29 -12.72
N ALA B 253 24.04 13.49 -13.21
CA ALA B 253 22.93 13.64 -14.16
C ALA B 253 23.33 13.01 -15.50
N ALA B 254 24.59 13.19 -15.93
CA ALA B 254 25.11 12.60 -17.16
C ALA B 254 25.19 11.07 -17.03
N GLU B 255 25.54 10.56 -15.83
CA GLU B 255 25.59 9.12 -15.56
C GLU B 255 24.16 8.56 -15.62
N TYR B 256 23.19 9.27 -15.03
CA TYR B 256 21.77 8.88 -15.05
C TYR B 256 21.26 8.78 -16.48
N ARG B 257 21.63 9.74 -17.35
CA ARG B 257 21.21 9.72 -18.75
C ARG B 257 21.78 8.50 -19.47
N GLU B 258 23.04 8.14 -19.20
CA GLU B 258 23.67 6.96 -19.81
C GLU B 258 23.05 5.66 -19.29
N ILE B 259 22.69 5.60 -17.99
CA ILE B 259 22.05 4.41 -17.43
C ILE B 259 20.63 4.29 -18.03
N ASP B 260 19.90 5.42 -18.18
CA ASP B 260 18.56 5.41 -18.78
C ASP B 260 18.63 5.00 -20.26
N LYS B 261 19.67 5.43 -21.00
CA LYS B 261 19.85 5.04 -22.40
C LYS B 261 20.08 3.53 -22.49
N ARG B 262 20.90 2.96 -21.57
CA ARG B 262 21.18 1.53 -21.54
C ARG B 262 19.95 0.72 -21.13
N MET B 263 19.13 1.25 -20.20
CA MET B 263 17.90 0.59 -19.76
C MET B 263 16.90 0.50 -20.91
N ASN B 264 16.75 1.58 -21.69
CA ASN B 264 15.83 1.60 -22.83
C ASN B 264 16.31 0.78 -24.03
N SER B 265 17.60 0.41 -24.08
CA SER B 265 18.16 -0.41 -25.15
C SER B 265 18.12 -1.91 -24.79
N ILE B 266 18.27 -2.25 -23.49
CA ILE B 266 18.25 -3.66 -23.04
C ILE B 266 16.81 -4.22 -22.96
N LYS B 267 15.79 -3.38 -22.69
CA LYS B 267 14.40 -3.86 -22.60
C LYS B 267 13.87 -4.53 -23.90
N PRO B 268 14.03 -3.93 -25.12
CA PRO B 268 13.53 -4.62 -26.33
C PRO B 268 14.24 -5.95 -26.61
N ASP B 269 15.53 -6.06 -26.27
CA ASP B 269 16.30 -7.29 -26.46
C ASP B 269 15.88 -8.34 -25.43
N LEU B 270 15.60 -7.95 -24.19
CA LEU B 270 15.19 -8.87 -23.12
C LEU B 270 13.81 -9.48 -23.39
N ILE B 271 12.82 -8.66 -23.78
CA ILE B 271 11.46 -9.17 -24.04
C ILE B 271 11.41 -10.06 -25.30
N GLN B 272 12.22 -9.77 -26.33
CA GLN B 272 12.27 -10.59 -27.54
C GLN B 272 12.94 -11.94 -27.22
N LEU B 273 14.03 -11.91 -26.44
CA LEU B 273 14.73 -13.13 -26.02
C LEU B 273 13.84 -14.01 -25.12
N ARG B 274 12.98 -13.38 -24.30
CA ARG B 274 12.03 -14.11 -23.44
C ARG B 274 10.93 -14.75 -24.31
N LYS B 275 10.37 -14.01 -25.28
CA LYS B 275 9.33 -14.53 -26.17
C LYS B 275 9.84 -15.72 -26.99
N THR B 276 11.10 -15.67 -27.45
CA THR B 276 11.69 -16.78 -28.20
C THR B 276 11.78 -18.01 -27.31
N ARG B 277 12.28 -17.85 -26.07
CA ARG B 277 12.38 -18.94 -25.09
C ARG B 277 11.01 -19.58 -24.83
N ASP B 278 9.94 -18.78 -24.70
CA ASP B 278 8.58 -19.29 -24.50
C ASP B 278 8.10 -20.15 -25.67
N GLN B 279 8.49 -19.81 -26.91
CA GLN B 279 8.10 -20.58 -28.10
C GLN B 279 8.80 -21.94 -28.11
N TYR B 280 10.08 -21.99 -27.70
CA TYR B 280 10.83 -23.25 -27.62
C TYR B 280 10.27 -24.16 -26.52
N LEU B 281 9.77 -23.58 -25.41
CA LEU B 281 9.16 -24.35 -24.33
C LEU B 281 7.80 -24.91 -24.78
N MET B 282 7.02 -24.12 -25.53
CA MET B 282 5.73 -24.56 -26.05
C MET B 282 5.89 -25.64 -27.14
N TRP B 283 7.03 -25.64 -27.87
CA TRP B 283 7.29 -26.65 -28.89
C TRP B 283 7.52 -28.01 -28.23
N LEU B 284 8.32 -28.06 -27.14
CA LEU B 284 8.58 -29.31 -26.42
C LEU B 284 7.32 -29.83 -25.70
N THR B 285 6.39 -28.93 -25.32
CA THR B 285 5.14 -29.32 -24.68
C THR B 285 4.23 -29.98 -25.72
N GLN B 286 4.07 -29.35 -26.90
CA GLN B 286 3.23 -29.90 -27.97
C GLN B 286 3.83 -31.18 -28.59
N LYS B 287 5.17 -31.30 -28.65
CA LYS B 287 5.84 -32.50 -29.16
C LYS B 287 6.23 -33.38 -27.97
N GLY B 288 5.22 -33.89 -27.27
CA GLY B 288 5.42 -34.73 -26.11
C GLY B 288 4.17 -35.48 -25.70
N VAL B 289 4.26 -36.27 -24.63
CA VAL B 289 3.14 -37.06 -24.13
C VAL B 289 2.21 -36.14 -23.32
N ARG B 290 0.90 -36.25 -23.52
CA ARG B 290 -0.09 -35.41 -22.85
C ARG B 290 -1.39 -36.20 -22.60
N1 MWF C . 13.96 -18.84 16.56
N3 MWF C . 11.91 -13.94 11.78
C4 MWF C . 12.63 -15.73 16.47
C5 MWF C . 11.30 -15.30 16.42
C6 MWF C . 10.75 -14.84 15.23
C7 MWF C . 11.57 -14.71 14.09
C8 MWF C . 12.90 -15.09 14.17
C10 MWF C . 11.09 -14.16 12.81
C13 MWF C . 8.54 -13.94 13.17
C15 MWF C . 13.22 -12.98 9.35
C17 MWF C . 11.08 -12.81 8.41
C1 MWF C . 15.48 -15.88 18.28
C2 MWF C . 14.37 -16.89 17.95
C3 MWF C . 14.83 -17.90 16.89
O1 MWF C . 15.95 -17.81 16.39
N2 MWF C . 13.12 -16.23 17.67
C9 MWF C . 13.43 -15.59 15.33
C11 MWF C . 11.17 -13.47 10.78
C12 MWF C . 9.86 -13.39 11.13
N4 MWF C . 9.79 -13.84 12.43
C14 MWF C . 8.60 -14.96 14.23
O2 MWF C . 9.46 -14.44 15.24
N5 MWF C . 11.76 -13.11 9.55
C16 MWF C . 13.26 -12.93 7.83
O3 MWF C . 11.95 -12.47 7.44
O4 MWF C . 9.87 -12.80 8.23
C18 MWF C . 13.70 -11.69 9.99
F1 MWF C . 15.01 -11.51 9.85
F2 MWF C . 13.09 -10.62 9.50
C1 EDO D . 11.24 11.62 -9.88
O1 EDO D . 9.96 12.16 -9.63
C2 EDO D . 11.25 10.92 -11.22
O2 EDO D . 12.29 11.43 -12.04
C1 EDO E . -15.14 -29.02 12.06
O1 EDO E . -15.72 -28.07 11.18
C2 EDO E . -13.64 -28.96 11.98
O2 EDO E . -13.13 -27.95 12.83
C1 PGE F . 22.28 12.55 5.72
O1 PGE F . 21.09 13.17 5.27
C2 PGE F . 23.20 12.22 4.58
O2 PGE F . 23.75 10.92 4.76
C3 PGE F . 24.91 10.70 3.99
C4 PGE F . 24.63 9.71 2.91
O4 PGE F . 25.24 10.70 -1.22
C6 PGE F . 25.91 9.66 -0.53
C5 PGE F . 25.13 9.19 0.66
O3 PGE F . 25.47 9.97 1.79
CL CL G . 16.04 12.72 -12.26
C1 EDO H . 16.69 1.39 -2.55
O1 EDO H . 15.73 1.26 -3.59
C2 EDO H . 16.01 1.84 -1.28
O2 EDO H . 16.86 2.74 -0.57
#